data_4GQS
#
_entry.id   4GQS
#
_cell.length_a   159.189
_cell.length_b   159.189
_cell.length_c   450.027
_cell.angle_alpha   90.00
_cell.angle_beta   90.00
_cell.angle_gamma   120.00
#
_symmetry.space_group_name_H-M   'H 3 2'
#
loop_
_entity.id
_entity.type
_entity.pdbx_description
1 polymer 'Cytochrome P450 2C19'
2 non-polymer 'PROTOPORPHYRIN IX CONTAINING FE'
3 non-polymer (4-hydroxy-3,5-dimethylphenyl)(2-methyl-1-benzofuran-3-yl)methanone
4 non-polymer GLYCEROL
5 water water
#
_entity_poly.entity_id   1
_entity_poly.type   'polypeptide(L)'
_entity_poly.pdbx_seq_one_letter_code
;MAKKTSSGRGKLPPGPTPLPVIGNILQIDIKDVSKSLTNLSKIYGPVFTLYFGLERMVVLHGYEVVKEALIDLGEEFSGR
GHFPLAERANRGFGIVFSNGKRWKEIRRFSLMTLRNFGMGKRSIEDRVQEEARCLVEELRKTKASPCDPTFILGCAPCNV
ICSIIFQKRFDYKDQQFLNLMEKLNENIRIVSTPWIQICNNFPTIIDYFPGTHNKLLKNLAFMESDILEKVKEHQESMDI
NNPRDFIDCFLIKMEKEKQNQQSEFTIENLVITAADLLGAGTETTSTTLRYALLLLLKHPEVTAKVQEEIERVVGRNRSP
CMQDRGHMPYTDAVVHEVQRYIDLIPTSLPHAVTCDVKFRNYLIPKGTTILTSLTSVLHDNKEFPNPEMFDPRHFLDEGG
NFKKSNYFMPFSAGKRICVGEGLARMELFLFLTFILQNFNLKSLIDPKDLDTTPVVNGFASVPPFYQLCFIPIHHHH
;
_entity_poly.pdbx_strand_id   A,B,C,D
#
loop_
_chem_comp.id
_chem_comp.type
_chem_comp.name
_chem_comp.formula
0XV non-polymer (4-hydroxy-3,5-dimethylphenyl)(2-methyl-1-benzofuran-3-yl)methanone 'C18 H16 O3'
GOL non-polymer GLYCEROL 'C3 H8 O3'
HEM non-polymer 'PROTOPORPHYRIN IX CONTAINING FE' 'C34 H32 Fe N4 O4'
#
# COMPACT_ATOMS: atom_id res chain seq x y z
N LEU A 12 12.42 -4.31 25.10
CA LEU A 12 12.55 -4.99 23.78
C LEU A 12 11.19 -5.39 23.20
N PRO A 13 11.01 -5.17 21.90
CA PRO A 13 9.76 -5.51 21.21
C PRO A 13 9.51 -7.02 21.27
N PRO A 14 8.24 -7.42 21.22
CA PRO A 14 7.89 -8.85 21.27
C PRO A 14 8.36 -9.59 20.02
N GLY A 15 8.14 -10.90 19.99
CA GLY A 15 8.55 -11.69 18.84
C GLY A 15 8.60 -13.17 19.16
N PRO A 16 8.72 -14.02 18.13
CA PRO A 16 8.79 -15.48 18.32
C PRO A 16 10.03 -15.87 19.11
N THR A 17 9.86 -16.79 20.06
CA THR A 17 11.01 -17.25 20.85
C THR A 17 11.94 -17.98 19.89
N PRO A 18 13.24 -17.66 19.93
CA PRO A 18 14.22 -18.30 19.06
C PRO A 18 14.87 -19.56 19.63
N LEU A 19 14.95 -20.60 18.82
CA LEU A 19 15.57 -21.86 19.23
C LEU A 19 17.06 -21.63 19.42
N PRO A 20 17.74 -22.54 20.15
CA PRO A 20 19.17 -22.49 20.44
C PRO A 20 20.17 -22.12 19.34
N VAL A 21 20.18 -22.87 18.24
CA VAL A 21 21.13 -22.59 17.16
C VAL A 21 20.51 -22.04 15.88
N ILE A 22 19.29 -22.48 15.56
CA ILE A 22 18.63 -22.04 14.34
C ILE A 22 17.88 -20.72 14.50
N GLY A 23 17.82 -20.21 15.72
CA GLY A 23 17.13 -18.96 15.97
C GLY A 23 15.69 -18.96 15.49
N ASN A 24 15.28 -17.88 14.84
CA ASN A 24 13.92 -17.74 14.33
C ASN A 24 13.79 -18.22 12.88
N ILE A 25 14.80 -18.92 12.39
CA ILE A 25 14.80 -19.42 11.02
C ILE A 25 13.52 -20.15 10.63
N LEU A 26 13.00 -21.00 11.53
CA LEU A 26 11.79 -21.75 11.25
C LEU A 26 10.55 -20.87 11.09
N GLN A 27 10.73 -19.56 11.26
CA GLN A 27 9.63 -18.62 11.11
C GLN A 27 9.72 -17.90 9.77
N ILE A 28 10.83 -18.12 9.07
CA ILE A 28 11.06 -17.48 7.77
C ILE A 28 11.02 -18.46 6.60
N ASP A 29 10.32 -18.06 5.55
CA ASP A 29 10.22 -18.85 4.33
C ASP A 29 11.21 -18.22 3.37
N ILE A 30 12.45 -18.69 3.43
CA ILE A 30 13.55 -18.17 2.61
C ILE A 30 13.17 -17.84 1.16
N LYS A 31 12.17 -18.54 0.63
CA LYS A 31 11.74 -18.30 -0.75
C LYS A 31 11.10 -16.93 -0.90
N ASP A 32 10.82 -16.27 0.22
CA ASP A 32 10.21 -14.95 0.21
C ASP A 32 10.29 -14.36 1.61
N VAL A 33 11.47 -13.89 1.98
CA VAL A 33 11.69 -13.29 3.30
C VAL A 33 10.67 -12.18 3.55
N SER A 34 10.58 -11.25 2.59
CA SER A 34 9.66 -10.12 2.69
C SER A 34 8.29 -10.56 3.20
N LYS A 35 7.60 -11.38 2.41
CA LYS A 35 6.29 -11.89 2.76
C LYS A 35 6.28 -12.47 4.18
N SER A 36 7.34 -13.19 4.52
CA SER A 36 7.46 -13.79 5.85
C SER A 36 7.31 -12.77 6.95
N LEU A 37 8.01 -11.64 6.82
CA LEU A 37 7.95 -10.58 7.82
C LEU A 37 6.55 -10.00 7.94
N THR A 38 5.88 -9.85 6.80
CA THR A 38 4.52 -9.31 6.80
C THR A 38 3.57 -10.21 7.59
N ASN A 39 3.64 -11.51 7.34
CA ASN A 39 2.78 -12.44 8.05
C ASN A 39 3.06 -12.39 9.55
N LEU A 40 4.33 -12.21 9.92
CA LEU A 40 4.73 -12.12 11.31
C LEU A 40 4.19 -10.85 11.97
N SER A 41 4.04 -9.78 11.20
CA SER A 41 3.52 -8.53 11.73
C SER A 41 2.06 -8.70 12.11
N LYS A 42 1.40 -9.66 11.48
CA LYS A 42 0.00 -9.94 11.74
C LYS A 42 -0.15 -10.63 13.10
N ILE A 43 0.95 -10.70 13.85
CA ILE A 43 0.93 -11.33 15.16
C ILE A 43 1.58 -10.46 16.23
N TYR A 44 2.77 -9.96 15.93
CA TYR A 44 3.51 -9.12 16.88
C TYR A 44 3.41 -7.62 16.60
N GLY A 45 2.59 -7.26 15.63
CA GLY A 45 2.40 -5.85 15.31
C GLY A 45 3.45 -5.25 14.38
N PRO A 46 3.48 -3.91 14.25
CA PRO A 46 4.43 -3.17 13.42
C PRO A 46 5.87 -3.18 13.92
N VAL A 47 6.06 -3.58 15.17
CA VAL A 47 7.40 -3.62 15.75
C VAL A 47 7.62 -4.90 16.54
N PHE A 48 8.54 -5.74 16.05
CA PHE A 48 8.85 -7.00 16.72
C PHE A 48 10.33 -7.37 16.56
N THR A 49 10.81 -8.22 17.46
CA THR A 49 12.20 -8.64 17.45
C THR A 49 12.38 -10.03 16.83
N LEU A 50 13.55 -10.26 16.26
CA LEU A 50 13.89 -11.54 15.62
C LEU A 50 15.34 -11.89 15.87
N TYR A 51 15.67 -13.18 15.78
CA TYR A 51 17.04 -13.64 16.00
C TYR A 51 17.52 -14.55 14.88
N PHE A 52 18.65 -14.19 14.28
CA PHE A 52 19.24 -14.98 13.20
C PHE A 52 20.74 -15.07 13.46
N GLY A 53 21.24 -16.28 13.58
CA GLY A 53 22.65 -16.46 13.85
C GLY A 53 22.95 -15.82 15.19
N LEU A 54 23.89 -14.87 15.20
CA LEU A 54 24.24 -14.16 16.42
C LEU A 54 23.69 -12.74 16.36
N GLU A 55 22.89 -12.48 15.34
CA GLU A 55 22.32 -11.15 15.14
C GLU A 55 20.85 -10.98 15.53
N ARG A 56 20.63 -10.08 16.49
CA ARG A 56 19.29 -9.75 16.95
C ARG A 56 18.83 -8.58 16.10
N MET A 57 17.55 -8.58 15.70
CA MET A 57 17.05 -7.49 14.88
C MET A 57 15.60 -7.11 15.15
N VAL A 58 15.30 -5.83 14.91
CA VAL A 58 13.96 -5.30 15.11
C VAL A 58 13.35 -4.93 13.77
N VAL A 59 12.21 -5.53 13.47
CA VAL A 59 11.54 -5.28 12.20
C VAL A 59 10.50 -4.17 12.32
N LEU A 60 10.58 -3.19 11.42
CA LEU A 60 9.64 -2.08 11.41
C LEU A 60 8.70 -2.29 10.23
N HIS A 61 7.48 -2.71 10.52
CA HIS A 61 6.49 -2.97 9.48
C HIS A 61 5.32 -1.99 9.57
N GLY A 62 5.01 -1.36 8.45
CA GLY A 62 3.91 -0.40 8.41
C GLY A 62 4.43 1.03 8.34
N TYR A 63 3.88 1.80 7.42
CA TYR A 63 4.27 3.19 7.21
C TYR A 63 4.50 3.96 8.51
N GLU A 64 3.53 3.88 9.41
CA GLU A 64 3.62 4.58 10.70
C GLU A 64 4.99 4.47 11.36
N VAL A 65 5.34 3.27 11.79
CA VAL A 65 6.62 3.04 12.45
C VAL A 65 7.83 3.34 11.57
N VAL A 66 7.69 3.12 10.26
CA VAL A 66 8.78 3.37 9.33
C VAL A 66 9.18 4.84 9.24
N LYS A 67 8.18 5.71 9.15
CA LYS A 67 8.36 7.16 9.21
C LYS A 67 8.81 7.72 10.57
N GLU A 68 8.21 7.21 11.64
CA GLU A 68 8.50 7.64 13.01
C GLU A 68 9.96 7.30 13.31
N ALA A 69 10.53 6.39 12.53
CA ALA A 69 11.91 5.96 12.73
C ALA A 69 12.89 6.60 11.74
N LEU A 70 12.68 6.35 10.46
CA LEU A 70 13.55 6.88 9.42
C LEU A 70 13.54 8.40 9.40
N ILE A 71 12.37 8.99 9.58
CA ILE A 71 12.22 10.44 9.45
C ILE A 71 12.36 11.15 10.80
N ASP A 72 11.30 11.13 11.59
CA ASP A 72 11.31 11.80 12.89
C ASP A 72 12.59 11.53 13.66
N LEU A 73 12.87 10.26 13.92
CA LEU A 73 14.08 9.86 14.65
C LEU A 73 15.19 9.53 13.66
N GLY A 74 15.28 10.31 12.59
CA GLY A 74 16.29 10.11 11.57
C GLY A 74 17.70 9.81 12.06
N GLU A 75 18.27 10.73 12.84
CA GLU A 75 19.63 10.56 13.34
C GLU A 75 19.89 9.28 14.13
N GLU A 76 18.91 8.82 14.90
CA GLU A 76 19.11 7.60 15.67
C GLU A 76 19.07 6.36 14.79
N PHE A 77 18.34 6.43 13.68
CA PHE A 77 18.24 5.31 12.76
C PHE A 77 19.10 5.53 11.52
N SER A 78 20.10 6.39 11.63
CA SER A 78 20.98 6.70 10.51
C SER A 78 22.13 5.71 10.39
N GLY A 79 22.22 4.79 11.34
CA GLY A 79 23.29 3.80 11.31
C GLY A 79 23.06 2.66 10.34
N ARG A 80 24.15 2.05 9.89
CA ARG A 80 24.08 0.93 8.95
C ARG A 80 24.09 -0.38 9.72
N GLY A 81 23.18 -1.29 9.34
CA GLY A 81 23.11 -2.58 10.01
C GLY A 81 24.41 -3.34 9.93
N HIS A 82 24.65 -4.20 10.93
CA HIS A 82 25.88 -4.99 10.98
C HIS A 82 25.97 -5.91 9.76
N PHE A 83 27.07 -5.80 9.03
CA PHE A 83 27.31 -6.61 7.85
C PHE A 83 28.68 -7.26 7.91
N PRO A 84 28.75 -8.55 8.28
CA PRO A 84 30.03 -9.25 8.36
C PRO A 84 30.72 -9.32 7.01
N LEU A 85 29.92 -9.41 5.95
CA LEU A 85 30.44 -9.48 4.60
C LEU A 85 31.01 -8.14 4.15
N ALA A 86 30.23 -7.08 4.30
CA ALA A 86 30.66 -5.74 3.91
C ALA A 86 31.88 -5.27 4.69
N GLU A 87 31.90 -5.53 5.99
CA GLU A 87 33.02 -5.12 6.83
C GLU A 87 34.28 -5.93 6.56
N ARG A 88 34.12 -7.03 5.83
CA ARG A 88 35.25 -7.89 5.47
C ARG A 88 35.87 -7.40 4.17
N ALA A 89 35.03 -6.88 3.28
CA ALA A 89 35.49 -6.39 1.98
C ALA A 89 35.87 -4.92 1.96
N ASN A 90 35.15 -4.09 2.71
CA ASN A 90 35.43 -2.66 2.74
C ASN A 90 36.19 -2.20 3.98
N ARG A 91 35.91 -2.83 5.12
CA ARG A 91 36.58 -2.49 6.37
C ARG A 91 36.20 -1.11 6.89
N GLY A 92 35.00 -0.64 6.55
CA GLY A 92 34.56 0.67 7.02
C GLY A 92 34.58 1.76 5.98
N PHE A 93 35.44 1.64 4.97
CA PHE A 93 35.53 2.65 3.92
C PHE A 93 34.29 2.61 3.04
N GLY A 94 34.16 3.60 2.16
CA GLY A 94 33.01 3.65 1.27
C GLY A 94 31.84 4.41 1.84
N ILE A 95 30.71 4.37 1.13
CA ILE A 95 29.49 5.06 1.55
C ILE A 95 28.45 4.09 2.08
N VAL A 96 28.05 3.16 1.23
CA VAL A 96 27.03 2.17 1.55
C VAL A 96 27.15 1.49 2.92
N PHE A 97 28.36 1.24 3.38
CA PHE A 97 28.54 0.58 4.66
C PHE A 97 29.42 1.30 5.69
N SER A 98 29.61 2.60 5.51
CA SER A 98 30.42 3.38 6.43
C SER A 98 29.54 3.88 7.58
N ASN A 99 30.16 4.52 8.57
CA ASN A 99 29.42 5.06 9.71
C ASN A 99 30.17 6.19 10.41
N GLY A 100 29.50 6.83 11.37
CA GLY A 100 30.11 7.92 12.11
C GLY A 100 30.61 9.03 11.20
N LYS A 101 31.68 9.70 11.63
CA LYS A 101 32.25 10.78 10.85
C LYS A 101 32.52 10.35 9.42
N ARG A 102 33.14 9.18 9.27
CA ARG A 102 33.48 8.65 7.96
C ARG A 102 32.31 8.64 6.99
N TRP A 103 31.13 8.26 7.48
CA TRP A 103 29.94 8.21 6.64
C TRP A 103 29.47 9.59 6.18
N LYS A 104 29.11 10.44 7.14
CA LYS A 104 28.64 11.79 6.81
C LYS A 104 29.64 12.53 5.95
N GLU A 105 30.92 12.17 6.07
CA GLU A 105 31.98 12.80 5.28
C GLU A 105 31.91 12.47 3.79
N ILE A 106 32.15 11.20 3.47
CA ILE A 106 32.11 10.72 2.09
C ILE A 106 30.74 11.00 1.49
N ARG A 107 29.70 10.71 2.26
CA ARG A 107 28.32 10.93 1.82
C ARG A 107 28.18 12.33 1.24
N ARG A 108 28.35 13.33 2.10
CA ARG A 108 28.25 14.74 1.70
C ARG A 108 28.90 14.99 0.34
N PHE A 109 30.21 14.82 0.28
CA PHE A 109 30.97 15.04 -0.95
C PHE A 109 30.34 14.34 -2.14
N SER A 110 29.87 13.12 -1.94
CA SER A 110 29.26 12.34 -3.02
C SER A 110 27.96 12.99 -3.49
N LEU A 111 27.12 13.37 -2.53
CA LEU A 111 25.85 14.01 -2.83
C LEU A 111 25.99 15.23 -3.72
N MET A 112 26.86 16.16 -3.30
CA MET A 112 27.20 17.37 -4.07
C MET A 112 27.96 17.16 -5.39
N THR A 113 28.97 16.29 -5.37
CA THR A 113 29.74 15.97 -6.56
C THR A 113 28.83 15.35 -7.61
N LEU A 114 27.74 14.73 -7.16
CA LEU A 114 26.80 14.09 -8.07
C LEU A 114 25.69 15.01 -8.57
N ARG A 115 25.65 16.24 -8.05
CA ARG A 115 24.64 17.20 -8.47
C ARG A 115 24.76 17.34 -9.98
N ASN A 116 23.66 17.69 -10.63
CA ASN A 116 23.64 17.83 -12.09
C ASN A 116 24.88 18.54 -12.64
N PHE A 117 25.36 19.55 -11.91
CA PHE A 117 26.54 20.28 -12.33
C PHE A 117 27.58 20.34 -11.19
N GLY A 118 27.70 19.24 -10.46
CA GLY A 118 28.63 19.19 -9.35
C GLY A 118 30.03 18.70 -9.67
N MET A 119 30.32 18.45 -10.95
CA MET A 119 31.64 17.98 -11.35
C MET A 119 32.07 18.41 -12.74
N GLY A 120 32.19 19.71 -12.96
CA GLY A 120 32.63 20.20 -14.26
C GLY A 120 31.55 20.87 -15.10
N LYS A 121 31.97 21.37 -16.25
CA LYS A 121 31.07 22.05 -17.19
C LYS A 121 30.01 21.09 -17.72
N ARG A 122 30.38 19.84 -17.90
CA ARG A 122 29.48 18.82 -18.41
C ARG A 122 28.51 18.32 -17.34
N SER A 123 27.22 18.50 -17.60
CA SER A 123 26.19 18.06 -16.65
C SER A 123 26.06 16.55 -16.63
N ILE A 124 25.38 16.04 -15.60
CA ILE A 124 25.17 14.60 -15.45
C ILE A 124 24.22 14.12 -16.54
N GLU A 125 23.18 14.90 -16.79
CA GLU A 125 22.18 14.58 -17.79
C GLU A 125 22.77 14.40 -19.18
N ASP A 126 23.86 15.11 -19.47
CA ASP A 126 24.50 15.02 -20.77
C ASP A 126 25.04 13.61 -21.00
N ARG A 127 25.49 12.98 -19.92
CA ARG A 127 26.03 11.62 -19.99
C ARG A 127 24.90 10.64 -20.25
N VAL A 128 23.85 10.70 -19.43
CA VAL A 128 22.70 9.82 -19.58
C VAL A 128 22.13 9.98 -20.99
N GLN A 129 21.98 11.23 -21.42
CA GLN A 129 21.46 11.53 -22.76
C GLN A 129 22.25 10.76 -23.80
N GLU A 130 23.57 10.84 -23.71
CA GLU A 130 24.45 10.16 -24.65
C GLU A 130 24.29 8.65 -24.60
N GLU A 131 24.16 8.11 -23.39
CA GLU A 131 24.00 6.68 -23.21
C GLU A 131 22.68 6.23 -23.82
N ALA A 132 21.64 7.04 -23.63
CA ALA A 132 20.32 6.73 -24.17
C ALA A 132 20.41 6.69 -25.69
N ARG A 133 21.34 7.48 -26.25
CA ARG A 133 21.55 7.52 -27.68
C ARG A 133 22.19 6.22 -28.15
N CYS A 134 23.10 5.69 -27.33
CA CYS A 134 23.78 4.44 -27.64
C CYS A 134 22.83 3.28 -27.39
N LEU A 135 22.09 3.37 -26.29
CA LEU A 135 21.13 2.33 -25.93
C LEU A 135 20.18 2.08 -27.10
N VAL A 136 19.66 3.16 -27.67
CA VAL A 136 18.74 3.08 -28.80
C VAL A 136 19.49 2.58 -30.03
N GLU A 137 20.74 3.01 -30.17
CA GLU A 137 21.57 2.62 -31.31
C GLU A 137 21.85 1.13 -31.31
N GLU A 138 21.92 0.54 -30.12
CA GLU A 138 22.17 -0.88 -29.99
C GLU A 138 20.89 -1.67 -30.21
N LEU A 139 19.77 -1.12 -29.75
CA LEU A 139 18.48 -1.79 -29.91
C LEU A 139 18.14 -1.96 -31.38
N ARG A 140 18.58 -1.01 -32.21
CA ARG A 140 18.32 -1.09 -33.64
C ARG A 140 19.07 -2.28 -34.23
N LYS A 141 20.28 -2.50 -33.73
CA LYS A 141 21.11 -3.60 -34.21
C LYS A 141 20.41 -4.95 -34.11
N THR A 142 19.51 -5.09 -33.13
CA THR A 142 18.78 -6.34 -32.95
C THR A 142 17.94 -6.58 -34.20
N LYS A 143 17.78 -5.54 -35.01
CA LYS A 143 17.02 -5.61 -36.25
C LYS A 143 15.59 -6.13 -36.05
N ALA A 144 14.98 -5.75 -34.94
CA ALA A 144 13.61 -6.14 -34.61
C ALA A 144 13.42 -7.62 -34.34
N SER A 145 14.51 -8.38 -34.27
CA SER A 145 14.43 -9.81 -34.00
C SER A 145 14.26 -10.05 -32.51
N PRO A 146 13.62 -11.18 -32.13
CA PRO A 146 13.40 -11.51 -30.73
C PRO A 146 14.73 -11.54 -29.97
N CYS A 147 14.78 -10.87 -28.82
CA CYS A 147 16.01 -10.83 -28.04
C CYS A 147 15.76 -10.61 -26.55
N ASP A 148 16.81 -10.81 -25.75
CA ASP A 148 16.74 -10.63 -24.32
C ASP A 148 17.41 -9.31 -23.95
N PRO A 149 16.62 -8.33 -23.49
CA PRO A 149 17.13 -7.01 -23.10
C PRO A 149 18.00 -7.00 -21.85
N THR A 150 18.10 -8.15 -21.19
CA THR A 150 18.90 -8.27 -19.97
C THR A 150 20.29 -7.66 -20.08
N PHE A 151 21.02 -8.03 -21.12
CA PHE A 151 22.38 -7.53 -21.33
C PHE A 151 22.42 -6.04 -21.64
N ILE A 152 21.76 -5.64 -22.73
CA ILE A 152 21.74 -4.25 -23.14
C ILE A 152 21.30 -3.32 -22.02
N LEU A 153 20.18 -3.63 -21.39
CA LEU A 153 19.65 -2.81 -20.30
C LEU A 153 20.60 -2.78 -19.09
N GLY A 154 21.66 -3.58 -19.15
CA GLY A 154 22.61 -3.62 -18.07
C GLY A 154 23.83 -2.75 -18.36
N CYS A 155 24.23 -2.74 -19.63
CA CYS A 155 25.38 -1.95 -20.06
C CYS A 155 25.15 -0.46 -19.87
N ALA A 156 23.93 -0.02 -20.18
CA ALA A 156 23.58 1.39 -20.08
C ALA A 156 23.78 1.94 -18.66
N PRO A 157 23.06 1.40 -17.66
CA PRO A 157 23.21 1.88 -16.28
C PRO A 157 24.65 1.82 -15.79
N CYS A 158 25.37 0.77 -16.19
CA CYS A 158 26.75 0.58 -15.80
C CYS A 158 27.66 1.62 -16.44
N ASN A 159 27.49 1.81 -17.75
CA ASN A 159 28.30 2.77 -18.49
C ASN A 159 28.05 4.18 -17.94
N VAL A 160 26.84 4.41 -17.45
CA VAL A 160 26.48 5.71 -16.89
C VAL A 160 27.38 6.05 -15.72
N ILE A 161 27.50 5.11 -14.79
CA ILE A 161 28.33 5.30 -13.60
C ILE A 161 29.79 5.48 -14.02
N CYS A 162 30.22 4.72 -15.02
CA CYS A 162 31.59 4.78 -15.51
C CYS A 162 31.95 6.18 -16.01
N SER A 163 31.02 6.82 -16.72
CA SER A 163 31.24 8.15 -17.26
C SER A 163 31.21 9.21 -16.16
N ILE A 164 30.59 8.87 -15.03
CA ILE A 164 30.49 9.80 -13.91
C ILE A 164 31.70 9.66 -12.97
N ILE A 165 32.36 8.51 -13.05
CA ILE A 165 33.53 8.25 -12.22
C ILE A 165 34.82 8.46 -13.01
N PHE A 166 34.79 8.05 -14.27
CA PHE A 166 35.95 8.18 -15.14
C PHE A 166 35.72 9.24 -16.21
N GLN A 167 36.82 9.75 -16.77
CA GLN A 167 36.76 10.79 -17.79
C GLN A 167 35.81 10.51 -18.95
N LYS A 168 35.40 9.25 -19.10
CA LYS A 168 34.50 8.88 -20.19
C LYS A 168 33.89 7.49 -20.01
N ARG A 169 33.04 7.11 -20.96
CA ARG A 169 32.37 5.80 -20.92
C ARG A 169 33.15 4.77 -21.74
N PHE A 170 32.61 3.56 -21.82
CA PHE A 170 33.26 2.48 -22.57
C PHE A 170 32.37 1.96 -23.69
N ASP A 171 32.99 1.48 -24.76
CA ASP A 171 32.25 0.91 -25.87
C ASP A 171 31.76 -0.44 -25.36
N TYR A 172 30.54 -0.82 -25.71
CA TYR A 172 29.98 -2.08 -25.26
C TYR A 172 30.86 -3.28 -25.60
N LYS A 173 31.71 -3.12 -26.62
CA LYS A 173 32.62 -4.20 -27.03
C LYS A 173 33.88 -4.26 -26.16
N ASP A 174 34.30 -3.12 -25.64
CA ASP A 174 35.49 -3.03 -24.81
C ASP A 174 35.50 -4.09 -23.70
N GLN A 175 36.56 -4.91 -23.68
CA GLN A 175 36.70 -5.97 -22.70
C GLN A 175 36.63 -5.48 -21.26
N GLN A 176 37.38 -4.43 -20.94
CA GLN A 176 37.38 -3.87 -19.60
C GLN A 176 35.95 -3.78 -19.11
N PHE A 177 35.09 -3.24 -19.97
CA PHE A 177 33.67 -3.08 -19.66
C PHE A 177 33.03 -4.44 -19.35
N LEU A 178 33.21 -5.39 -20.25
CA LEU A 178 32.65 -6.72 -20.09
C LEU A 178 33.17 -7.39 -18.81
N ASN A 179 34.46 -7.26 -18.55
CA ASN A 179 35.05 -7.85 -17.37
C ASN A 179 34.42 -7.24 -16.13
N LEU A 180 34.22 -5.91 -16.17
CA LEU A 180 33.62 -5.20 -15.05
C LEU A 180 32.18 -5.63 -14.79
N MET A 181 31.36 -5.68 -15.84
CA MET A 181 29.96 -6.08 -15.68
C MET A 181 29.84 -7.56 -15.33
N GLU A 182 30.67 -8.39 -15.94
CA GLU A 182 30.63 -9.82 -15.67
C GLU A 182 31.02 -10.05 -14.22
N LYS A 183 31.97 -9.26 -13.75
CA LYS A 183 32.46 -9.37 -12.37
C LYS A 183 31.43 -8.78 -11.41
N LEU A 184 30.64 -7.83 -11.90
CA LEU A 184 29.62 -7.19 -11.07
C LEU A 184 28.41 -8.12 -10.89
N ASN A 185 28.17 -8.97 -11.88
CA ASN A 185 27.05 -9.90 -11.82
C ASN A 185 27.35 -11.04 -10.86
N GLU A 186 28.56 -11.59 -10.96
CA GLU A 186 28.97 -12.69 -10.09
C GLU A 186 28.88 -12.25 -8.63
N ASN A 187 29.32 -11.03 -8.37
CA ASN A 187 29.29 -10.48 -7.02
C ASN A 187 27.87 -10.30 -6.50
N ILE A 188 26.95 -9.93 -7.38
CA ILE A 188 25.57 -9.73 -6.97
C ILE A 188 24.87 -11.06 -6.71
N ARG A 189 25.17 -12.06 -7.54
CA ARG A 189 24.58 -13.37 -7.37
C ARG A 189 25.00 -13.89 -5.99
N ILE A 190 26.31 -13.90 -5.76
CA ILE A 190 26.87 -14.35 -4.50
C ILE A 190 26.17 -13.74 -3.28
N VAL A 191 26.24 -12.42 -3.17
CA VAL A 191 25.64 -11.71 -2.05
C VAL A 191 24.14 -11.94 -1.88
N SER A 192 23.44 -12.25 -2.98
CA SER A 192 22.01 -12.46 -2.92
C SER A 192 21.61 -13.90 -2.59
N THR A 193 22.60 -14.80 -2.54
CA THR A 193 22.32 -16.20 -2.24
C THR A 193 21.96 -16.38 -0.77
N PRO A 194 21.10 -17.37 -0.47
CA PRO A 194 20.67 -17.63 0.90
C PRO A 194 21.86 -17.95 1.80
N TRP A 195 22.90 -18.53 1.21
CA TRP A 195 24.10 -18.90 1.94
C TRP A 195 24.81 -17.67 2.49
N ILE A 196 24.92 -16.63 1.65
CA ILE A 196 25.57 -15.39 2.08
C ILE A 196 24.78 -14.73 3.19
N GLN A 197 23.46 -14.87 3.13
CA GLN A 197 22.58 -14.29 4.14
C GLN A 197 22.87 -14.97 5.48
N ILE A 198 23.08 -16.28 5.43
CA ILE A 198 23.37 -17.07 6.62
C ILE A 198 24.70 -16.71 7.26
N CYS A 199 25.70 -16.42 6.44
CA CYS A 199 27.01 -16.06 6.96
C CYS A 199 27.02 -14.69 7.62
N ASN A 200 26.25 -13.75 7.07
CA ASN A 200 26.18 -12.41 7.65
C ASN A 200 25.71 -12.52 9.09
N ASN A 201 24.69 -13.34 9.32
CA ASN A 201 24.15 -13.54 10.65
C ASN A 201 25.09 -14.41 11.49
N PHE A 202 25.46 -15.56 10.94
CA PHE A 202 26.36 -16.48 11.65
C PHE A 202 27.74 -16.48 10.99
N PRO A 203 28.65 -15.63 11.49
CA PRO A 203 30.03 -15.47 10.99
C PRO A 203 30.98 -16.63 11.31
N THR A 204 30.46 -17.70 11.91
CA THR A 204 31.29 -18.84 12.24
C THR A 204 31.43 -19.78 11.05
N ILE A 205 30.31 -20.07 10.40
CA ILE A 205 30.28 -20.97 9.25
C ILE A 205 31.15 -20.46 8.09
N ILE A 206 31.30 -19.14 8.00
CA ILE A 206 32.09 -18.55 6.92
C ILE A 206 33.57 -18.93 7.02
N ASP A 207 34.01 -19.30 8.21
CA ASP A 207 35.40 -19.69 8.42
C ASP A 207 35.64 -21.15 8.03
N TYR A 208 34.57 -21.93 8.02
CA TYR A 208 34.65 -23.35 7.66
C TYR A 208 34.37 -23.53 6.17
N PHE A 209 33.81 -22.50 5.55
CA PHE A 209 33.48 -22.53 4.13
C PHE A 209 33.72 -21.15 3.54
N PRO A 210 34.99 -20.70 3.51
CA PRO A 210 35.38 -19.40 2.98
C PRO A 210 35.31 -19.30 1.46
N GLY A 211 35.30 -20.44 0.79
CA GLY A 211 35.24 -20.47 -0.67
C GLY A 211 34.46 -19.35 -1.32
N THR A 212 33.15 -19.34 -1.10
CA THR A 212 32.28 -18.32 -1.69
C THR A 212 32.72 -16.90 -1.37
N HIS A 213 32.92 -16.60 -0.09
CA HIS A 213 33.34 -15.26 0.31
C HIS A 213 34.68 -14.85 -0.30
N ASN A 214 35.55 -15.83 -0.55
CA ASN A 214 36.86 -15.55 -1.13
C ASN A 214 36.71 -15.09 -2.58
N LYS A 215 35.79 -15.72 -3.30
CA LYS A 215 35.56 -15.38 -4.71
C LYS A 215 35.14 -13.91 -4.81
N LEU A 216 34.25 -13.49 -3.92
CA LEU A 216 33.78 -12.10 -3.90
C LEU A 216 34.94 -11.17 -3.55
N LEU A 217 35.61 -11.48 -2.45
CA LEU A 217 36.75 -10.68 -2.00
C LEU A 217 37.76 -10.54 -3.13
N LYS A 218 37.96 -11.62 -3.87
CA LYS A 218 38.90 -11.60 -5.00
C LYS A 218 38.40 -10.67 -6.08
N ASN A 219 37.12 -10.80 -6.44
CA ASN A 219 36.54 -9.95 -7.47
C ASN A 219 36.68 -8.49 -7.12
N LEU A 220 36.33 -8.14 -5.87
CA LEU A 220 36.44 -6.76 -5.42
C LEU A 220 37.90 -6.30 -5.48
N ALA A 221 38.80 -7.18 -5.03
CA ALA A 221 40.23 -6.87 -5.04
C ALA A 221 40.69 -6.48 -6.43
N PHE A 222 40.40 -7.33 -7.42
CA PHE A 222 40.77 -7.06 -8.80
C PHE A 222 40.09 -5.80 -9.31
N MET A 223 38.80 -5.69 -9.02
CA MET A 223 38.00 -4.55 -9.45
C MET A 223 38.60 -3.25 -8.91
N GLU A 224 38.96 -3.27 -7.62
CA GLU A 224 39.53 -2.10 -6.96
C GLU A 224 40.91 -1.74 -7.51
N SER A 225 41.71 -2.76 -7.84
CA SER A 225 43.04 -2.52 -8.37
C SER A 225 42.94 -1.75 -9.68
N ASP A 226 42.09 -2.22 -10.58
CA ASP A 226 41.89 -1.58 -11.87
C ASP A 226 41.46 -0.13 -11.66
N ILE A 227 40.67 0.10 -10.61
CA ILE A 227 40.20 1.44 -10.29
C ILE A 227 41.40 2.29 -9.86
N LEU A 228 42.12 1.79 -8.87
CA LEU A 228 43.30 2.49 -8.34
C LEU A 228 44.19 2.96 -9.48
N GLU A 229 44.45 2.07 -10.44
CA GLU A 229 45.29 2.39 -11.58
C GLU A 229 44.80 3.64 -12.30
N LYS A 230 43.51 3.66 -12.63
CA LYS A 230 42.93 4.81 -13.31
C LYS A 230 43.00 6.04 -12.41
N VAL A 231 42.90 5.82 -11.11
CA VAL A 231 42.98 6.93 -10.15
C VAL A 231 44.36 7.55 -10.27
N LYS A 232 45.33 6.72 -10.64
CA LYS A 232 46.71 7.17 -10.81
C LYS A 232 46.88 7.91 -12.12
N GLU A 233 46.23 7.41 -13.17
CA GLU A 233 46.32 8.06 -14.48
C GLU A 233 45.74 9.47 -14.41
N HIS A 234 44.84 9.67 -13.45
CA HIS A 234 44.21 10.97 -13.24
C HIS A 234 45.17 11.92 -12.55
N GLN A 235 45.66 11.50 -11.38
CA GLN A 235 46.60 12.29 -10.60
C GLN A 235 47.67 12.96 -11.46
N GLU A 236 48.10 12.24 -12.49
CA GLU A 236 49.13 12.74 -13.39
C GLU A 236 48.65 13.89 -14.29
N SER A 237 47.47 13.71 -14.90
CA SER A 237 46.93 14.73 -15.78
C SER A 237 45.76 15.51 -15.18
N MET A 238 45.75 15.64 -13.85
CA MET A 238 44.71 16.38 -13.16
C MET A 238 44.77 17.89 -13.45
N ASP A 239 43.61 18.52 -13.56
CA ASP A 239 43.53 19.96 -13.75
C ASP A 239 42.74 20.53 -12.58
N ILE A 240 43.45 20.96 -11.55
CA ILE A 240 42.83 21.50 -10.34
C ILE A 240 41.66 22.44 -10.59
N ASN A 241 41.67 23.11 -11.74
CA ASN A 241 40.59 24.04 -12.08
C ASN A 241 39.76 23.58 -13.27
N ASN A 242 39.68 22.27 -13.47
CA ASN A 242 38.91 21.72 -14.57
C ASN A 242 38.67 20.23 -14.36
N PRO A 243 37.88 19.87 -13.33
CA PRO A 243 37.57 18.47 -12.99
C PRO A 243 36.78 17.74 -14.08
N ARG A 244 37.28 16.57 -14.46
CA ARG A 244 36.65 15.75 -15.49
C ARG A 244 35.62 14.76 -14.93
N ASP A 245 35.83 14.32 -13.70
CA ASP A 245 34.91 13.35 -13.09
C ASP A 245 34.99 13.28 -11.56
N PHE A 246 34.36 12.26 -11.00
CA PHE A 246 34.33 12.04 -9.57
C PHE A 246 35.75 12.01 -9.01
N ILE A 247 36.60 11.20 -9.64
CA ILE A 247 37.99 11.05 -9.23
C ILE A 247 38.69 12.41 -9.11
N ASP A 248 38.62 13.21 -10.16
CA ASP A 248 39.26 14.52 -10.13
C ASP A 248 38.78 15.32 -8.92
N CYS A 249 37.47 15.45 -8.79
CA CYS A 249 36.88 16.19 -7.67
C CYS A 249 37.45 15.67 -6.35
N PHE A 250 37.34 14.35 -6.14
CA PHE A 250 37.86 13.73 -4.93
C PHE A 250 39.34 14.09 -4.76
N LEU A 251 40.12 13.87 -5.81
CA LEU A 251 41.54 14.16 -5.79
C LEU A 251 41.77 15.62 -5.41
N ILE A 252 40.97 16.50 -5.97
CA ILE A 252 41.07 17.93 -5.69
C ILE A 252 40.77 18.18 -4.22
N LYS A 253 39.69 17.56 -3.73
CA LYS A 253 39.30 17.69 -2.33
C LYS A 253 40.46 17.31 -1.41
N MET A 254 41.20 16.29 -1.82
CA MET A 254 42.35 15.85 -1.03
C MET A 254 43.36 16.97 -0.86
N GLU A 255 43.77 17.55 -1.98
CA GLU A 255 44.74 18.65 -1.98
C GLU A 255 44.33 19.75 -1.00
N LYS A 256 43.02 19.95 -0.85
CA LYS A 256 42.50 20.97 0.05
C LYS A 256 42.64 20.61 1.52
N GLU A 257 42.37 19.35 1.85
CA GLU A 257 42.48 18.90 3.23
C GLU A 257 43.82 18.25 3.51
N LYS A 258 44.83 18.68 2.74
CA LYS A 258 46.19 18.17 2.87
C LYS A 258 46.87 18.80 4.08
N GLN A 259 46.07 19.34 4.99
CA GLN A 259 46.61 19.99 6.18
C GLN A 259 46.26 19.28 7.50
N ASN A 260 45.26 18.41 7.46
CA ASN A 260 44.85 17.69 8.66
C ASN A 260 44.96 16.18 8.50
N GLN A 261 45.69 15.55 9.42
CA GLN A 261 45.89 14.10 9.40
C GLN A 261 44.61 13.32 9.69
N GLN A 262 43.49 14.03 9.78
CA GLN A 262 42.22 13.39 10.06
C GLN A 262 41.29 13.44 8.84
N SER A 263 41.85 13.82 7.70
CA SER A 263 41.09 13.92 6.46
C SER A 263 40.57 12.55 6.01
N GLU A 264 39.27 12.34 6.15
CA GLU A 264 38.64 11.09 5.75
C GLU A 264 38.79 10.81 4.26
N PHE A 265 39.28 11.80 3.52
CA PHE A 265 39.47 11.68 2.09
C PHE A 265 40.84 11.14 1.72
N THR A 266 40.90 9.84 1.43
CA THR A 266 42.15 9.19 1.06
C THR A 266 41.93 8.33 -0.19
N ILE A 267 43.03 8.04 -0.90
CA ILE A 267 42.96 7.24 -2.11
C ILE A 267 42.22 5.93 -1.85
N GLU A 268 42.42 5.38 -0.66
CA GLU A 268 41.80 4.11 -0.28
C GLU A 268 40.28 4.25 -0.16
N ASN A 269 39.80 5.38 0.32
CA ASN A 269 38.37 5.61 0.48
C ASN A 269 37.74 5.87 -0.89
N LEU A 270 38.52 6.43 -1.80
CA LEU A 270 38.06 6.71 -3.14
C LEU A 270 37.76 5.40 -3.86
N VAL A 271 38.77 4.55 -3.93
CA VAL A 271 38.65 3.26 -4.58
C VAL A 271 37.39 2.54 -4.10
N ILE A 272 37.24 2.43 -2.79
CA ILE A 272 36.08 1.77 -2.19
C ILE A 272 34.79 2.48 -2.56
N THR A 273 34.76 3.79 -2.39
CA THR A 273 33.58 4.58 -2.72
C THR A 273 33.21 4.42 -4.20
N ALA A 274 34.22 4.49 -5.06
CA ALA A 274 34.00 4.34 -6.49
C ALA A 274 33.35 2.99 -6.74
N ALA A 275 33.88 1.96 -6.09
CA ALA A 275 33.36 0.62 -6.22
C ALA A 275 31.93 0.54 -5.67
N ASP A 276 31.69 1.22 -4.56
CA ASP A 276 30.37 1.24 -3.95
C ASP A 276 29.30 1.74 -4.92
N LEU A 277 29.52 2.94 -5.45
CA LEU A 277 28.59 3.54 -6.40
C LEU A 277 28.41 2.63 -7.60
N LEU A 278 29.52 2.10 -8.10
CA LEU A 278 29.51 1.22 -9.26
C LEU A 278 28.63 -0.01 -9.06
N GLY A 279 28.60 -0.51 -7.83
CA GLY A 279 27.78 -1.68 -7.54
C GLY A 279 26.41 -1.32 -7.02
N ALA A 280 26.23 -0.04 -6.67
CA ALA A 280 24.97 0.45 -6.14
C ALA A 280 24.04 0.98 -7.22
N GLY A 281 24.60 1.30 -8.39
CA GLY A 281 23.77 1.84 -9.46
C GLY A 281 23.58 0.99 -10.70
N THR A 282 24.25 -0.16 -10.76
CA THR A 282 24.12 -1.04 -11.93
C THR A 282 22.94 -1.98 -11.84
N GLU A 283 23.05 -3.00 -11.00
CA GLU A 283 22.00 -3.99 -10.83
C GLU A 283 20.64 -3.34 -10.54
N THR A 284 20.63 -2.43 -9.56
CA THR A 284 19.41 -1.74 -9.17
C THR A 284 18.68 -1.13 -10.37
N THR A 285 19.34 -0.21 -11.04
CA THR A 285 18.77 0.47 -12.20
C THR A 285 18.49 -0.50 -13.34
N SER A 286 19.45 -1.39 -13.61
CA SER A 286 19.33 -2.37 -14.68
C SER A 286 18.09 -3.25 -14.53
N THR A 287 17.85 -3.75 -13.32
CA THR A 287 16.71 -4.62 -13.06
C THR A 287 15.38 -3.88 -13.21
N THR A 288 15.34 -2.63 -12.79
CA THR A 288 14.13 -1.83 -12.88
C THR A 288 13.76 -1.55 -14.34
N LEU A 289 14.77 -1.30 -15.17
CA LEU A 289 14.55 -1.03 -16.58
C LEU A 289 13.96 -2.25 -17.27
N ARG A 290 14.59 -3.40 -17.05
CA ARG A 290 14.15 -4.65 -17.65
C ARG A 290 12.75 -5.02 -17.17
N TYR A 291 12.44 -4.67 -15.93
CA TYR A 291 11.14 -4.97 -15.36
C TYR A 291 10.10 -4.01 -15.93
N ALA A 292 10.50 -2.76 -16.15
CA ALA A 292 9.61 -1.74 -16.70
C ALA A 292 9.12 -2.16 -18.07
N LEU A 293 10.05 -2.57 -18.94
CA LEU A 293 9.70 -2.99 -20.29
C LEU A 293 8.75 -4.19 -20.26
N LEU A 294 9.06 -5.15 -19.40
CA LEU A 294 8.23 -6.35 -19.27
C LEU A 294 6.80 -5.95 -18.96
N LEU A 295 6.63 -5.01 -18.04
CA LEU A 295 5.32 -4.52 -17.66
C LEU A 295 4.64 -3.80 -18.81
N LEU A 296 5.44 -3.12 -19.64
CA LEU A 296 4.91 -2.39 -20.79
C LEU A 296 4.39 -3.35 -21.86
N LEU A 297 4.92 -4.57 -21.88
CA LEU A 297 4.47 -5.57 -22.84
C LEU A 297 3.13 -6.12 -22.39
N LYS A 298 3.01 -6.32 -21.08
CA LYS A 298 1.78 -6.85 -20.49
C LYS A 298 0.65 -5.83 -20.59
N HIS A 299 0.99 -4.55 -20.63
CA HIS A 299 -0.01 -3.51 -20.72
C HIS A 299 0.19 -2.56 -21.89
N PRO A 300 -0.18 -2.99 -23.11
CA PRO A 300 -0.02 -2.15 -24.30
C PRO A 300 -0.82 -0.85 -24.15
N GLU A 301 -1.97 -0.95 -23.48
CA GLU A 301 -2.83 0.21 -23.25
C GLU A 301 -2.07 1.33 -22.57
N VAL A 302 -1.22 0.97 -21.61
CA VAL A 302 -0.42 1.94 -20.88
C VAL A 302 0.73 2.46 -21.73
N THR A 303 1.38 1.55 -22.45
CA THR A 303 2.50 1.91 -23.31
C THR A 303 2.07 2.91 -24.37
N ALA A 304 0.93 2.66 -25.00
CA ALA A 304 0.39 3.53 -26.04
C ALA A 304 0.18 4.95 -25.53
N LYS A 305 -0.35 5.07 -24.32
CA LYS A 305 -0.61 6.39 -23.73
C LYS A 305 0.69 7.15 -23.54
N VAL A 306 1.67 6.51 -22.92
CA VAL A 306 2.96 7.14 -22.68
C VAL A 306 3.51 7.67 -24.01
N GLN A 307 3.40 6.85 -25.05
CA GLN A 307 3.87 7.23 -26.37
C GLN A 307 3.14 8.47 -26.89
N GLU A 308 1.86 8.58 -26.53
CA GLU A 308 1.07 9.73 -26.96
C GLU A 308 1.52 10.99 -26.23
N GLU A 309 1.88 10.83 -24.96
CA GLU A 309 2.33 11.95 -24.16
C GLU A 309 3.72 12.37 -24.64
N ILE A 310 4.51 11.41 -25.07
CA ILE A 310 5.85 11.68 -25.59
C ILE A 310 5.68 12.40 -26.93
N GLU A 311 4.63 12.01 -27.64
CA GLU A 311 4.32 12.60 -28.94
C GLU A 311 3.83 14.03 -28.78
N ARG A 312 3.09 14.30 -27.71
CA ARG A 312 2.54 15.62 -27.45
C ARG A 312 3.57 16.59 -26.87
N VAL A 313 4.17 16.23 -25.74
CA VAL A 313 5.15 17.08 -25.08
C VAL A 313 6.53 17.10 -25.74
N VAL A 314 6.89 16.05 -26.47
CA VAL A 314 8.20 15.99 -27.10
C VAL A 314 8.20 16.15 -28.61
N GLY A 315 7.45 15.30 -29.31
CA GLY A 315 7.40 15.38 -30.76
C GLY A 315 8.50 14.58 -31.44
N ARG A 316 8.57 14.69 -32.77
CA ARG A 316 9.56 13.96 -33.56
C ARG A 316 10.91 14.67 -33.70
N ASN A 317 10.87 16.00 -33.82
CA ASN A 317 12.08 16.79 -34.00
C ASN A 317 13.05 16.88 -32.82
N ARG A 318 12.67 16.35 -31.66
CA ARG A 318 13.55 16.43 -30.49
C ARG A 318 13.50 15.22 -29.55
N SER A 319 14.67 14.86 -29.02
CA SER A 319 14.77 13.75 -28.07
C SER A 319 14.36 14.28 -26.70
N PRO A 320 13.80 13.42 -25.84
CA PRO A 320 13.37 13.81 -24.50
C PRO A 320 14.47 14.34 -23.60
N CYS A 321 14.07 15.06 -22.55
CA CYS A 321 14.99 15.63 -21.58
C CYS A 321 14.25 15.71 -20.24
N MET A 322 15.00 15.85 -19.15
CA MET A 322 14.39 15.93 -17.82
C MET A 322 13.38 17.06 -17.64
N GLN A 323 13.51 18.12 -18.43
CA GLN A 323 12.59 19.24 -18.34
C GLN A 323 11.18 18.86 -18.80
N ASP A 324 11.09 17.79 -19.58
CA ASP A 324 9.82 17.32 -20.11
C ASP A 324 9.03 16.49 -19.10
N ARG A 325 9.72 15.94 -18.09
CA ARG A 325 9.06 15.11 -17.09
C ARG A 325 7.93 15.85 -16.38
N GLY A 326 8.19 17.09 -15.96
CA GLY A 326 7.18 17.86 -15.28
C GLY A 326 6.01 18.19 -16.18
N HIS A 327 6.20 17.97 -17.48
CA HIS A 327 5.17 18.24 -18.48
C HIS A 327 4.37 16.97 -18.79
N MET A 328 5.01 15.82 -18.58
CA MET A 328 4.39 14.53 -18.85
C MET A 328 3.99 13.84 -17.54
N PRO A 329 2.82 14.20 -17.00
CA PRO A 329 2.32 13.63 -15.74
C PRO A 329 2.05 12.13 -15.76
N TYR A 330 1.58 11.61 -16.90
CA TYR A 330 1.29 10.19 -17.02
C TYR A 330 2.54 9.33 -17.05
N THR A 331 3.53 9.76 -17.84
CA THR A 331 4.78 9.02 -17.96
C THR A 331 5.47 8.92 -16.60
N ASP A 332 5.41 10.00 -15.83
CA ASP A 332 6.02 10.03 -14.51
C ASP A 332 5.27 9.09 -13.57
N ALA A 333 3.98 8.92 -13.81
CA ALA A 333 3.15 8.05 -12.99
C ALA A 333 3.54 6.59 -13.21
N VAL A 334 3.71 6.21 -14.47
CA VAL A 334 4.09 4.84 -14.81
C VAL A 334 5.44 4.49 -14.18
N VAL A 335 6.39 5.41 -14.25
CA VAL A 335 7.72 5.19 -13.68
C VAL A 335 7.61 4.93 -12.19
N HIS A 336 6.77 5.70 -11.51
CA HIS A 336 6.58 5.53 -10.06
C HIS A 336 5.88 4.22 -9.77
N GLU A 337 4.84 3.91 -10.56
CA GLU A 337 4.07 2.70 -10.38
C GLU A 337 4.94 1.46 -10.57
N VAL A 338 5.84 1.51 -11.55
CA VAL A 338 6.74 0.39 -11.82
C VAL A 338 7.62 0.12 -10.61
N GLN A 339 8.14 1.20 -10.01
CA GLN A 339 8.98 1.07 -8.84
C GLN A 339 8.21 0.58 -7.62
N ARG A 340 7.00 1.11 -7.43
CA ARG A 340 6.16 0.72 -6.31
C ARG A 340 5.68 -0.73 -6.44
N TYR A 341 5.43 -1.14 -7.68
CA TYR A 341 4.95 -2.49 -7.97
C TYR A 341 6.01 -3.58 -7.84
N ILE A 342 7.16 -3.37 -8.46
CA ILE A 342 8.22 -4.37 -8.42
C ILE A 342 8.89 -4.52 -7.05
N ASP A 343 8.85 -3.46 -6.24
CA ASP A 343 9.46 -3.48 -4.92
C ASP A 343 10.82 -4.16 -5.00
N LEU A 344 11.74 -3.52 -5.72
CA LEU A 344 13.08 -4.04 -5.93
C LEU A 344 13.77 -4.47 -4.65
N ILE A 345 13.68 -3.65 -3.60
CA ILE A 345 14.33 -3.96 -2.33
C ILE A 345 13.29 -4.02 -1.21
N PRO A 346 12.61 -5.17 -1.06
CA PRO A 346 11.58 -5.39 -0.04
C PRO A 346 11.93 -4.88 1.36
N THR A 347 13.16 -5.12 1.79
CA THR A 347 13.59 -4.69 3.12
C THR A 347 14.71 -3.66 3.12
N SER A 348 14.85 -2.94 2.01
CA SER A 348 15.90 -1.93 1.90
C SER A 348 17.22 -2.52 2.36
N LEU A 349 18.06 -1.71 3.00
CA LEU A 349 19.34 -2.17 3.51
C LEU A 349 19.31 -2.13 5.04
N PRO A 350 20.02 -3.06 5.68
CA PRO A 350 20.06 -3.13 7.14
C PRO A 350 20.43 -1.79 7.78
N HIS A 351 19.63 -1.39 8.77
CA HIS A 351 19.87 -0.14 9.48
C HIS A 351 20.36 -0.48 10.88
N ALA A 352 20.50 0.53 11.73
CA ALA A 352 20.96 0.33 13.10
C ALA A 352 20.90 1.62 13.89
N VAL A 353 20.37 1.52 15.11
CA VAL A 353 20.25 2.69 15.98
C VAL A 353 21.64 3.11 16.46
N THR A 354 21.95 4.39 16.30
CA THR A 354 23.23 4.93 16.71
C THR A 354 23.35 5.07 18.23
N CYS A 355 22.26 4.77 18.92
CA CYS A 355 22.24 4.85 20.38
C CYS A 355 20.99 4.14 20.92
N ASP A 356 20.72 4.32 22.21
CA ASP A 356 19.56 3.71 22.83
C ASP A 356 18.34 4.54 22.46
N VAL A 357 17.30 3.88 21.95
CA VAL A 357 16.09 4.57 21.55
C VAL A 357 14.82 3.94 22.10
N LYS A 358 13.98 4.78 22.71
CA LYS A 358 12.70 4.33 23.27
C LYS A 358 11.67 4.62 22.18
N PHE A 359 11.66 3.78 21.14
CA PHE A 359 10.75 3.95 20.02
C PHE A 359 9.30 4.00 20.47
N ARG A 360 8.85 2.94 21.13
CA ARG A 360 7.52 2.89 21.71
C ARG A 360 7.65 2.38 23.13
N ASN A 361 6.65 1.69 23.61
CA ASN A 361 6.74 1.07 24.91
C ASN A 361 8.02 0.25 25.06
N TYR A 362 8.56 -0.15 23.91
CA TYR A 362 9.78 -0.94 23.87
C TYR A 362 11.00 -0.04 23.73
N LEU A 363 12.15 -0.51 24.21
CA LEU A 363 13.39 0.25 24.13
C LEU A 363 14.43 -0.51 23.32
N ILE A 364 14.93 0.11 22.27
CA ILE A 364 15.93 -0.51 21.39
C ILE A 364 17.34 -0.09 21.77
N PRO A 365 18.18 -1.07 22.15
CA PRO A 365 19.58 -0.84 22.55
C PRO A 365 20.44 -0.30 21.41
N LYS A 366 21.48 0.45 21.77
CA LYS A 366 22.40 1.04 20.82
C LYS A 366 23.09 -0.03 19.96
N GLY A 367 23.10 0.19 18.66
CA GLY A 367 23.74 -0.75 17.74
C GLY A 367 22.88 -1.93 17.32
N THR A 368 21.60 -1.88 17.64
CA THR A 368 20.69 -2.96 17.28
C THR A 368 20.27 -2.85 15.81
N THR A 369 20.45 -3.94 15.06
CA THR A 369 20.09 -3.96 13.65
C THR A 369 18.59 -3.71 13.46
N ILE A 370 18.26 -2.84 12.53
CA ILE A 370 16.85 -2.52 12.27
C ILE A 370 16.49 -2.78 10.81
N LEU A 371 15.51 -3.67 10.60
CA LEU A 371 15.06 -4.01 9.27
C LEU A 371 13.72 -3.35 8.95
N THR A 372 13.73 -2.43 7.99
CA THR A 372 12.52 -1.72 7.59
C THR A 372 11.91 -2.43 6.39
N SER A 373 10.61 -2.70 6.47
CA SER A 373 9.91 -3.39 5.39
C SER A 373 9.27 -2.39 4.42
N LEU A 374 10.07 -1.89 3.49
CA LEU A 374 9.58 -0.93 2.51
C LEU A 374 8.37 -1.50 1.79
N THR A 375 8.32 -2.83 1.71
CA THR A 375 7.22 -3.53 1.05
C THR A 375 5.88 -3.16 1.67
N SER A 376 5.84 -3.07 3.00
CA SER A 376 4.61 -2.72 3.70
C SER A 376 4.15 -1.31 3.36
N VAL A 377 5.09 -0.45 3.01
CA VAL A 377 4.79 0.93 2.66
C VAL A 377 4.34 1.06 1.21
N LEU A 378 5.16 0.56 0.30
CA LEU A 378 4.87 0.62 -1.13
C LEU A 378 3.64 -0.20 -1.54
N HIS A 379 3.24 -1.14 -0.69
CA HIS A 379 2.08 -1.98 -0.99
C HIS A 379 0.92 -1.80 -0.02
N ASP A 380 0.84 -0.61 0.58
CA ASP A 380 -0.24 -0.32 1.52
C ASP A 380 -1.57 -0.35 0.78
N ASN A 381 -2.42 -1.31 1.13
CA ASN A 381 -3.73 -1.44 0.48
C ASN A 381 -4.58 -0.19 0.62
N LYS A 382 -4.23 0.67 1.57
CA LYS A 382 -4.97 1.90 1.79
C LYS A 382 -4.49 3.01 0.85
N GLU A 383 -3.24 3.43 1.03
CA GLU A 383 -2.67 4.49 0.19
C GLU A 383 -2.71 4.05 -1.27
N PHE A 384 -2.66 2.74 -1.48
CA PHE A 384 -2.68 2.18 -2.82
C PHE A 384 -3.70 1.06 -2.93
N PRO A 385 -4.92 1.37 -3.40
CA PRO A 385 -5.96 0.35 -3.52
C PRO A 385 -5.52 -0.71 -4.53
N ASN A 386 -5.61 -1.97 -4.14
CA ASN A 386 -5.19 -3.07 -5.01
C ASN A 386 -3.70 -2.88 -5.32
N PRO A 387 -2.86 -2.82 -4.28
CA PRO A 387 -1.42 -2.64 -4.41
C PRO A 387 -0.73 -3.78 -5.16
N GLU A 388 -1.43 -4.90 -5.30
CA GLU A 388 -0.88 -6.06 -5.98
C GLU A 388 -0.99 -5.92 -7.50
N MET A 389 -1.85 -5.01 -7.95
CA MET A 389 -2.05 -4.80 -9.38
C MET A 389 -1.26 -3.59 -9.88
N PHE A 390 -0.71 -3.72 -11.09
CA PHE A 390 0.07 -2.64 -11.70
C PHE A 390 -0.89 -1.62 -12.31
N ASP A 391 -0.98 -0.45 -11.71
CA ASP A 391 -1.88 0.59 -12.21
C ASP A 391 -1.28 1.98 -12.06
N PRO A 392 -0.96 2.64 -13.18
CA PRO A 392 -0.39 4.00 -13.18
C PRO A 392 -1.28 5.02 -12.46
N ARG A 393 -2.52 4.62 -12.18
CA ARG A 393 -3.47 5.49 -11.52
C ARG A 393 -3.06 5.84 -10.08
N HIS A 394 -2.39 4.90 -9.42
CA HIS A 394 -1.96 5.11 -8.04
C HIS A 394 -1.26 6.45 -7.81
N PHE A 395 -0.63 6.97 -8.87
CA PHE A 395 0.07 8.25 -8.77
C PHE A 395 -0.57 9.33 -9.63
N LEU A 396 -1.89 9.24 -9.79
CA LEU A 396 -2.63 10.22 -10.58
C LEU A 396 -3.91 10.64 -9.88
N ASP A 397 -4.20 11.93 -9.90
CA ASP A 397 -5.40 12.46 -9.28
C ASP A 397 -6.58 12.31 -10.25
N GLU A 398 -7.70 12.92 -9.89
CA GLU A 398 -8.89 12.85 -10.72
C GLU A 398 -8.72 13.56 -12.06
N GLY A 399 -8.08 14.73 -12.03
CA GLY A 399 -7.86 15.48 -13.26
C GLY A 399 -6.94 14.79 -14.24
N GLY A 400 -5.98 14.02 -13.71
CA GLY A 400 -5.04 13.32 -14.57
C GLY A 400 -3.64 13.82 -14.33
N ASN A 401 -3.51 14.74 -13.38
CA ASN A 401 -2.22 15.31 -13.00
C ASN A 401 -1.51 14.33 -12.07
N PHE A 402 -0.18 14.40 -12.03
CA PHE A 402 0.58 13.51 -11.16
C PHE A 402 0.42 13.89 -9.69
N LYS A 403 0.27 12.89 -8.83
CA LYS A 403 0.13 13.14 -7.41
C LYS A 403 1.15 12.32 -6.62
N LYS A 404 1.98 13.01 -5.85
CA LYS A 404 3.02 12.38 -5.05
C LYS A 404 2.43 11.54 -3.92
N SER A 405 3.30 10.90 -3.15
CA SER A 405 2.87 10.07 -2.04
C SER A 405 4.00 9.85 -1.04
N ASN A 406 3.71 10.05 0.25
CA ASN A 406 4.71 9.86 1.28
C ASN A 406 4.99 8.37 1.42
N TYR A 407 4.22 7.57 0.68
CA TYR A 407 4.38 6.11 0.70
C TYR A 407 5.32 5.63 -0.40
N PHE A 408 5.90 6.57 -1.15
CA PHE A 408 6.81 6.23 -2.23
C PHE A 408 8.24 6.21 -1.69
N MET A 409 8.69 5.05 -1.21
CA MET A 409 10.03 4.94 -0.67
C MET A 409 10.89 3.84 -1.31
N PRO A 410 10.85 3.71 -2.64
CA PRO A 410 11.66 2.66 -3.27
C PRO A 410 13.14 2.87 -2.95
N PHE A 411 13.51 4.14 -2.85
CA PHE A 411 14.88 4.54 -2.54
C PHE A 411 15.06 4.64 -1.03
N SER A 412 14.07 4.15 -0.29
CA SER A 412 14.08 4.18 1.17
C SER A 412 13.74 5.58 1.66
N ALA A 413 14.18 5.92 2.86
CA ALA A 413 13.91 7.25 3.42
C ALA A 413 14.79 7.54 4.63
N GLY A 414 14.92 8.82 4.97
CA GLY A 414 15.73 9.22 6.10
C GLY A 414 17.10 9.73 5.72
N LYS A 415 18.01 9.77 6.69
CA LYS A 415 19.36 10.25 6.49
C LYS A 415 20.19 9.29 5.62
N ARG A 416 19.64 8.10 5.41
CA ARG A 416 20.32 7.08 4.60
C ARG A 416 19.74 6.89 3.21
N ILE A 417 18.74 7.68 2.85
CA ILE A 417 18.10 7.57 1.54
C ILE A 417 19.14 7.43 0.43
N CYS A 418 18.76 6.71 -0.63
CA CYS A 418 19.64 6.46 -1.77
C CYS A 418 20.36 7.70 -2.29
N VAL A 419 21.67 7.59 -2.46
CA VAL A 419 22.49 8.69 -2.97
C VAL A 419 22.24 8.89 -4.45
N GLY A 420 21.78 7.85 -5.12
CA GLY A 420 21.53 7.94 -6.55
C GLY A 420 20.06 8.00 -6.91
N GLU A 421 19.25 8.52 -6.00
CA GLU A 421 17.81 8.63 -6.22
C GLU A 421 17.50 9.55 -7.40
N GLY A 422 18.23 10.66 -7.49
CA GLY A 422 18.07 11.58 -8.60
C GLY A 422 18.65 11.04 -9.88
N LEU A 423 19.74 10.28 -9.76
CA LEU A 423 20.40 9.69 -10.90
C LEU A 423 19.58 8.54 -11.47
N ALA A 424 19.06 7.70 -10.59
CA ALA A 424 18.26 6.56 -11.00
C ALA A 424 17.00 7.03 -11.73
N ARG A 425 16.25 7.92 -11.11
CA ARG A 425 15.02 8.44 -11.70
C ARG A 425 15.30 9.11 -13.05
N MET A 426 16.44 9.78 -13.15
CA MET A 426 16.81 10.46 -14.39
C MET A 426 17.05 9.44 -15.50
N GLU A 427 17.71 8.34 -15.15
CA GLU A 427 18.00 7.29 -16.13
C GLU A 427 16.72 6.60 -16.57
N LEU A 428 15.91 6.17 -15.60
CA LEU A 428 14.66 5.48 -15.89
C LEU A 428 13.82 6.28 -16.88
N PHE A 429 13.56 7.55 -16.55
CA PHE A 429 12.76 8.42 -17.40
C PHE A 429 13.33 8.56 -18.80
N LEU A 430 14.57 9.03 -18.91
CA LEU A 430 15.20 9.21 -20.21
C LEU A 430 15.32 7.92 -21.01
N PHE A 431 15.91 6.89 -20.41
CA PHE A 431 16.07 5.61 -21.09
C PHE A 431 14.74 5.09 -21.65
N LEU A 432 13.74 4.96 -20.79
CA LEU A 432 12.44 4.46 -21.20
C LEU A 432 11.79 5.31 -22.29
N THR A 433 11.74 6.62 -22.08
CA THR A 433 11.14 7.52 -23.06
C THR A 433 11.88 7.47 -24.40
N PHE A 434 13.19 7.33 -24.35
CA PHE A 434 13.99 7.25 -25.57
C PHE A 434 13.57 6.04 -26.38
N ILE A 435 13.42 4.91 -25.69
CA ILE A 435 13.03 3.66 -26.34
C ILE A 435 11.61 3.72 -26.89
N LEU A 436 10.66 4.17 -26.07
CA LEU A 436 9.27 4.27 -26.49
C LEU A 436 9.06 5.26 -27.63
N GLN A 437 9.94 6.24 -27.75
CA GLN A 437 9.83 7.25 -28.80
C GLN A 437 10.39 6.73 -30.12
N ASN A 438 11.23 5.70 -30.04
CA ASN A 438 11.82 5.13 -31.24
C ASN A 438 11.32 3.74 -31.61
N PHE A 439 10.85 2.98 -30.62
CA PHE A 439 10.38 1.63 -30.87
C PHE A 439 8.99 1.30 -30.35
N ASN A 440 8.43 0.21 -30.87
CA ASN A 440 7.12 -0.28 -30.46
C ASN A 440 7.43 -1.60 -29.74
N LEU A 441 6.66 -1.91 -28.70
CA LEU A 441 6.90 -3.14 -27.96
C LEU A 441 5.97 -4.29 -28.32
N LYS A 442 6.54 -5.27 -29.02
CA LYS A 442 5.81 -6.46 -29.45
C LYS A 442 6.49 -7.68 -28.84
N SER A 443 5.73 -8.48 -28.10
CA SER A 443 6.28 -9.66 -27.45
C SER A 443 5.96 -10.94 -28.21
N LEU A 444 6.84 -11.94 -28.07
CA LEU A 444 6.67 -13.22 -28.74
C LEU A 444 5.26 -13.80 -28.57
N ILE A 445 4.91 -14.13 -27.34
CA ILE A 445 3.59 -14.69 -27.06
C ILE A 445 2.61 -13.59 -26.69
N ASP A 446 1.32 -13.93 -26.63
CA ASP A 446 0.27 -12.97 -26.30
C ASP A 446 0.51 -12.21 -25.01
N PRO A 447 0.30 -10.88 -25.03
CA PRO A 447 0.47 -9.98 -23.89
C PRO A 447 -0.43 -10.28 -22.69
N LYS A 448 -1.41 -11.15 -22.90
CA LYS A 448 -2.34 -11.52 -21.83
C LYS A 448 -1.85 -12.76 -21.10
N ASP A 449 -0.85 -13.43 -21.68
CA ASP A 449 -0.30 -14.64 -21.09
C ASP A 449 0.90 -14.43 -20.17
N LEU A 450 1.94 -13.77 -20.66
CA LEU A 450 3.17 -13.68 -19.90
C LEU A 450 2.90 -13.03 -18.54
N ASP A 451 3.51 -13.62 -17.52
CA ASP A 451 3.30 -13.22 -16.13
C ASP A 451 4.41 -12.32 -15.58
N THR A 452 4.02 -11.17 -15.05
CA THR A 452 4.95 -10.20 -14.51
C THR A 452 5.36 -10.49 -13.06
N THR A 453 4.83 -11.57 -12.49
CA THR A 453 5.16 -11.94 -11.12
C THR A 453 6.67 -12.06 -10.91
N PRO A 454 7.18 -11.49 -9.81
CA PRO A 454 8.61 -11.53 -9.48
C PRO A 454 9.11 -12.94 -9.15
N VAL A 455 10.40 -13.00 -8.87
CA VAL A 455 11.06 -14.20 -8.37
C VAL A 455 12.01 -13.76 -7.25
N VAL A 456 11.45 -13.33 -6.13
CA VAL A 456 12.27 -12.69 -5.13
C VAL A 456 13.39 -13.62 -4.75
N ASN A 457 14.61 -13.08 -4.77
CA ASN A 457 15.78 -13.84 -4.38
C ASN A 457 16.04 -13.72 -2.89
N GLY A 458 15.21 -12.91 -2.24
CA GLY A 458 15.40 -12.63 -0.82
C GLY A 458 15.90 -11.22 -0.57
N PHE A 459 16.99 -10.86 -1.23
CA PHE A 459 17.57 -9.54 -1.08
C PHE A 459 17.00 -8.57 -2.11
N ALA A 460 16.63 -9.09 -3.27
CA ALA A 460 16.07 -8.26 -4.33
C ALA A 460 15.09 -9.06 -5.18
N SER A 461 14.17 -8.36 -5.83
CA SER A 461 13.19 -9.02 -6.69
C SER A 461 13.71 -9.06 -8.11
N VAL A 462 13.48 -10.17 -8.80
CA VAL A 462 13.94 -10.33 -10.17
C VAL A 462 12.78 -10.70 -11.09
N PRO A 463 12.65 -10.00 -12.22
CA PRO A 463 11.58 -10.28 -13.17
C PRO A 463 11.81 -11.60 -13.91
N PRO A 464 10.71 -12.31 -14.25
CA PRO A 464 10.85 -13.58 -14.96
C PRO A 464 11.46 -13.41 -16.34
N PHE A 465 12.14 -14.43 -16.83
CA PHE A 465 12.78 -14.36 -18.14
C PHE A 465 11.73 -14.13 -19.23
N TYR A 466 12.10 -13.30 -20.21
CA TYR A 466 11.19 -12.97 -21.30
C TYR A 466 11.96 -12.41 -22.48
N GLN A 467 11.33 -12.40 -23.65
CA GLN A 467 11.93 -11.86 -24.86
C GLN A 467 10.93 -10.95 -25.57
N LEU A 468 11.42 -9.88 -26.17
CA LEU A 468 10.55 -8.95 -26.88
C LEU A 468 11.21 -8.47 -28.16
N CYS A 469 10.43 -7.81 -29.00
CA CYS A 469 10.95 -7.30 -30.27
C CYS A 469 10.85 -5.77 -30.29
N PHE A 470 11.90 -5.13 -30.78
CA PHE A 470 11.94 -3.68 -30.87
C PHE A 470 11.65 -3.24 -32.30
N ILE A 471 10.39 -2.90 -32.56
CA ILE A 471 9.98 -2.47 -33.89
C ILE A 471 10.09 -0.96 -34.03
N PRO A 472 10.93 -0.48 -34.96
CA PRO A 472 11.15 0.95 -35.21
C PRO A 472 9.89 1.71 -35.63
N ILE A 473 9.77 2.94 -35.13
CA ILE A 473 8.64 3.80 -35.45
C ILE A 473 9.15 4.92 -36.36
N HIS A 474 8.93 4.77 -37.66
CA HIS A 474 9.38 5.75 -38.65
C HIS A 474 8.46 6.94 -38.86
N HIS A 475 7.15 6.69 -38.92
CA HIS A 475 6.17 7.76 -39.14
C HIS A 475 6.10 8.14 -40.61
N LEU B 12 48.64 68.08 -29.66
CA LEU B 12 47.43 67.26 -29.33
C LEU B 12 47.43 65.94 -30.10
N PRO B 13 47.01 64.85 -29.44
CA PRO B 13 46.96 63.53 -30.07
C PRO B 13 46.11 63.56 -31.33
N PRO B 14 46.37 62.64 -32.28
CA PRO B 14 45.60 62.59 -33.52
C PRO B 14 44.14 62.26 -33.27
N GLY B 15 43.36 62.14 -34.34
CA GLY B 15 41.95 61.83 -34.19
C GLY B 15 41.14 62.22 -35.41
N PRO B 16 39.90 61.73 -35.52
CA PRO B 16 39.03 62.05 -36.66
C PRO B 16 38.73 63.55 -36.76
N THR B 17 38.88 64.11 -37.96
CA THR B 17 38.61 65.52 -38.17
C THR B 17 37.14 65.80 -37.82
N PRO B 18 36.91 66.61 -36.77
CA PRO B 18 35.57 66.96 -36.31
C PRO B 18 34.78 67.84 -37.28
N LEU B 19 33.47 67.88 -37.10
CA LEU B 19 32.60 68.68 -37.93
C LEU B 19 32.46 70.10 -37.38
N PRO B 20 31.79 70.99 -38.12
CA PRO B 20 31.59 72.39 -37.71
C PRO B 20 31.04 72.65 -36.30
N VAL B 21 29.88 72.07 -35.99
CA VAL B 21 29.27 72.30 -34.69
C VAL B 21 29.02 71.05 -33.85
N ILE B 22 28.92 69.89 -34.50
CA ILE B 22 28.65 68.65 -33.81
C ILE B 22 29.90 67.85 -33.44
N GLY B 23 31.05 68.27 -33.96
CA GLY B 23 32.28 67.57 -33.67
C GLY B 23 32.35 66.20 -34.31
N ASN B 24 32.63 65.18 -33.51
CA ASN B 24 32.72 63.81 -34.01
C ASN B 24 31.50 62.96 -33.67
N ILE B 25 30.53 63.55 -32.98
CA ILE B 25 29.32 62.82 -32.59
C ILE B 25 28.72 61.96 -33.71
N LEU B 26 28.81 62.44 -34.95
CA LEU B 26 28.26 61.70 -36.07
C LEU B 26 29.13 60.53 -36.51
N GLN B 27 30.31 60.40 -35.90
CA GLN B 27 31.22 59.29 -36.24
C GLN B 27 31.09 58.19 -35.18
N ILE B 28 30.70 58.59 -33.97
CA ILE B 28 30.54 57.65 -32.86
C ILE B 28 29.12 57.10 -32.79
N ASP B 29 29.02 55.81 -32.46
CA ASP B 29 27.73 55.15 -32.33
C ASP B 29 27.27 55.23 -30.88
N ILE B 30 26.29 56.09 -30.62
CA ILE B 30 25.77 56.31 -29.28
C ILE B 30 25.20 55.07 -28.58
N LYS B 31 24.63 54.14 -29.35
CA LYS B 31 24.05 52.94 -28.75
C LYS B 31 25.12 52.12 -28.03
N ASP B 32 26.39 52.41 -28.33
CA ASP B 32 27.51 51.70 -27.72
C ASP B 32 28.76 52.56 -27.84
N VAL B 33 28.95 53.47 -26.88
CA VAL B 33 30.10 54.36 -26.88
C VAL B 33 31.45 53.61 -26.91
N SER B 34 31.68 52.78 -25.89
CA SER B 34 32.93 52.03 -25.79
C SER B 34 33.30 51.29 -27.07
N LYS B 35 32.32 50.63 -27.68
CA LYS B 35 32.56 49.87 -28.90
C LYS B 35 33.11 50.79 -30.00
N SER B 36 32.59 52.01 -30.05
CA SER B 36 33.04 52.98 -31.06
C SER B 36 34.46 53.45 -30.78
N LEU B 37 34.76 53.72 -29.51
CA LEU B 37 36.09 54.17 -29.13
C LEU B 37 37.12 53.12 -29.54
N THR B 38 36.89 51.89 -29.10
CA THR B 38 37.80 50.79 -29.43
C THR B 38 38.04 50.73 -30.94
N ASN B 39 36.96 50.88 -31.70
CA ASN B 39 37.06 50.84 -33.16
C ASN B 39 37.84 52.06 -33.67
N LEU B 40 37.80 53.15 -32.90
CA LEU B 40 38.52 54.36 -33.26
C LEU B 40 40.01 54.14 -33.04
N SER B 41 40.35 53.62 -31.87
CA SER B 41 41.74 53.35 -31.52
C SER B 41 42.37 52.43 -32.57
N LYS B 42 41.51 51.68 -33.28
CA LYS B 42 41.96 50.78 -34.32
C LYS B 42 42.64 51.56 -35.44
N ILE B 43 42.48 52.88 -35.42
CA ILE B 43 43.06 53.73 -36.45
C ILE B 43 43.88 54.89 -35.90
N TYR B 44 43.74 55.16 -34.61
CA TYR B 44 44.47 56.28 -33.99
C TYR B 44 45.32 55.90 -32.78
N GLY B 45 45.50 54.62 -32.54
CA GLY B 45 46.31 54.18 -31.42
C GLY B 45 45.62 54.28 -30.07
N PRO B 46 46.39 54.23 -28.98
CA PRO B 46 45.87 54.32 -27.61
C PRO B 46 45.45 55.72 -27.17
N VAL B 47 46.12 56.75 -27.70
CA VAL B 47 45.80 58.13 -27.35
C VAL B 47 45.36 58.92 -28.57
N PHE B 48 44.11 59.37 -28.58
CA PHE B 48 43.59 60.14 -29.70
C PHE B 48 42.61 61.23 -29.24
N THR B 49 42.37 62.20 -30.11
CA THR B 49 41.48 63.32 -29.81
C THR B 49 40.09 63.17 -30.41
N LEU B 50 39.07 63.45 -29.61
CA LEU B 50 37.69 63.37 -30.05
C LEU B 50 36.95 64.66 -29.67
N TYR B 51 36.05 65.11 -30.53
CA TYR B 51 35.28 66.32 -30.26
C TYR B 51 33.80 66.03 -30.13
N PHE B 52 33.29 66.15 -28.91
CA PHE B 52 31.88 65.93 -28.64
C PHE B 52 31.17 67.28 -28.77
N GLY B 53 30.66 67.56 -29.96
CA GLY B 53 30.00 68.83 -30.19
C GLY B 53 31.01 69.94 -30.32
N LEU B 54 31.17 70.73 -29.26
CA LEU B 54 32.11 71.83 -29.26
C LEU B 54 33.24 71.58 -28.26
N GLU B 55 33.01 70.67 -27.32
CA GLU B 55 34.02 70.34 -26.32
C GLU B 55 35.01 69.29 -26.80
N ARG B 56 36.27 69.46 -26.42
CA ARG B 56 37.34 68.55 -26.83
C ARG B 56 37.71 67.63 -25.67
N MET B 57 38.15 66.42 -26.01
CA MET B 57 38.54 65.44 -25.01
C MET B 57 39.50 64.39 -25.57
N VAL B 58 40.38 63.88 -24.72
CA VAL B 58 41.35 62.87 -25.13
C VAL B 58 41.01 61.50 -24.55
N VAL B 59 40.94 60.50 -25.40
CA VAL B 59 40.62 59.14 -24.98
C VAL B 59 41.87 58.29 -24.80
N LEU B 60 41.84 57.41 -23.80
CA LEU B 60 42.96 56.53 -23.53
C LEU B 60 42.50 55.08 -23.69
N HIS B 61 43.00 54.42 -24.73
CA HIS B 61 42.62 53.03 -24.99
C HIS B 61 43.83 52.13 -24.79
N GLY B 62 43.62 51.01 -24.09
CA GLY B 62 44.70 50.09 -23.82
C GLY B 62 45.19 50.27 -22.39
N TYR B 63 45.74 49.21 -21.81
CA TYR B 63 46.24 49.25 -20.45
C TYR B 63 47.33 50.29 -20.22
N GLU B 64 48.35 50.27 -21.06
CA GLU B 64 49.48 51.19 -20.94
C GLU B 64 49.07 52.63 -20.66
N VAL B 65 48.42 53.26 -21.61
CA VAL B 65 47.99 54.66 -21.47
C VAL B 65 47.26 54.93 -20.15
N VAL B 66 46.22 54.14 -19.86
CA VAL B 66 45.46 54.30 -18.64
C VAL B 66 46.38 54.29 -17.41
N LYS B 67 47.25 53.29 -17.34
CA LYS B 67 48.16 53.18 -16.21
C LYS B 67 49.10 54.38 -16.14
N GLU B 68 49.74 54.68 -17.27
CA GLU B 68 50.67 55.82 -17.35
C GLU B 68 50.04 57.11 -16.86
N ALA B 69 48.85 57.42 -17.37
CA ALA B 69 48.14 58.64 -17.00
C ALA B 69 47.55 58.62 -15.60
N LEU B 70 46.74 57.61 -15.30
CA LEU B 70 46.09 57.49 -14.00
C LEU B 70 46.98 57.07 -12.83
N ILE B 71 48.03 56.31 -13.12
CA ILE B 71 48.93 55.85 -12.06
C ILE B 71 50.18 56.72 -11.95
N ASP B 72 51.10 56.58 -12.91
CA ASP B 72 52.33 57.35 -12.90
C ASP B 72 52.03 58.83 -12.73
N LEU B 73 51.17 59.36 -13.59
CA LEU B 73 50.78 60.77 -13.52
C LEU B 73 49.51 60.95 -12.70
N GLY B 74 49.41 60.20 -11.61
CA GLY B 74 48.25 60.27 -10.74
C GLY B 74 47.77 61.69 -10.47
N GLU B 75 48.44 62.37 -9.55
CA GLU B 75 48.09 63.74 -9.18
C GLU B 75 47.83 64.61 -10.40
N GLU B 76 48.57 64.37 -11.48
CA GLU B 76 48.43 65.13 -12.71
C GLU B 76 47.14 64.83 -13.47
N PHE B 77 46.41 63.80 -13.03
CA PHE B 77 45.16 63.43 -13.66
C PHE B 77 44.03 63.28 -12.64
N SER B 78 44.32 63.66 -11.39
CA SER B 78 43.34 63.56 -10.31
C SER B 78 42.16 64.51 -10.49
N GLY B 79 42.04 65.11 -11.66
CA GLY B 79 40.96 66.05 -11.91
C GLY B 79 39.72 65.42 -12.53
N ARG B 80 38.55 65.92 -12.13
CA ARG B 80 37.28 65.42 -12.64
C ARG B 80 36.88 66.14 -13.93
N GLY B 81 36.73 65.37 -15.00
CA GLY B 81 36.35 65.94 -16.27
C GLY B 81 35.12 66.81 -16.19
N HIS B 82 34.79 67.49 -17.29
CA HIS B 82 33.64 68.37 -17.34
C HIS B 82 32.33 67.59 -17.48
N PHE B 83 31.33 67.99 -16.69
CA PHE B 83 30.02 67.34 -16.74
C PHE B 83 28.95 68.44 -16.81
N PRO B 84 28.02 68.32 -17.77
CA PRO B 84 26.93 69.29 -17.97
C PRO B 84 25.91 69.41 -16.83
N LEU B 85 25.21 68.32 -16.54
CA LEU B 85 24.20 68.32 -15.50
C LEU B 85 24.77 68.48 -14.10
N ALA B 86 25.93 67.87 -13.87
CA ALA B 86 26.57 67.93 -12.56
C ALA B 86 26.73 69.34 -12.00
N GLU B 87 27.16 70.27 -12.84
CA GLU B 87 27.36 71.66 -12.42
C GLU B 87 26.15 72.22 -11.69
N ARG B 88 24.97 72.08 -12.29
CA ARG B 88 23.74 72.60 -11.70
C ARG B 88 23.17 71.68 -10.63
N ALA B 89 23.86 70.56 -10.38
CA ALA B 89 23.40 69.60 -9.37
C ALA B 89 24.21 69.68 -8.08
N ASN B 90 25.52 69.57 -8.20
CA ASN B 90 26.42 69.60 -7.05
C ASN B 90 26.84 71.01 -6.65
N ARG B 91 27.11 71.85 -7.65
CA ARG B 91 27.55 73.23 -7.44
C ARG B 91 29.03 73.22 -7.05
N GLY B 92 29.73 72.18 -7.44
CA GLY B 92 31.15 72.06 -7.13
C GLY B 92 31.43 71.37 -5.80
N PHE B 93 30.36 71.10 -5.05
CA PHE B 93 30.51 70.43 -3.76
C PHE B 93 30.54 68.92 -3.91
N GLY B 94 30.63 68.21 -2.79
CA GLY B 94 30.65 66.77 -2.81
C GLY B 94 32.02 66.16 -3.10
N ILE B 95 32.02 64.95 -3.64
CA ILE B 95 33.25 64.24 -3.97
C ILE B 95 33.27 63.86 -5.44
N VAL B 96 32.18 63.26 -5.90
CA VAL B 96 32.05 62.82 -7.28
C VAL B 96 32.45 63.87 -8.31
N PHE B 97 31.85 65.06 -8.23
CA PHE B 97 32.16 66.12 -9.18
C PHE B 97 32.87 67.34 -8.60
N SER B 98 33.54 67.16 -7.46
CA SER B 98 34.27 68.26 -6.85
C SER B 98 35.70 68.28 -7.38
N ASN B 99 36.44 69.33 -7.07
CA ASN B 99 37.81 69.45 -7.54
C ASN B 99 38.73 70.23 -6.60
N GLY B 100 40.03 70.10 -6.84
CA GLY B 100 41.02 70.80 -6.03
C GLY B 100 40.93 70.62 -4.52
N LYS B 101 41.18 71.70 -3.80
CA LYS B 101 41.17 71.71 -2.35
C LYS B 101 39.98 70.98 -1.73
N ARG B 102 38.78 71.47 -2.00
CA ARG B 102 37.56 70.86 -1.44
C ARG B 102 37.52 69.35 -1.67
N TRP B 103 37.93 68.91 -2.85
CA TRP B 103 37.92 67.49 -3.17
C TRP B 103 38.87 66.62 -2.34
N LYS B 104 40.18 66.88 -2.49
CA LYS B 104 41.18 66.10 -1.75
C LYS B 104 40.89 66.05 -0.26
N GLU B 105 40.23 67.08 0.25
CA GLU B 105 39.89 67.15 1.66
C GLU B 105 38.70 66.24 2.00
N ILE B 106 37.58 66.50 1.34
CA ILE B 106 36.37 65.72 1.58
C ILE B 106 36.55 64.24 1.27
N ARG B 107 37.29 63.91 0.22
CA ARG B 107 37.49 62.51 -0.13
C ARG B 107 38.26 61.78 0.96
N ARG B 108 39.32 62.40 1.48
CA ARG B 108 40.12 61.79 2.53
C ARG B 108 39.25 61.51 3.75
N PHE B 109 38.47 62.50 4.16
CA PHE B 109 37.60 62.36 5.31
C PHE B 109 36.67 61.17 5.13
N SER B 110 36.23 60.95 3.89
CA SER B 110 35.34 59.83 3.59
C SER B 110 36.08 58.51 3.77
N LEU B 111 37.25 58.39 3.15
CA LEU B 111 38.06 57.19 3.25
C LEU B 111 38.34 56.84 4.71
N MET B 112 38.32 57.84 5.57
CA MET B 112 38.58 57.64 6.99
C MET B 112 37.30 57.26 7.73
N THR B 113 36.16 57.67 7.18
CA THR B 113 34.87 57.37 7.78
C THR B 113 34.29 56.09 7.18
N LEU B 114 35.01 55.50 6.24
CA LEU B 114 34.57 54.27 5.58
C LEU B 114 35.34 53.05 6.07
N ARG B 115 36.28 53.25 7.00
CA ARG B 115 37.05 52.15 7.56
C ARG B 115 36.08 51.29 8.33
N ASN B 116 36.29 49.97 8.32
CA ASN B 116 35.41 49.04 9.03
C ASN B 116 34.85 49.63 10.32
N PHE B 117 35.71 50.20 11.14
CA PHE B 117 35.28 50.80 12.40
C PHE B 117 35.59 52.29 12.41
N GLY B 118 36.11 52.78 11.28
CA GLY B 118 36.46 54.18 11.15
C GLY B 118 35.44 55.18 11.69
N MET B 119 34.21 55.09 11.21
CA MET B 119 33.16 56.01 11.63
C MET B 119 32.84 55.95 13.13
N GLY B 120 32.49 54.76 13.62
CA GLY B 120 32.18 54.64 15.03
C GLY B 120 32.41 53.25 15.61
N LYS B 121 31.57 52.87 16.56
CA LYS B 121 31.67 51.57 17.21
C LYS B 121 31.19 50.47 16.27
N ARG B 122 29.98 50.63 15.75
CA ARG B 122 29.41 49.65 14.84
C ARG B 122 30.24 49.49 13.58
N SER B 123 30.80 48.30 13.39
CA SER B 123 31.62 48.01 12.22
C SER B 123 30.81 48.02 10.93
N ILE B 124 31.48 48.30 9.82
CA ILE B 124 30.84 48.33 8.52
C ILE B 124 30.31 46.93 8.21
N GLU B 125 31.15 45.94 8.47
CA GLU B 125 30.80 44.54 8.23
C GLU B 125 29.45 44.21 8.87
N ASP B 126 29.28 44.64 10.11
CA ASP B 126 28.04 44.40 10.84
C ASP B 126 26.86 44.99 10.08
N ARG B 127 26.97 46.28 9.75
CA ARG B 127 25.91 46.97 9.02
C ARG B 127 25.59 46.20 7.74
N VAL B 128 26.64 45.70 7.09
CA VAL B 128 26.49 44.94 5.85
C VAL B 128 25.82 43.59 6.09
N GLN B 129 26.43 42.78 6.95
CA GLN B 129 25.89 41.45 7.25
C GLN B 129 24.44 41.50 7.72
N GLU B 130 24.12 42.44 8.61
CA GLU B 130 22.75 42.55 9.10
C GLU B 130 21.82 42.73 7.91
N GLU B 131 22.34 43.38 6.86
CA GLU B 131 21.55 43.61 5.67
C GLU B 131 21.40 42.32 4.89
N ALA B 132 22.47 41.54 4.84
CA ALA B 132 22.47 40.27 4.14
C ALA B 132 21.35 39.39 4.70
N ARG B 133 21.28 39.32 6.02
CA ARG B 133 20.24 38.53 6.68
C ARG B 133 18.86 38.96 6.21
N CYS B 134 18.58 40.25 6.33
CA CYS B 134 17.30 40.80 5.92
C CYS B 134 17.02 40.48 4.46
N LEU B 135 18.08 40.39 3.67
CA LEU B 135 17.95 40.07 2.25
C LEU B 135 17.47 38.63 2.12
N VAL B 136 18.17 37.72 2.78
CA VAL B 136 17.81 36.30 2.75
C VAL B 136 16.36 36.11 3.20
N GLU B 137 16.04 36.66 4.38
CA GLU B 137 14.69 36.54 4.93
C GLU B 137 13.66 37.11 3.95
N GLU B 138 14.11 38.01 3.08
CA GLU B 138 13.23 38.61 2.08
C GLU B 138 13.13 37.71 0.86
N LEU B 139 14.18 36.93 0.62
CA LEU B 139 14.21 36.01 -0.51
C LEU B 139 13.33 34.82 -0.20
N ARG B 140 13.25 34.46 1.07
CA ARG B 140 12.42 33.34 1.50
C ARG B 140 10.96 33.66 1.18
N LYS B 141 10.61 34.93 1.36
CA LYS B 141 9.25 35.40 1.12
C LYS B 141 8.84 35.16 -0.34
N THR B 142 9.82 34.88 -1.19
CA THR B 142 9.54 34.65 -2.60
C THR B 142 8.85 33.29 -2.80
N LYS B 143 9.11 32.37 -1.88
CA LYS B 143 8.53 31.03 -1.93
C LYS B 143 8.91 30.27 -3.19
N ALA B 144 10.20 30.26 -3.51
CA ALA B 144 10.72 29.56 -4.67
C ALA B 144 9.81 29.72 -5.89
N SER B 145 9.40 30.95 -6.17
CA SER B 145 8.54 31.23 -7.31
C SER B 145 9.19 32.28 -8.20
N PRO B 146 8.77 32.34 -9.48
CA PRO B 146 9.32 33.31 -10.43
C PRO B 146 9.23 34.73 -9.88
N CYS B 147 10.38 35.40 -9.80
CA CYS B 147 10.45 36.79 -9.32
C CYS B 147 11.58 37.59 -10.00
N ASP B 148 11.48 38.91 -10.00
CA ASP B 148 12.50 39.76 -10.56
C ASP B 148 13.32 40.26 -9.39
N PRO B 149 14.60 39.91 -9.37
CA PRO B 149 15.47 40.32 -8.27
C PRO B 149 15.75 41.81 -8.26
N THR B 150 15.47 42.46 -9.38
CA THR B 150 15.82 43.87 -9.58
C THR B 150 15.55 44.73 -8.35
N PHE B 151 14.33 44.64 -7.81
CA PHE B 151 13.96 45.42 -6.64
C PHE B 151 14.63 44.89 -5.38
N ILE B 152 14.30 43.65 -5.02
CA ILE B 152 14.85 43.01 -3.82
C ILE B 152 16.37 43.12 -3.77
N LEU B 153 17.03 43.08 -4.92
CA LEU B 153 18.48 43.17 -4.98
C LEU B 153 18.94 44.62 -4.90
N GLY B 154 18.04 45.54 -5.27
CA GLY B 154 18.38 46.95 -5.22
C GLY B 154 18.36 47.51 -3.82
N CYS B 155 17.36 47.10 -3.04
CA CYS B 155 17.21 47.56 -1.66
C CYS B 155 18.41 47.18 -0.79
N ALA B 156 19.15 46.16 -1.21
CA ALA B 156 20.31 45.70 -0.46
C ALA B 156 21.39 46.77 -0.29
N PRO B 157 21.91 47.32 -1.39
CA PRO B 157 22.94 48.35 -1.28
C PRO B 157 22.44 49.65 -0.64
N CYS B 158 21.30 50.14 -1.14
CA CYS B 158 20.71 51.37 -0.65
C CYS B 158 20.59 51.42 0.87
N ASN B 159 20.37 50.27 1.49
CA ASN B 159 20.24 50.20 2.94
C ASN B 159 21.59 50.26 3.64
N VAL B 160 22.57 49.53 3.11
CA VAL B 160 23.91 49.52 3.69
C VAL B 160 24.40 50.95 3.80
N ILE B 161 24.19 51.73 2.74
CA ILE B 161 24.61 53.13 2.72
C ILE B 161 23.79 53.92 3.72
N CYS B 162 22.46 53.80 3.63
CA CYS B 162 21.57 54.50 4.55
C CYS B 162 21.98 54.28 6.00
N SER B 163 22.50 53.08 6.28
CA SER B 163 22.93 52.74 7.63
C SER B 163 24.22 53.48 7.99
N ILE B 164 25.06 53.73 6.99
CA ILE B 164 26.31 54.43 7.19
C ILE B 164 26.09 55.94 7.28
N ILE B 165 25.19 56.44 6.43
CA ILE B 165 24.88 57.87 6.43
C ILE B 165 23.94 58.17 7.59
N PHE B 166 23.10 57.20 7.92
CA PHE B 166 22.14 57.33 9.01
C PHE B 166 22.21 56.05 9.85
N GLN B 167 22.44 56.19 11.15
CA GLN B 167 22.54 55.05 12.04
C GLN B 167 21.47 53.98 11.82
N LYS B 168 20.25 54.42 11.53
CA LYS B 168 19.13 53.49 11.32
C LYS B 168 19.06 52.92 9.92
N ARG B 169 18.35 51.80 9.80
CA ARG B 169 18.16 51.12 8.52
C ARG B 169 16.78 51.49 7.98
N PHE B 170 16.35 50.83 6.92
CA PHE B 170 15.05 51.11 6.33
C PHE B 170 14.24 49.87 6.00
N ASP B 171 13.03 49.81 6.56
CA ASP B 171 12.13 48.69 6.34
C ASP B 171 11.73 48.67 4.86
N TYR B 172 11.94 47.52 4.21
CA TYR B 172 11.62 47.38 2.79
C TYR B 172 10.22 47.87 2.44
N LYS B 173 9.37 48.04 3.45
CA LYS B 173 8.00 48.50 3.22
C LYS B 173 7.83 49.97 3.54
N ASP B 174 8.69 50.50 4.41
CA ASP B 174 8.63 51.91 4.78
C ASP B 174 8.69 52.79 3.53
N GLN B 175 7.73 53.70 3.42
CA GLN B 175 7.66 54.61 2.26
C GLN B 175 8.85 55.55 2.13
N GLN B 176 9.47 55.89 3.25
CA GLN B 176 10.61 56.80 3.23
C GLN B 176 11.79 56.21 2.47
N PHE B 177 11.87 54.87 2.46
CA PHE B 177 12.94 54.17 1.76
C PHE B 177 12.50 53.80 0.34
N LEU B 178 11.18 53.71 0.15
CA LEU B 178 10.62 53.34 -1.14
C LEU B 178 10.61 54.51 -2.12
N ASN B 179 10.36 55.72 -1.60
CA ASN B 179 10.32 56.90 -2.44
C ASN B 179 11.74 57.35 -2.79
N LEU B 180 12.68 57.02 -1.90
CA LEU B 180 14.08 57.37 -2.10
C LEU B 180 14.64 56.63 -3.31
N MET B 181 14.40 55.32 -3.33
CA MET B 181 14.88 54.48 -4.42
C MET B 181 14.22 54.91 -5.74
N GLU B 182 12.95 55.26 -5.66
CA GLU B 182 12.21 55.69 -6.84
C GLU B 182 12.97 56.85 -7.48
N LYS B 183 13.35 57.82 -6.66
CA LYS B 183 14.09 58.98 -7.14
C LYS B 183 15.52 58.58 -7.51
N LEU B 184 16.13 57.75 -6.67
CA LEU B 184 17.50 57.29 -6.92
C LEU B 184 17.59 56.59 -8.28
N ASN B 185 16.71 55.62 -8.50
CA ASN B 185 16.70 54.90 -9.76
C ASN B 185 16.23 55.78 -10.91
N GLU B 186 15.21 56.60 -10.63
CA GLU B 186 14.68 57.50 -11.65
C GLU B 186 15.76 58.48 -12.10
N ASN B 187 16.75 58.71 -11.24
CA ASN B 187 17.84 59.61 -11.57
C ASN B 187 18.79 58.95 -12.57
N ILE B 188 19.48 57.90 -12.14
CA ILE B 188 20.41 57.19 -13.03
C ILE B 188 19.72 56.91 -14.36
N ARG B 189 18.42 56.65 -14.31
CA ARG B 189 17.64 56.36 -15.50
C ARG B 189 17.58 57.56 -16.45
N ILE B 190 17.27 58.74 -15.92
CA ILE B 190 17.20 59.94 -16.73
C ILE B 190 18.58 60.31 -17.25
N VAL B 191 19.61 59.89 -16.50
CA VAL B 191 20.99 60.18 -16.88
C VAL B 191 21.48 59.20 -17.94
N SER B 192 21.04 57.95 -17.84
CA SER B 192 21.43 56.91 -18.79
C SER B 192 20.84 57.20 -20.17
N THR B 193 19.84 58.07 -20.20
CA THR B 193 19.20 58.44 -21.46
C THR B 193 20.23 59.09 -22.38
N PRO B 194 20.35 58.60 -23.62
CA PRO B 194 21.31 59.15 -24.58
C PRO B 194 21.07 60.64 -24.82
N TRP B 195 19.83 61.08 -24.64
CA TRP B 195 19.47 62.47 -24.83
C TRP B 195 20.20 63.34 -23.80
N ILE B 196 20.14 62.92 -22.54
CA ILE B 196 20.80 63.65 -21.46
C ILE B 196 22.31 63.63 -21.65
N GLN B 197 22.84 62.45 -22.00
CA GLN B 197 24.26 62.29 -22.22
C GLN B 197 24.78 63.32 -23.23
N ILE B 198 23.98 63.55 -24.27
CA ILE B 198 24.36 64.51 -25.30
C ILE B 198 23.93 65.92 -24.89
N CYS B 199 24.25 66.29 -23.66
CA CYS B 199 23.91 67.61 -23.14
C CYS B 199 25.12 68.53 -23.14
N ASN B 200 26.27 67.98 -23.52
CA ASN B 200 27.52 68.75 -23.57
C ASN B 200 27.34 70.05 -24.36
N ASN B 201 26.39 70.06 -25.28
CA ASN B 201 26.13 71.24 -26.09
C ASN B 201 25.48 72.34 -25.26
N TYR B 208 17.88 78.53 -20.87
CA TYR B 208 18.20 77.14 -21.20
C TYR B 208 17.02 76.51 -21.95
N PHE B 209 16.56 75.36 -21.46
CA PHE B 209 15.44 74.65 -22.06
C PHE B 209 14.73 73.80 -21.01
N PRO B 210 13.48 73.40 -21.28
CA PRO B 210 12.71 72.58 -20.33
C PRO B 210 13.31 71.19 -20.09
N GLY B 211 13.35 70.38 -21.13
CA GLY B 211 13.89 69.04 -21.01
C GLY B 211 13.42 68.25 -19.79
N THR B 212 13.94 67.04 -19.64
CA THR B 212 13.57 66.19 -18.52
C THR B 212 14.57 66.38 -17.39
N HIS B 213 15.76 66.89 -17.74
CA HIS B 213 16.81 67.14 -16.77
C HIS B 213 16.27 67.81 -15.51
N ASN B 214 15.38 68.78 -15.68
CA ASN B 214 14.78 69.48 -14.56
C ASN B 214 14.23 68.48 -13.54
N LYS B 215 13.59 67.43 -14.04
CA LYS B 215 13.03 66.39 -13.18
C LYS B 215 14.14 65.86 -12.28
N LEU B 216 15.26 65.50 -12.91
CA LEU B 216 16.42 64.98 -12.18
C LEU B 216 16.79 65.97 -11.08
N LEU B 217 16.83 67.24 -11.43
CA LEU B 217 17.17 68.30 -10.49
C LEU B 217 16.16 68.36 -9.35
N LYS B 218 14.88 68.37 -9.70
CA LYS B 218 13.82 68.41 -8.69
C LYS B 218 13.96 67.27 -7.70
N ASN B 219 14.17 66.06 -8.21
CA ASN B 219 14.32 64.89 -7.34
C ASN B 219 15.53 65.06 -6.42
N LEU B 220 16.68 65.38 -7.02
CA LEU B 220 17.89 65.58 -6.24
C LEU B 220 17.66 66.68 -5.22
N ALA B 221 16.85 67.67 -5.59
CA ALA B 221 16.54 68.77 -4.71
C ALA B 221 15.80 68.26 -3.47
N PHE B 222 14.67 67.60 -3.70
CA PHE B 222 13.88 67.04 -2.60
C PHE B 222 14.70 66.03 -1.81
N MET B 223 15.57 65.31 -2.51
CA MET B 223 16.41 64.30 -1.88
C MET B 223 17.44 64.96 -0.97
N GLU B 224 18.03 66.05 -1.44
CA GLU B 224 19.03 66.78 -0.67
C GLU B 224 18.39 67.48 0.52
N SER B 225 17.20 68.04 0.30
CA SER B 225 16.48 68.74 1.35
C SER B 225 16.14 67.78 2.48
N ASP B 226 15.82 66.54 2.15
CA ASP B 226 15.48 65.54 3.15
C ASP B 226 16.74 65.11 3.90
N ILE B 227 17.87 65.14 3.20
CA ILE B 227 19.14 64.77 3.82
C ILE B 227 19.51 65.85 4.82
N LEU B 228 19.08 67.08 4.52
CA LEU B 228 19.34 68.22 5.39
C LEU B 228 18.50 68.05 6.66
N GLU B 229 17.26 67.59 6.47
CA GLU B 229 16.36 67.35 7.59
C GLU B 229 16.97 66.30 8.51
N LYS B 230 17.63 65.32 7.91
CA LYS B 230 18.27 64.24 8.65
C LYS B 230 19.49 64.76 9.41
N VAL B 231 20.25 65.66 8.78
CA VAL B 231 21.45 66.21 9.40
C VAL B 231 21.08 67.03 10.64
N LYS B 232 19.97 67.75 10.56
CA LYS B 232 19.51 68.56 11.68
C LYS B 232 19.25 67.68 12.89
N GLU B 233 18.66 66.52 12.66
CA GLU B 233 18.37 65.57 13.73
C GLU B 233 19.65 65.22 14.46
N HIS B 234 20.65 64.80 13.69
CA HIS B 234 21.95 64.43 14.25
C HIS B 234 22.60 65.62 14.95
N GLN B 235 22.01 66.80 14.77
CA GLN B 235 22.53 68.02 15.39
C GLN B 235 21.89 68.22 16.75
N GLU B 236 20.57 68.06 16.80
CA GLU B 236 19.83 68.23 18.05
C GLU B 236 20.36 67.29 19.13
N SER B 237 20.50 66.01 18.78
CA SER B 237 21.00 65.02 19.72
C SER B 237 22.25 64.36 19.15
N MET B 238 23.33 64.40 19.91
CA MET B 238 24.59 63.82 19.47
C MET B 238 25.59 63.73 20.62
N ASP B 239 26.74 63.13 20.35
CA ASP B 239 27.80 62.97 21.35
C ASP B 239 29.15 62.97 20.64
N ILE B 240 29.88 64.08 20.79
CA ILE B 240 31.19 64.24 20.16
C ILE B 240 32.14 63.09 20.51
N ASN B 241 31.79 62.32 21.52
CA ASN B 241 32.62 61.19 21.95
C ASN B 241 32.31 59.89 21.21
N ASN B 242 31.11 59.78 20.65
CA ASN B 242 30.73 58.58 19.94
C ASN B 242 29.94 58.87 18.66
N PRO B 243 30.60 58.74 17.49
CA PRO B 243 29.97 58.98 16.19
C PRO B 243 28.96 57.89 15.84
N ARG B 244 27.69 58.25 15.87
CA ARG B 244 26.62 57.30 15.55
C ARG B 244 26.71 56.82 14.10
N ASP B 245 27.06 57.73 13.21
CA ASP B 245 27.17 57.41 11.78
C ASP B 245 27.94 58.51 11.05
N PHE B 246 27.83 58.50 9.73
CA PHE B 246 28.50 59.49 8.89
C PHE B 246 28.27 60.95 9.28
N ILE B 247 27.01 61.34 9.37
CA ILE B 247 26.64 62.70 9.73
C ILE B 247 27.36 63.14 11.00
N ASP B 248 27.34 62.28 12.02
CA ASP B 248 27.99 62.58 13.29
C ASP B 248 29.48 62.80 13.07
N CYS B 249 30.13 61.89 12.35
CA CYS B 249 31.55 62.02 12.07
C CYS B 249 31.85 63.30 11.31
N PHE B 250 30.90 63.74 10.49
CA PHE B 250 31.08 64.96 9.71
C PHE B 250 30.97 66.17 10.63
N LEU B 251 29.86 66.26 11.37
CA LEU B 251 29.63 67.36 12.29
C LEU B 251 30.71 67.37 13.36
N ILE B 252 31.35 66.23 13.57
CA ILE B 252 32.40 66.10 14.56
C ILE B 252 33.68 66.78 14.08
N LYS B 253 34.09 66.45 12.86
CA LYS B 253 35.29 67.04 12.28
C LYS B 253 35.03 68.51 11.96
N MET B 254 33.75 68.88 11.90
CA MET B 254 33.34 70.24 11.62
C MET B 254 33.78 71.17 12.75
N GLU B 255 33.34 70.85 13.97
CA GLU B 255 33.68 71.65 15.14
C GLU B 255 35.18 71.72 15.34
N LYS B 256 35.91 70.84 14.66
CA LYS B 256 37.37 70.80 14.77
C LYS B 256 38.03 71.58 13.64
N GLU B 257 37.21 72.00 12.67
CA GLU B 257 37.70 72.77 11.52
C GLU B 257 37.17 74.20 11.68
N LYS B 258 36.35 74.38 12.72
CA LYS B 258 35.73 75.67 13.02
C LYS B 258 36.74 76.81 13.19
N GLN B 259 36.24 78.04 13.16
CA GLN B 259 37.05 79.23 13.31
C GLN B 259 37.99 79.44 12.13
N ASN B 260 37.88 78.56 11.14
CA ASN B 260 38.71 78.64 9.94
C ASN B 260 37.85 78.93 8.71
N GLN B 261 38.25 79.95 7.95
CA GLN B 261 37.53 80.36 6.74
C GLN B 261 37.71 79.36 5.59
N GLN B 262 38.89 78.75 5.53
CA GLN B 262 39.20 77.79 4.49
C GLN B 262 38.57 76.43 4.73
N SER B 263 37.87 76.29 5.86
CA SER B 263 37.21 75.04 6.22
C SER B 263 36.26 74.57 5.11
N GLU B 264 36.53 73.38 4.58
CA GLU B 264 35.70 72.81 3.52
C GLU B 264 34.56 71.96 4.08
N PHE B 265 34.54 71.80 5.40
CA PHE B 265 33.51 71.01 6.05
C PHE B 265 32.29 71.84 6.40
N THR B 266 31.50 72.18 5.38
CA THR B 266 30.29 72.97 5.57
C THR B 266 29.05 72.09 5.41
N ILE B 267 27.96 72.47 6.09
CA ILE B 267 26.72 71.72 6.01
C ILE B 267 26.39 71.42 4.56
N GLU B 268 26.61 72.40 3.70
CA GLU B 268 26.34 72.27 2.27
C GLU B 268 27.15 71.10 1.71
N ASN B 269 28.44 71.09 2.02
CA ASN B 269 29.35 70.05 1.54
C ASN B 269 29.00 68.68 2.12
N LEU B 270 28.21 68.69 3.19
CA LEU B 270 27.78 67.44 3.83
C LEU B 270 26.65 66.81 3.05
N VAL B 271 25.58 67.57 2.85
CA VAL B 271 24.41 67.11 2.12
C VAL B 271 24.78 66.61 0.72
N ILE B 272 25.74 67.29 0.08
CA ILE B 272 26.17 66.91 -1.26
C ILE B 272 26.97 65.62 -1.23
N THR B 273 27.85 65.48 -0.24
CA THR B 273 28.66 64.27 -0.11
C THR B 273 27.73 63.09 0.08
N ALA B 274 26.79 63.23 1.01
CA ALA B 274 25.82 62.18 1.29
C ALA B 274 25.10 61.80 0.01
N ALA B 275 24.42 62.79 -0.58
CA ALA B 275 23.67 62.58 -1.82
C ALA B 275 24.52 61.90 -2.88
N ASP B 276 25.82 62.20 -2.89
CA ASP B 276 26.73 61.60 -3.86
C ASP B 276 26.96 60.12 -3.57
N LEU B 277 27.39 59.82 -2.35
CA LEU B 277 27.65 58.45 -1.94
C LEU B 277 26.39 57.60 -2.16
N LEU B 278 25.24 58.20 -1.90
CA LEU B 278 23.96 57.53 -2.05
C LEU B 278 23.74 57.06 -3.49
N GLY B 279 23.88 57.99 -4.43
CA GLY B 279 23.68 57.66 -5.83
C GLY B 279 24.90 57.06 -6.51
N ALA B 280 25.91 56.70 -5.71
CA ALA B 280 27.13 56.12 -6.24
C ALA B 280 27.35 54.69 -5.76
N GLY B 281 26.73 54.34 -4.64
CA GLY B 281 26.88 53.00 -4.11
C GLY B 281 25.64 52.15 -4.10
N THR B 282 24.57 52.63 -4.72
CA THR B 282 23.33 51.88 -4.78
C THR B 282 23.12 51.25 -6.16
N GLU B 283 22.85 52.09 -7.15
CA GLU B 283 22.64 51.63 -8.51
C GLU B 283 23.78 50.75 -9.01
N THR B 284 25.00 51.10 -8.62
CA THR B 284 26.19 50.36 -9.04
C THR B 284 26.21 48.94 -8.48
N THR B 285 26.19 48.82 -7.16
CA THR B 285 26.22 47.52 -6.50
C THR B 285 25.02 46.66 -6.89
N SER B 286 23.89 47.32 -7.11
CA SER B 286 22.66 46.62 -7.48
C SER B 286 22.78 45.90 -8.81
N THR B 287 22.99 46.66 -9.89
CA THR B 287 23.13 46.10 -11.23
C THR B 287 24.20 45.03 -11.30
N THR B 288 25.20 45.11 -10.42
CA THR B 288 26.27 44.13 -10.40
C THR B 288 25.78 42.81 -9.85
N LEU B 289 24.95 42.88 -8.81
CA LEU B 289 24.39 41.69 -8.20
C LEU B 289 23.44 41.01 -9.18
N ARG B 290 22.45 41.75 -9.65
CA ARG B 290 21.47 41.22 -10.59
C ARG B 290 22.14 40.56 -11.79
N TYR B 291 23.33 41.03 -12.12
CA TYR B 291 24.07 40.47 -13.25
C TYR B 291 24.79 39.20 -12.86
N ALA B 292 25.31 39.17 -11.64
CA ALA B 292 26.02 38.00 -11.14
C ALA B 292 25.12 36.76 -11.23
N LEU B 293 23.95 36.86 -10.61
CA LEU B 293 22.98 35.77 -10.62
C LEU B 293 22.66 35.32 -12.05
N LEU B 294 22.36 36.28 -12.91
CA LEU B 294 22.05 35.98 -14.31
C LEU B 294 23.14 35.11 -14.91
N LEU B 295 24.39 35.52 -14.71
CA LEU B 295 25.54 34.78 -15.22
C LEU B 295 25.58 33.40 -14.57
N LEU B 296 25.43 33.37 -13.26
CA LEU B 296 25.45 32.11 -12.51
C LEU B 296 24.38 31.15 -13.05
N LEU B 297 23.22 31.70 -13.42
CA LEU B 297 22.13 30.91 -13.96
C LEU B 297 22.58 30.30 -15.29
N LYS B 298 23.35 31.09 -16.04
CA LYS B 298 23.86 30.68 -17.33
C LYS B 298 24.95 29.61 -17.17
N HIS B 299 25.58 29.60 -15.99
CA HIS B 299 26.64 28.65 -15.71
C HIS B 299 26.47 27.98 -14.34
N PRO B 300 25.58 26.98 -14.26
CA PRO B 300 25.33 26.27 -13.00
C PRO B 300 26.59 25.63 -12.43
N GLU B 301 27.51 25.22 -13.30
CA GLU B 301 28.75 24.60 -12.86
C GLU B 301 29.49 25.49 -11.88
N VAL B 302 29.47 26.80 -12.14
CA VAL B 302 30.14 27.76 -11.28
C VAL B 302 29.41 27.90 -9.94
N THR B 303 28.10 28.11 -10.02
CA THR B 303 27.28 28.27 -8.82
C THR B 303 27.50 27.11 -7.85
N ALA B 304 27.56 25.90 -8.40
CA ALA B 304 27.77 24.70 -7.60
C ALA B 304 29.11 24.72 -6.88
N LYS B 305 30.18 24.91 -7.65
CA LYS B 305 31.53 24.94 -7.11
C LYS B 305 31.68 25.99 -6.02
N VAL B 306 30.96 27.11 -6.16
CA VAL B 306 31.02 28.18 -5.19
C VAL B 306 30.36 27.72 -3.89
N GLN B 307 29.18 27.10 -4.01
CA GLN B 307 28.46 26.61 -2.85
C GLN B 307 29.32 25.56 -2.13
N GLU B 308 30.09 24.82 -2.91
CA GLU B 308 30.97 23.79 -2.38
C GLU B 308 32.04 24.44 -1.52
N GLU B 309 32.60 25.54 -2.01
CA GLU B 309 33.64 26.27 -1.28
C GLU B 309 33.06 26.92 -0.04
N ILE B 310 31.81 27.36 -0.13
CA ILE B 310 31.15 28.00 1.00
C ILE B 310 30.94 27.03 2.15
N GLU B 311 30.47 25.83 1.82
CA GLU B 311 30.22 24.80 2.82
C GLU B 311 31.50 24.21 3.39
N ARG B 312 32.57 24.22 2.61
CA ARG B 312 33.85 23.67 3.05
C ARG B 312 34.58 24.63 3.98
N VAL B 313 34.58 25.91 3.64
CA VAL B 313 35.26 26.92 4.44
C VAL B 313 34.41 27.45 5.59
N VAL B 314 33.15 27.77 5.30
CA VAL B 314 32.24 28.29 6.31
C VAL B 314 31.42 27.22 6.99
N GLY B 315 31.04 26.19 6.23
CA GLY B 315 30.24 25.12 6.79
C GLY B 315 28.76 25.42 6.63
N ARG B 316 27.97 25.11 7.65
CA ARG B 316 26.54 25.37 7.59
C ARG B 316 25.93 25.73 8.95
N ASN B 317 26.79 26.05 9.91
CA ASN B 317 26.33 26.44 11.24
C ASN B 317 26.47 27.94 11.43
N ARG B 318 27.33 28.56 10.63
CA ARG B 318 27.55 30.00 10.71
C ARG B 318 27.45 30.64 9.34
N SER B 319 27.17 31.94 9.31
CA SER B 319 27.06 32.67 8.05
C SER B 319 28.46 33.18 7.72
N PRO B 320 28.80 33.25 6.42
CA PRO B 320 30.12 33.72 6.02
C PRO B 320 30.41 35.17 6.39
N CYS B 321 31.70 35.47 6.60
CA CYS B 321 32.14 36.81 6.96
C CYS B 321 33.31 37.18 6.06
N MET B 322 33.72 38.44 6.08
CA MET B 322 34.82 38.90 5.25
C MET B 322 36.12 38.15 5.48
N GLN B 323 36.33 37.65 6.69
CA GLN B 323 37.55 36.91 7.00
C GLN B 323 37.66 35.63 6.17
N ASP B 324 36.52 35.07 5.80
CA ASP B 324 36.49 33.84 5.01
C ASP B 324 36.92 34.15 3.57
N ARG B 325 36.84 35.42 3.19
CA ARG B 325 37.22 35.87 1.86
C ARG B 325 38.62 35.42 1.50
N GLY B 326 39.56 35.58 2.43
CA GLY B 326 40.94 35.20 2.18
C GLY B 326 41.11 33.69 2.16
N HIS B 327 40.01 32.97 2.38
CA HIS B 327 40.05 31.51 2.40
C HIS B 327 39.22 30.91 1.26
N MET B 328 38.46 31.75 0.57
CA MET B 328 37.61 31.30 -0.53
C MET B 328 38.07 31.88 -1.86
N PRO B 329 39.15 31.33 -2.44
CA PRO B 329 39.71 31.76 -3.72
C PRO B 329 38.73 31.77 -4.90
N TYR B 330 38.11 30.63 -5.17
CA TYR B 330 37.18 30.51 -6.29
C TYR B 330 36.06 31.54 -6.22
N THR B 331 35.37 31.59 -5.08
CA THR B 331 34.29 32.55 -4.90
C THR B 331 34.80 33.94 -5.23
N ASP B 332 36.01 34.23 -4.76
CA ASP B 332 36.63 35.53 -5.00
C ASP B 332 36.86 35.69 -6.50
N ALA B 333 37.32 34.63 -7.14
CA ALA B 333 37.60 34.65 -8.58
C ALA B 333 36.32 34.88 -9.37
N VAL B 334 35.20 34.43 -8.82
CA VAL B 334 33.90 34.59 -9.48
C VAL B 334 33.46 36.05 -9.44
N VAL B 335 33.41 36.62 -8.24
CA VAL B 335 33.01 38.01 -8.07
C VAL B 335 33.84 38.91 -9.00
N HIS B 336 35.13 38.64 -9.06
CA HIS B 336 36.04 39.41 -9.91
C HIS B 336 35.63 39.27 -11.37
N GLU B 337 35.46 38.04 -11.82
CA GLU B 337 35.08 37.76 -13.20
C GLU B 337 33.74 38.41 -13.55
N VAL B 338 32.84 38.49 -12.57
CA VAL B 338 31.55 39.09 -12.78
C VAL B 338 31.69 40.58 -13.10
N GLN B 339 32.68 41.22 -12.47
CA GLN B 339 32.92 42.64 -12.70
C GLN B 339 33.68 42.88 -14.00
N ARG B 340 34.70 42.07 -14.25
CA ARG B 340 35.50 42.20 -15.47
C ARG B 340 34.63 41.98 -16.70
N TYR B 341 33.76 40.98 -16.62
CA TYR B 341 32.87 40.63 -17.72
C TYR B 341 31.78 41.65 -18.00
N ILE B 342 31.04 42.04 -16.98
CA ILE B 342 29.95 43.00 -17.16
C ILE B 342 30.41 44.38 -17.60
N ASP B 343 31.51 44.87 -17.01
CA ASP B 343 32.03 46.18 -17.35
C ASP B 343 30.94 47.23 -17.13
N LEU B 344 30.53 47.36 -15.87
CA LEU B 344 29.48 48.30 -15.48
C LEU B 344 29.63 49.67 -16.12
N ILE B 345 30.78 50.31 -15.90
CA ILE B 345 31.03 51.63 -16.46
C ILE B 345 32.10 51.56 -17.53
N PRO B 346 31.70 51.22 -18.77
CA PRO B 346 32.61 51.10 -19.92
C PRO B 346 33.69 52.17 -20.01
N THR B 347 33.26 53.44 -19.97
CA THR B 347 34.20 54.55 -20.07
C THR B 347 34.42 55.29 -18.76
N SER B 348 34.17 54.63 -17.64
CA SER B 348 34.34 55.23 -16.32
C SER B 348 33.76 56.64 -16.31
N LEU B 349 34.19 57.46 -15.36
CA LEU B 349 33.73 58.83 -15.26
C LEU B 349 34.77 59.76 -15.89
N PRO B 350 34.30 60.84 -16.55
CA PRO B 350 35.19 61.80 -17.19
C PRO B 350 36.28 62.34 -16.26
N HIS B 351 37.52 62.28 -16.74
CA HIS B 351 38.67 62.76 -15.99
C HIS B 351 39.21 64.01 -16.66
N ALA B 352 39.96 64.82 -15.91
CA ALA B 352 40.52 66.05 -16.46
C ALA B 352 41.93 66.31 -15.96
N VAL B 353 42.77 66.88 -16.82
CA VAL B 353 44.14 67.21 -16.46
C VAL B 353 44.13 68.49 -15.63
N THR B 354 44.64 68.42 -14.41
CA THR B 354 44.67 69.57 -13.52
C THR B 354 45.68 70.64 -13.95
N CYS B 355 46.52 70.30 -14.92
CA CYS B 355 47.53 71.23 -15.42
C CYS B 355 48.18 70.70 -16.69
N ASP B 356 48.75 71.60 -17.48
CA ASP B 356 49.42 71.20 -18.71
C ASP B 356 50.37 70.05 -18.43
N VAL B 357 50.33 69.02 -19.28
CA VAL B 357 51.18 67.86 -19.11
C VAL B 357 51.53 67.25 -20.46
N LYS B 358 52.74 66.71 -20.57
CA LYS B 358 53.20 66.10 -21.80
C LYS B 358 52.97 64.60 -21.77
N PHE B 359 52.20 64.10 -22.74
CA PHE B 359 51.93 62.67 -22.81
C PHE B 359 52.64 62.11 -24.04
N ARG B 360 53.77 61.43 -23.82
CA ARG B 360 54.55 60.86 -24.90
C ARG B 360 54.92 61.94 -25.91
N ASN B 361 54.34 61.86 -27.10
CA ASN B 361 54.63 62.82 -28.16
C ASN B 361 53.62 63.95 -28.32
N TYR B 362 52.68 64.09 -27.38
CA TYR B 362 51.70 65.17 -27.46
C TYR B 362 51.57 65.97 -26.16
N LEU B 363 50.89 67.11 -26.26
CA LEU B 363 50.66 67.98 -25.11
C LEU B 363 49.16 68.15 -24.88
N ILE B 364 48.75 68.10 -23.62
CA ILE B 364 47.34 68.24 -23.27
C ILE B 364 47.10 69.48 -22.42
N PRO B 365 46.40 70.48 -22.98
CA PRO B 365 46.11 71.73 -22.26
C PRO B 365 45.36 71.49 -20.96
N LYS B 366 45.79 72.17 -19.90
CA LYS B 366 45.17 72.04 -18.59
C LYS B 366 43.65 72.15 -18.66
N GLY B 367 42.96 71.40 -17.82
CA GLY B 367 41.51 71.44 -17.81
C GLY B 367 40.84 70.62 -18.90
N THR B 368 41.65 69.90 -19.69
CA THR B 368 41.12 69.09 -20.77
C THR B 368 40.41 67.84 -20.23
N THR B 369 39.35 67.44 -20.92
CA THR B 369 38.57 66.27 -20.53
C THR B 369 39.21 64.99 -21.08
N ILE B 370 39.55 64.07 -20.18
CA ILE B 370 40.17 62.80 -20.56
C ILE B 370 39.19 61.65 -20.36
N LEU B 371 39.09 60.77 -21.34
CA LEU B 371 38.20 59.62 -21.27
C LEU B 371 39.00 58.31 -21.22
N THR B 372 39.05 57.71 -20.03
CA THR B 372 39.77 56.45 -19.85
C THR B 372 38.87 55.27 -20.14
N SER B 373 39.19 54.54 -21.20
CA SER B 373 38.39 53.37 -21.59
C SER B 373 38.69 52.16 -20.71
N LEU B 374 37.88 51.99 -19.67
CA LEU B 374 38.06 50.86 -18.75
C LEU B 374 37.79 49.55 -19.47
N THR B 375 36.98 49.62 -20.52
CA THR B 375 36.63 48.43 -21.30
C THR B 375 37.85 47.81 -21.96
N SER B 376 38.69 48.66 -22.56
CA SER B 376 39.89 48.19 -23.24
C SER B 376 40.77 47.33 -22.33
N VAL B 377 40.76 47.65 -21.04
CA VAL B 377 41.56 46.91 -20.06
C VAL B 377 40.87 45.63 -19.63
N LEU B 378 39.74 45.78 -18.94
CA LEU B 378 38.97 44.65 -18.44
C LEU B 378 38.82 43.53 -19.47
N HIS B 379 38.73 43.90 -20.76
CA HIS B 379 38.58 42.92 -21.82
C HIS B 379 39.78 42.81 -22.74
N ASP B 380 40.98 42.86 -22.16
CA ASP B 380 42.20 42.75 -22.95
C ASP B 380 42.48 41.28 -23.25
N ASN B 381 42.47 40.93 -24.52
CA ASN B 381 42.72 39.55 -24.95
C ASN B 381 44.06 38.99 -24.47
N LYS B 382 44.88 39.84 -23.86
CA LYS B 382 46.18 39.40 -23.36
C LYS B 382 46.12 38.91 -21.92
N GLU B 383 45.81 39.82 -21.00
CA GLU B 383 45.74 39.48 -19.58
C GLU B 383 44.62 38.46 -19.36
N PHE B 384 43.60 38.51 -20.21
CA PHE B 384 42.49 37.58 -20.10
C PHE B 384 42.16 36.93 -21.44
N PRO B 385 42.84 35.82 -21.77
CA PRO B 385 42.57 35.15 -23.05
C PRO B 385 41.08 34.86 -23.16
N ASN B 386 40.50 35.18 -24.31
CA ASN B 386 39.07 34.97 -24.50
C ASN B 386 38.30 35.79 -23.46
N PRO B 387 38.47 37.12 -23.50
CA PRO B 387 37.79 38.02 -22.55
C PRO B 387 36.28 38.09 -22.77
N GLU B 388 35.85 37.68 -23.95
CA GLU B 388 34.43 37.71 -24.30
C GLU B 388 33.63 36.71 -23.46
N MET B 389 34.27 35.60 -23.11
CA MET B 389 33.60 34.56 -22.32
C MET B 389 33.76 34.76 -20.82
N PHE B 390 32.72 34.39 -20.08
CA PHE B 390 32.72 34.50 -18.62
C PHE B 390 33.39 33.25 -18.06
N ASP B 391 34.58 33.41 -17.48
CA ASP B 391 35.30 32.28 -16.92
C ASP B 391 36.10 32.68 -15.68
N PRO B 392 35.65 32.23 -14.50
CA PRO B 392 36.30 32.52 -13.22
C PRO B 392 37.79 32.18 -13.21
N ARG B 393 38.23 31.38 -14.18
CA ARG B 393 39.62 30.98 -14.27
C ARG B 393 40.53 32.17 -14.61
N HIS B 394 39.96 33.19 -15.26
CA HIS B 394 40.72 34.38 -15.62
C HIS B 394 41.45 34.94 -14.41
N PHE B 395 40.94 34.62 -13.22
CA PHE B 395 41.53 35.08 -11.97
C PHE B 395 41.95 33.91 -11.09
N LEU B 396 42.35 32.81 -11.72
CA LEU B 396 42.79 31.63 -10.98
C LEU B 396 44.20 31.19 -11.33
N ASP B 397 44.96 30.82 -10.30
CA ASP B 397 46.34 30.38 -10.46
C ASP B 397 46.39 29.01 -11.12
N GLU B 398 47.52 28.71 -11.76
CA GLU B 398 47.70 27.42 -12.43
C GLU B 398 47.47 26.27 -11.45
N GLY B 399 47.51 26.57 -10.16
CA GLY B 399 47.31 25.56 -9.15
C GLY B 399 45.95 25.65 -8.48
N GLY B 400 45.25 26.76 -8.70
CA GLY B 400 43.94 26.94 -8.11
C GLY B 400 43.84 28.11 -7.14
N ASN B 401 44.95 28.82 -6.97
CA ASN B 401 44.97 29.97 -6.07
C ASN B 401 44.51 31.23 -6.80
N PHE B 402 43.97 32.18 -6.06
CA PHE B 402 43.51 33.43 -6.66
C PHE B 402 44.67 34.31 -7.11
N LYS B 403 44.67 34.68 -8.38
CA LYS B 403 45.71 35.54 -8.93
C LYS B 403 45.15 36.94 -9.13
N LYS B 404 45.97 37.95 -8.87
CA LYS B 404 45.53 39.33 -9.06
C LYS B 404 45.84 39.75 -10.49
N SER B 405 45.42 40.95 -10.86
CA SER B 405 45.65 41.46 -12.21
C SER B 405 45.52 42.97 -12.26
N ASN B 406 46.61 43.65 -12.58
CA ASN B 406 46.60 45.10 -12.67
C ASN B 406 45.50 45.53 -13.63
N TYR B 407 45.15 44.63 -14.55
CA TYR B 407 44.10 44.89 -15.54
C TYR B 407 42.71 44.92 -14.95
N PHE B 408 42.61 44.76 -13.62
CA PHE B 408 41.31 44.77 -12.96
C PHE B 408 40.96 46.18 -12.51
N MET B 409 40.29 46.93 -13.39
CA MET B 409 39.90 48.30 -13.07
C MET B 409 38.40 48.59 -13.20
N PRO B 410 37.55 47.72 -12.61
CA PRO B 410 36.11 47.98 -12.70
C PRO B 410 35.78 49.24 -11.89
N PHE B 411 36.63 49.51 -10.91
CA PHE B 411 36.48 50.66 -10.03
C PHE B 411 37.41 51.77 -10.54
N SER B 412 37.99 51.54 -11.71
CA SER B 412 38.93 52.48 -12.32
C SER B 412 40.28 52.33 -11.60
N ALA B 413 41.10 53.37 -11.66
CA ALA B 413 42.41 53.32 -11.00
C ALA B 413 43.05 54.70 -10.90
N GLY B 414 43.85 54.88 -9.85
CA GLY B 414 44.53 56.15 -9.65
C GLY B 414 44.07 56.89 -8.43
N LYS B 415 44.23 58.22 -8.45
CA LYS B 415 43.85 59.08 -7.35
C LYS B 415 42.33 59.17 -7.24
N ARG B 416 41.67 59.13 -8.39
CA ARG B 416 40.21 59.23 -8.46
C ARG B 416 39.46 57.89 -8.34
N ILE B 417 40.20 56.79 -8.21
CA ILE B 417 39.59 55.48 -8.11
C ILE B 417 38.40 55.49 -7.14
N CYS B 418 37.44 54.61 -7.38
CA CYS B 418 36.24 54.52 -6.55
C CYS B 418 36.55 54.63 -5.06
N VAL B 419 35.91 55.60 -4.41
CA VAL B 419 36.09 55.82 -2.98
C VAL B 419 35.48 54.70 -2.14
N GLY B 420 34.50 54.00 -2.72
CA GLY B 420 33.84 52.92 -2.00
C GLY B 420 34.10 51.54 -2.53
N GLU B 421 35.31 51.30 -3.05
CA GLU B 421 35.65 49.99 -3.57
C GLU B 421 35.58 48.95 -2.46
N GLY B 422 35.92 49.37 -1.25
CA GLY B 422 35.89 48.47 -0.12
C GLY B 422 34.50 47.96 0.16
N LEU B 423 33.57 48.87 0.42
CA LEU B 423 32.18 48.51 0.70
C LEU B 423 31.66 47.61 -0.41
N ALA B 424 31.90 48.01 -1.65
CA ALA B 424 31.46 47.26 -2.82
C ALA B 424 31.90 45.80 -2.78
N ARG B 425 33.21 45.57 -2.66
CA ARG B 425 33.73 44.21 -2.61
C ARG B 425 33.16 43.43 -1.44
N MET B 426 32.94 44.11 -0.32
CA MET B 426 32.40 43.46 0.87
C MET B 426 30.99 42.95 0.57
N GLU B 427 30.17 43.83 0.01
CA GLU B 427 28.79 43.47 -0.33
C GLU B 427 28.75 42.36 -1.37
N LEU B 428 29.52 42.52 -2.44
CA LEU B 428 29.58 41.54 -3.52
C LEU B 428 29.97 40.15 -3.03
N PHE B 429 30.77 40.10 -1.96
CA PHE B 429 31.22 38.82 -1.42
C PHE B 429 30.23 38.23 -0.42
N LEU B 430 29.61 39.09 0.39
CA LEU B 430 28.66 38.61 1.38
C LEU B 430 27.28 38.29 0.81
N PHE B 431 26.68 39.26 0.12
CA PHE B 431 25.36 39.04 -0.47
C PHE B 431 25.32 37.82 -1.38
N LEU B 432 26.34 37.64 -2.20
CA LEU B 432 26.40 36.49 -3.11
C LEU B 432 26.48 35.17 -2.36
N THR B 433 27.39 35.09 -1.39
CA THR B 433 27.56 33.87 -0.62
C THR B 433 26.34 33.57 0.24
N PHE B 434 25.82 34.60 0.91
CA PHE B 434 24.64 34.44 1.75
C PHE B 434 23.48 33.85 0.96
N ILE B 435 23.45 34.11 -0.34
CA ILE B 435 22.38 33.60 -1.20
C ILE B 435 22.66 32.19 -1.69
N LEU B 436 23.91 31.93 -2.07
CA LEU B 436 24.29 30.60 -2.56
C LEU B 436 24.40 29.58 -1.44
N GLN B 437 24.26 30.04 -0.20
CA GLN B 437 24.34 29.15 0.95
C GLN B 437 22.95 28.79 1.48
N ASN B 438 21.96 29.58 1.10
CA ASN B 438 20.59 29.34 1.56
C ASN B 438 19.61 29.17 0.39
N PHE B 439 20.13 29.18 -0.83
CA PHE B 439 19.27 29.03 -2.01
C PHE B 439 19.95 28.38 -3.20
N ASN B 440 19.13 27.98 -4.16
CA ASN B 440 19.61 27.37 -5.40
C ASN B 440 18.89 28.12 -6.52
N LEU B 441 19.65 28.58 -7.51
CA LEU B 441 19.08 29.33 -8.61
C LEU B 441 18.44 28.45 -9.68
N LYS B 442 17.17 28.73 -9.96
CA LYS B 442 16.42 27.97 -10.96
C LYS B 442 15.88 28.92 -12.02
N SER B 443 16.37 28.78 -13.25
CA SER B 443 15.96 29.64 -14.35
C SER B 443 14.64 29.16 -14.98
N LEU B 444 13.90 30.10 -15.56
CA LEU B 444 12.63 29.78 -16.20
C LEU B 444 12.85 29.33 -17.64
N ILE B 445 13.94 29.81 -18.24
CA ILE B 445 14.28 29.45 -19.61
C ILE B 445 15.52 28.57 -19.60
N ASP B 446 15.61 27.66 -20.57
CA ASP B 446 16.75 26.76 -20.66
C ASP B 446 18.06 27.55 -20.62
N PRO B 447 18.87 27.33 -19.56
CA PRO B 447 20.15 28.02 -19.39
C PRO B 447 20.99 28.02 -20.66
N LYS B 448 21.07 26.84 -21.28
CA LYS B 448 21.83 26.65 -22.51
C LYS B 448 21.36 27.61 -23.60
N ASP B 449 20.16 28.15 -23.42
CA ASP B 449 19.59 29.06 -24.40
C ASP B 449 19.40 30.47 -23.83
N LEU B 450 20.03 30.74 -22.69
CA LEU B 450 19.94 32.05 -22.05
C LEU B 450 20.96 33.00 -22.67
N ASP B 451 20.72 34.30 -22.52
CA ASP B 451 21.63 35.31 -23.08
C ASP B 451 22.08 36.33 -22.04
N THR B 452 23.33 36.20 -21.59
CA THR B 452 23.89 37.11 -20.60
C THR B 452 24.66 38.26 -21.24
N THR B 453 24.24 38.67 -22.43
CA THR B 453 24.89 39.76 -23.14
C THR B 453 24.36 41.11 -22.68
N PRO B 454 25.27 42.06 -22.40
CA PRO B 454 24.91 43.41 -21.94
C PRO B 454 24.03 44.18 -22.92
N VAL B 455 23.19 45.07 -22.39
CA VAL B 455 22.32 45.88 -23.22
C VAL B 455 22.88 47.30 -23.22
N VAL B 456 24.00 47.48 -23.91
CA VAL B 456 24.67 48.77 -23.99
C VAL B 456 23.74 49.90 -24.43
N ASN B 457 23.83 51.02 -23.72
CA ASN B 457 23.03 52.21 -24.00
C ASN B 457 23.51 53.37 -23.14
N GLY B 458 23.88 54.46 -23.79
CA GLY B 458 24.36 55.62 -23.06
C GLY B 458 25.78 55.41 -22.56
N PHE B 459 25.95 55.41 -21.24
CA PHE B 459 27.27 55.21 -20.66
C PHE B 459 27.32 53.93 -19.82
N ALA B 460 26.34 53.78 -18.93
CA ALA B 460 26.26 52.61 -18.06
C ALA B 460 25.82 51.36 -18.81
N SER B 461 26.08 50.21 -18.22
CA SER B 461 25.71 48.93 -18.82
C SER B 461 24.71 48.21 -17.92
N VAL B 462 23.74 47.53 -18.53
CA VAL B 462 22.73 46.80 -17.79
C VAL B 462 22.39 45.46 -18.43
N PRO B 463 22.18 44.42 -17.61
CA PRO B 463 21.85 43.08 -18.10
C PRO B 463 20.40 43.00 -18.59
N PRO B 464 20.10 42.04 -19.47
CA PRO B 464 18.74 41.88 -20.00
C PRO B 464 17.78 41.42 -18.91
N PHE B 465 16.49 41.61 -19.15
CA PHE B 465 15.47 41.21 -18.19
C PHE B 465 15.41 39.69 -18.08
N TYR B 466 15.45 39.19 -16.84
CA TYR B 466 15.39 37.75 -16.61
C TYR B 466 14.71 37.45 -15.28
N GLN B 467 14.05 36.29 -15.23
CA GLN B 467 13.35 35.85 -14.02
C GLN B 467 13.95 34.55 -13.53
N LEU B 468 13.80 34.27 -12.24
CA LEU B 468 14.33 33.04 -11.66
C LEU B 468 13.63 32.69 -10.36
N CYS B 469 14.00 31.54 -9.80
CA CYS B 469 13.41 31.06 -8.55
C CYS B 469 14.52 30.77 -7.54
N PHE B 470 14.25 31.08 -6.28
CA PHE B 470 15.23 30.87 -5.21
C PHE B 470 14.83 29.66 -4.36
N ILE B 471 15.36 28.49 -4.73
CA ILE B 471 15.07 27.26 -4.00
C ILE B 471 15.85 27.16 -2.69
N PRO B 472 15.13 27.17 -1.56
CA PRO B 472 15.75 27.07 -0.23
C PRO B 472 16.55 25.79 -0.06
N ILE B 473 17.32 25.72 1.03
CA ILE B 473 18.13 24.55 1.31
C ILE B 473 17.89 24.06 2.74
N LEU C 12 -5.86 -30.46 0.38
CA LEU C 12 -5.44 -30.15 1.77
C LEU C 12 -5.30 -28.65 2.02
N PRO C 13 -5.85 -28.17 3.15
CA PRO C 13 -5.79 -26.76 3.51
C PRO C 13 -4.35 -26.27 3.62
N PRO C 14 -4.14 -24.94 3.54
CA PRO C 14 -2.79 -24.39 3.63
C PRO C 14 -2.15 -24.72 4.97
N GLY C 15 -1.00 -24.10 5.25
CA GLY C 15 -0.33 -24.36 6.50
C GLY C 15 1.18 -24.25 6.39
N PRO C 16 1.89 -24.12 7.52
CA PRO C 16 3.35 -24.01 7.55
C PRO C 16 4.05 -25.31 7.16
N THR C 17 5.19 -25.19 6.51
CA THR C 17 5.96 -26.36 6.10
C THR C 17 6.49 -27.05 7.34
N PRO C 18 6.43 -28.40 7.37
CA PRO C 18 6.92 -29.17 8.52
C PRO C 18 8.28 -29.83 8.29
N LEU C 19 8.96 -30.15 9.38
CA LEU C 19 10.25 -30.82 9.31
C LEU C 19 10.03 -32.31 9.04
N PRO C 20 11.12 -33.05 8.87
CA PRO C 20 11.04 -34.44 8.39
C PRO C 20 10.23 -35.46 9.25
N VAL C 21 10.36 -35.46 10.57
CA VAL C 21 9.57 -36.38 11.39
C VAL C 21 8.80 -35.76 12.55
N ILE C 22 9.19 -34.56 12.97
CA ILE C 22 8.51 -33.91 14.09
C ILE C 22 7.39 -32.97 13.64
N GLY C 23 7.16 -32.91 12.33
CA GLY C 23 6.12 -32.04 11.82
C GLY C 23 6.35 -30.58 12.16
N ASN C 24 5.34 -29.93 12.72
CA ASN C 24 5.44 -28.52 13.08
C ASN C 24 5.62 -28.28 14.57
N ILE C 25 5.79 -29.35 15.34
CA ILE C 25 5.95 -29.22 16.79
C ILE C 25 7.00 -28.18 17.17
N LEU C 26 7.89 -27.86 16.22
CA LEU C 26 8.95 -26.88 16.46
C LEU C 26 8.54 -25.47 16.04
N GLN C 27 7.30 -25.32 15.61
CA GLN C 27 6.80 -24.02 15.17
C GLN C 27 5.58 -23.59 15.96
N ILE C 28 5.20 -24.39 16.95
CA ILE C 28 4.04 -24.06 17.79
C ILE C 28 4.44 -24.02 19.27
N ASP C 29 4.31 -22.85 19.87
CA ASP C 29 4.65 -22.68 21.28
C ASP C 29 3.89 -23.69 22.12
N ILE C 30 4.60 -24.68 22.66
CA ILE C 30 3.97 -25.72 23.47
C ILE C 30 3.49 -25.15 24.80
N LYS C 31 4.14 -24.06 25.25
CA LYS C 31 3.77 -23.42 26.50
C LYS C 31 2.29 -23.02 26.51
N ASP C 32 1.71 -22.92 25.32
CA ASP C 32 0.31 -22.54 25.17
C ASP C 32 -0.14 -22.80 23.74
N VAL C 33 -0.39 -24.07 23.43
CA VAL C 33 -0.82 -24.49 22.11
C VAL C 33 -2.00 -23.66 21.59
N SER C 34 -2.91 -23.31 22.50
CA SER C 34 -4.08 -22.53 22.13
C SER C 34 -3.70 -21.19 21.50
N LYS C 35 -2.87 -20.42 22.20
CA LYS C 35 -2.43 -19.12 21.71
C LYS C 35 -1.70 -19.26 20.37
N SER C 36 -0.97 -20.35 20.21
CA SER C 36 -0.23 -20.61 18.98
C SER C 36 -1.17 -20.78 17.78
N LEU C 37 -2.16 -21.65 17.95
CA LEU C 37 -3.13 -21.91 16.88
C LEU C 37 -3.80 -20.61 16.43
N THR C 38 -4.10 -19.74 17.40
CA THR C 38 -4.73 -18.46 17.09
C THR C 38 -3.78 -17.60 16.26
N ASN C 39 -2.49 -17.66 16.58
CA ASN C 39 -1.50 -16.89 15.85
C ASN C 39 -1.33 -17.45 14.43
N LEU C 40 -1.38 -18.78 14.31
CA LEU C 40 -1.26 -19.42 13.01
C LEU C 40 -2.44 -19.07 12.11
N SER C 41 -3.61 -18.95 12.70
CA SER C 41 -4.82 -18.62 11.94
C SER C 41 -4.67 -17.22 11.36
N LYS C 42 -4.01 -16.34 12.10
CA LYS C 42 -3.80 -14.96 11.67
C LYS C 42 -2.98 -14.92 10.39
N ILE C 43 -2.36 -16.05 10.05
CA ILE C 43 -1.53 -16.14 8.85
C ILE C 43 -2.14 -17.02 7.76
N TYR C 44 -2.50 -18.24 8.11
CA TYR C 44 -3.06 -19.19 7.17
C TYR C 44 -4.58 -19.18 7.09
N GLY C 45 -5.22 -18.34 7.90
CA GLY C 45 -6.67 -18.25 7.88
C GLY C 45 -7.34 -19.12 8.92
N PRO C 46 -8.65 -19.35 8.79
CA PRO C 46 -9.43 -20.17 9.74
C PRO C 46 -9.31 -21.67 9.51
N VAL C 47 -8.72 -22.07 8.39
CA VAL C 47 -8.57 -23.48 8.07
C VAL C 47 -7.19 -23.80 7.51
N PHE C 48 -6.32 -24.35 8.33
CA PHE C 48 -4.97 -24.69 7.91
C PHE C 48 -4.56 -26.09 8.37
N THR C 49 -3.46 -26.59 7.82
CA THR C 49 -2.97 -27.93 8.16
C THR C 49 -1.72 -27.91 9.03
N LEU C 50 -1.72 -28.75 10.07
CA LEU C 50 -0.59 -28.86 10.98
C LEU C 50 -0.17 -30.32 11.14
N TYR C 51 1.13 -30.56 11.16
CA TYR C 51 1.65 -31.91 11.32
C TYR C 51 2.23 -32.10 12.72
N PHE C 52 1.53 -32.87 13.55
CA PHE C 52 1.98 -33.13 14.91
C PHE C 52 2.68 -34.47 15.03
N GLY C 53 4.01 -34.44 14.88
CA GLY C 53 4.79 -35.65 14.98
C GLY C 53 4.43 -36.71 13.97
N LEU C 54 4.54 -36.37 12.68
CA LEU C 54 4.23 -37.30 11.60
C LEU C 54 2.73 -37.56 11.48
N GLU C 55 1.94 -36.84 12.27
CA GLU C 55 0.50 -37.00 12.25
C GLU C 55 -0.19 -35.74 11.74
N ARG C 56 -0.66 -35.78 10.50
CA ARG C 56 -1.34 -34.64 9.89
C ARG C 56 -2.70 -34.40 10.54
N MET C 57 -3.10 -33.14 10.62
CA MET C 57 -4.38 -32.77 11.20
C MET C 57 -4.79 -31.36 10.80
N VAL C 58 -6.06 -31.21 10.41
CA VAL C 58 -6.58 -29.91 9.99
C VAL C 58 -7.10 -29.15 11.22
N VAL C 59 -6.76 -27.87 11.30
CA VAL C 59 -7.19 -27.04 12.42
C VAL C 59 -8.30 -26.09 12.00
N LEU C 60 -9.34 -25.99 12.83
CA LEU C 60 -10.46 -25.11 12.56
C LEU C 60 -10.46 -23.96 13.56
N HIS C 61 -10.50 -22.74 13.06
CA HIS C 61 -10.48 -21.56 13.92
C HIS C 61 -11.63 -20.62 13.57
N GLY C 62 -12.18 -19.97 14.59
CA GLY C 62 -13.28 -19.05 14.38
C GLY C 62 -14.63 -19.74 14.45
N TYR C 63 -15.63 -19.05 15.01
CA TYR C 63 -16.97 -19.61 15.15
C TYR C 63 -17.51 -20.19 13.85
N GLU C 64 -17.61 -19.35 12.82
CA GLU C 64 -18.12 -19.78 11.52
C GLU C 64 -17.63 -21.17 11.13
N VAL C 65 -16.33 -21.29 10.92
CA VAL C 65 -15.71 -22.56 10.53
C VAL C 65 -16.13 -23.71 11.43
N VAL C 66 -16.12 -23.47 12.74
CA VAL C 66 -16.49 -24.49 13.71
C VAL C 66 -17.85 -25.14 13.42
N LYS C 67 -18.92 -24.37 13.56
CA LYS C 67 -20.26 -24.88 13.33
C LYS C 67 -20.44 -25.48 11.94
N GLU C 68 -19.78 -24.91 10.94
CA GLU C 68 -19.87 -25.41 9.59
C GLU C 68 -19.52 -26.89 9.50
N ALA C 69 -18.50 -27.30 10.24
CA ALA C 69 -18.06 -28.69 10.25
C ALA C 69 -18.69 -29.48 11.39
N LEU C 70 -18.67 -28.88 12.58
CA LEU C 70 -19.22 -29.53 13.77
C LEU C 70 -20.74 -29.72 13.73
N ILE C 71 -21.47 -28.71 13.28
CA ILE C 71 -22.92 -28.79 13.23
C ILE C 71 -23.49 -29.04 11.84
N ASP C 72 -23.18 -28.16 10.89
CA ASP C 72 -23.70 -28.29 9.53
C ASP C 72 -23.28 -29.60 8.86
N LEU C 73 -22.21 -30.21 9.37
CA LEU C 73 -21.71 -31.47 8.84
C LEU C 73 -21.34 -32.40 9.98
N GLY C 74 -22.10 -32.31 11.08
CA GLY C 74 -21.86 -33.13 12.25
C GLY C 74 -21.31 -34.52 11.97
N GLU C 75 -22.13 -35.37 11.37
CA GLU C 75 -21.71 -36.74 11.06
C GLU C 75 -20.33 -36.81 10.44
N GLU C 76 -20.03 -35.91 9.50
CA GLU C 76 -18.73 -35.90 8.86
C GLU C 76 -17.62 -35.69 9.89
N PHE C 77 -17.89 -34.90 10.90
CA PHE C 77 -16.91 -34.62 11.95
C PHE C 77 -17.33 -35.23 13.29
N SER C 78 -17.97 -36.39 13.24
CA SER C 78 -18.42 -37.07 14.45
C SER C 78 -17.44 -38.15 14.91
N GLY C 79 -16.24 -38.13 14.34
CA GLY C 79 -15.24 -39.12 14.71
C GLY C 79 -14.31 -38.66 15.82
N ARG C 80 -13.61 -39.61 16.43
CA ARG C 80 -12.68 -39.30 17.51
C ARG C 80 -11.25 -39.18 16.99
N GLY C 81 -10.64 -38.02 17.21
CA GLY C 81 -9.29 -37.77 16.75
C GLY C 81 -8.23 -38.68 17.35
N HIS C 82 -6.99 -38.45 16.94
CA HIS C 82 -5.85 -39.23 17.39
C HIS C 82 -5.55 -39.00 18.88
N PHE C 83 -5.27 -40.09 19.59
CA PHE C 83 -4.95 -40.02 21.01
C PHE C 83 -4.29 -41.35 21.41
N PRO C 84 -2.96 -41.45 21.26
CA PRO C 84 -2.20 -42.67 21.59
C PRO C 84 -2.41 -43.22 23.01
N LEU C 85 -2.42 -42.34 24.00
CA LEU C 85 -2.62 -42.77 25.39
C LEU C 85 -3.98 -43.44 25.59
N ALA C 86 -5.00 -42.88 24.96
CA ALA C 86 -6.35 -43.42 25.08
C ALA C 86 -6.49 -44.79 24.43
N GLU C 87 -5.97 -44.92 23.22
CA GLU C 87 -6.04 -46.18 22.48
C GLU C 87 -5.58 -47.37 23.33
N ARG C 88 -4.41 -47.23 23.94
CA ARG C 88 -3.83 -48.28 24.77
C ARG C 88 -4.67 -48.63 25.99
N ALA C 89 -5.18 -47.61 26.68
CA ALA C 89 -5.99 -47.83 27.87
C ALA C 89 -7.40 -48.31 27.56
N ASN C 90 -8.23 -47.41 27.04
CA ASN C 90 -9.61 -47.74 26.70
C ASN C 90 -9.71 -48.86 25.66
N ARG C 91 -8.68 -49.00 24.84
CA ARG C 91 -8.64 -50.04 23.82
C ARG C 91 -9.89 -50.06 22.94
N GLY C 92 -10.39 -48.88 22.59
CA GLY C 92 -11.57 -48.80 21.73
C GLY C 92 -12.90 -48.91 22.45
N PHE C 93 -12.88 -49.04 23.76
CA PHE C 93 -14.12 -49.14 24.52
C PHE C 93 -14.49 -47.81 25.15
N GLY C 94 -15.62 -47.79 25.85
CA GLY C 94 -16.07 -46.58 26.50
C GLY C 94 -16.93 -45.67 25.65
N ILE C 95 -16.99 -44.40 26.06
CA ILE C 95 -17.79 -43.39 25.37
C ILE C 95 -16.90 -42.30 24.75
N VAL C 96 -15.94 -41.82 25.54
CA VAL C 96 -15.03 -40.77 25.12
C VAL C 96 -14.12 -41.11 23.94
N PHE C 97 -13.54 -42.30 23.92
CA PHE C 97 -12.64 -42.67 22.84
C PHE C 97 -13.07 -43.92 22.06
N SER C 98 -14.19 -43.81 21.35
CA SER C 98 -14.71 -44.91 20.55
C SER C 98 -15.40 -44.35 19.31
N ASN C 99 -15.59 -45.18 18.30
CA ASN C 99 -16.23 -44.74 17.06
C ASN C 99 -17.19 -45.79 16.52
N GLY C 100 -17.85 -45.45 15.42
CA GLY C 100 -18.79 -46.37 14.80
C GLY C 100 -19.98 -46.73 15.68
N LYS C 101 -20.64 -47.82 15.34
CA LYS C 101 -21.80 -48.29 16.09
C LYS C 101 -21.49 -48.43 17.58
N ARG C 102 -20.23 -48.70 17.90
CA ARG C 102 -19.81 -48.85 19.29
C ARG C 102 -20.09 -47.55 20.03
N TRP C 103 -19.54 -46.45 19.52
CA TRP C 103 -19.73 -45.15 20.14
C TRP C 103 -21.18 -44.69 20.09
N LYS C 104 -21.76 -44.68 18.89
CA LYS C 104 -23.15 -44.25 18.72
C LYS C 104 -24.11 -44.94 19.68
N GLU C 105 -23.99 -46.25 19.83
CA GLU C 105 -24.86 -46.98 20.73
C GLU C 105 -24.56 -46.70 22.20
N ILE C 106 -23.31 -46.82 22.59
CA ILE C 106 -22.91 -46.57 23.96
C ILE C 106 -23.24 -45.15 24.40
N ARG C 107 -23.18 -44.21 23.45
CA ARG C 107 -23.49 -42.81 23.75
C ARG C 107 -24.97 -42.63 24.05
N ARG C 108 -25.82 -43.17 23.17
CA ARG C 108 -27.26 -43.06 23.35
C ARG C 108 -27.68 -43.53 24.73
N PHE C 109 -27.45 -44.81 25.01
CA PHE C 109 -27.80 -45.37 26.31
C PHE C 109 -27.35 -44.47 27.44
N SER C 110 -26.14 -43.93 27.33
CA SER C 110 -25.60 -43.04 28.35
C SER C 110 -26.35 -41.72 28.35
N LEU C 111 -26.62 -41.21 27.16
CA LEU C 111 -27.33 -39.95 27.00
C LEU C 111 -28.72 -40.03 27.64
N MET C 112 -29.37 -41.18 27.46
CA MET C 112 -30.71 -41.40 28.01
C MET C 112 -30.62 -41.57 29.53
N THR C 113 -29.85 -42.57 29.95
CA THR C 113 -29.67 -42.87 31.37
C THR C 113 -29.28 -41.66 32.21
N LEU C 114 -28.74 -40.63 31.57
CA LEU C 114 -28.33 -39.43 32.30
C LEU C 114 -29.43 -38.38 32.43
N ARG C 115 -30.57 -38.62 31.80
CA ARG C 115 -31.67 -37.67 31.90
C ARG C 115 -32.09 -37.57 33.36
N ASN C 116 -32.73 -36.46 33.72
CA ASN C 116 -33.16 -36.23 35.10
C ASN C 116 -33.89 -37.44 35.67
N PHE C 117 -34.77 -38.05 34.88
CA PHE C 117 -35.50 -39.23 35.32
C PHE C 117 -35.30 -40.38 34.34
N GLY C 118 -34.05 -40.59 33.92
CA GLY C 118 -33.75 -41.65 32.98
C GLY C 118 -33.54 -43.01 33.62
N MET C 119 -33.03 -43.03 34.83
CA MET C 119 -32.78 -44.29 35.53
C MET C 119 -33.34 -44.33 36.95
N GLY C 120 -34.38 -45.12 37.15
CA GLY C 120 -34.99 -45.26 38.45
C GLY C 120 -35.93 -44.12 38.82
N LYS C 121 -36.42 -44.16 40.06
CA LYS C 121 -37.33 -43.14 40.56
C LYS C 121 -36.57 -41.89 41.00
N ARG C 122 -35.53 -42.08 41.80
CA ARG C 122 -34.70 -40.98 42.29
C ARG C 122 -34.19 -40.17 41.11
N SER C 123 -34.34 -38.84 41.20
CA SER C 123 -33.90 -37.95 40.12
C SER C 123 -32.42 -37.61 40.22
N ILE C 124 -31.84 -37.22 39.09
CA ILE C 124 -30.43 -36.85 39.05
C ILE C 124 -30.19 -35.63 39.92
N GLU C 125 -31.15 -34.72 39.91
CA GLU C 125 -31.05 -33.50 40.71
C GLU C 125 -31.12 -33.85 42.19
N ASP C 126 -31.88 -34.88 42.51
CA ASP C 126 -32.02 -35.32 43.90
C ASP C 126 -30.66 -35.68 44.45
N ARG C 127 -29.82 -36.27 43.60
CA ARG C 127 -28.47 -36.66 43.98
C ARG C 127 -27.58 -35.44 44.16
N VAL C 128 -27.71 -34.48 43.25
CA VAL C 128 -26.91 -33.25 43.33
C VAL C 128 -27.30 -32.51 44.61
N GLN C 129 -28.60 -32.32 44.79
CA GLN C 129 -29.13 -31.63 45.98
C GLN C 129 -28.46 -32.17 47.24
N GLU C 130 -28.52 -33.49 47.41
CA GLU C 130 -27.94 -34.14 48.58
C GLU C 130 -26.44 -33.87 48.70
N GLU C 131 -25.71 -34.05 47.61
CA GLU C 131 -24.27 -33.81 47.63
C GLU C 131 -24.00 -32.35 47.95
N ALA C 132 -24.84 -31.47 47.41
CA ALA C 132 -24.69 -30.04 47.65
C ALA C 132 -24.77 -29.76 49.14
N ARG C 133 -25.66 -30.49 49.82
CA ARG C 133 -25.81 -30.34 51.27
C ARG C 133 -24.54 -30.77 51.99
N CYS C 134 -23.98 -31.90 51.58
CA CYS C 134 -22.77 -32.40 52.20
C CYS C 134 -21.64 -31.41 51.99
N LEU C 135 -21.63 -30.77 50.83
CA LEU C 135 -20.60 -29.79 50.50
C LEU C 135 -20.61 -28.61 51.46
N VAL C 136 -21.78 -27.98 51.62
CA VAL C 136 -21.91 -26.84 52.52
C VAL C 136 -21.57 -27.21 53.96
N GLU C 137 -21.99 -28.40 54.38
CA GLU C 137 -21.71 -28.86 55.74
C GLU C 137 -20.22 -29.04 55.93
N GLU C 138 -19.58 -29.73 55.00
CA GLU C 138 -18.14 -29.96 55.06
C GLU C 138 -17.39 -28.64 54.98
N LEU C 139 -18.09 -27.60 54.52
CA LEU C 139 -17.50 -26.28 54.42
C LEU C 139 -17.54 -25.59 55.77
N ARG C 140 -18.56 -25.89 56.56
CA ARG C 140 -18.70 -25.29 57.88
C ARG C 140 -17.56 -25.80 58.76
N LYS C 141 -17.20 -27.07 58.58
CA LYS C 141 -16.13 -27.70 59.35
C LYS C 141 -14.81 -26.96 59.19
N THR C 142 -14.73 -26.06 58.22
CA THR C 142 -13.51 -25.29 57.99
C THR C 142 -13.36 -24.25 59.10
N LYS C 143 -14.50 -23.81 59.63
CA LYS C 143 -14.54 -22.81 60.70
C LYS C 143 -14.05 -21.45 60.21
N ALA C 144 -14.49 -21.07 59.01
CA ALA C 144 -14.11 -19.79 58.42
C ALA C 144 -12.61 -19.55 58.56
N SER C 145 -11.83 -20.55 58.16
CA SER C 145 -10.38 -20.46 58.23
C SER C 145 -9.76 -20.55 56.84
N PRO C 146 -8.51 -20.10 56.68
CA PRO C 146 -7.85 -20.15 55.37
C PRO C 146 -7.69 -21.59 54.91
N CYS C 147 -7.85 -21.83 53.61
CA CYS C 147 -7.73 -23.19 53.09
C CYS C 147 -7.75 -23.26 51.57
N ASP C 148 -7.30 -24.40 51.04
CA ASP C 148 -7.26 -24.64 49.61
C ASP C 148 -8.45 -25.54 49.25
N PRO C 149 -9.53 -24.94 48.75
CA PRO C 149 -10.76 -25.66 48.37
C PRO C 149 -10.59 -26.71 47.26
N THR C 150 -9.37 -26.84 46.74
CA THR C 150 -9.10 -27.80 45.69
C THR C 150 -9.67 -29.19 45.98
N PHE C 151 -9.41 -29.69 47.18
CA PHE C 151 -9.89 -31.01 47.59
C PHE C 151 -11.41 -31.10 47.67
N ILE C 152 -12.00 -30.33 48.58
CA ILE C 152 -13.44 -30.32 48.78
C ILE C 152 -14.21 -30.10 47.47
N LEU C 153 -13.88 -29.02 46.77
CA LEU C 153 -14.53 -28.71 45.51
C LEU C 153 -14.37 -29.81 44.47
N GLY C 154 -13.55 -30.81 44.80
CA GLY C 154 -13.32 -31.90 43.88
C GLY C 154 -14.02 -33.18 44.30
N CYS C 155 -14.43 -33.25 45.55
CA CYS C 155 -15.10 -34.42 46.09
C CYS C 155 -16.56 -34.47 45.65
N ALA C 156 -17.26 -33.34 45.78
CA ALA C 156 -18.66 -33.27 45.40
C ALA C 156 -18.90 -33.73 43.97
N PRO C 157 -18.18 -33.14 42.99
CA PRO C 157 -18.36 -33.53 41.59
C PRO C 157 -18.15 -35.02 41.38
N CYS C 158 -17.15 -35.58 42.07
CA CYS C 158 -16.85 -37.00 41.96
C CYS C 158 -17.97 -37.86 42.54
N ASN C 159 -18.40 -37.53 43.76
CA ASN C 159 -19.47 -38.27 44.41
C ASN C 159 -20.72 -38.27 43.56
N VAL C 160 -21.00 -37.14 42.91
CA VAL C 160 -22.16 -37.02 42.05
C VAL C 160 -22.19 -38.16 41.05
N ILE C 161 -21.08 -38.35 40.34
CA ILE C 161 -20.96 -39.41 39.35
C ILE C 161 -21.08 -40.77 40.03
N CYS C 162 -20.44 -40.90 41.19
CA CYS C 162 -20.47 -42.14 41.95
C CYS C 162 -21.91 -42.57 42.20
N SER C 163 -22.71 -41.68 42.78
CA SER C 163 -24.10 -41.96 43.06
C SER C 163 -24.88 -42.24 41.78
N ILE C 164 -24.35 -41.77 40.65
CA ILE C 164 -24.99 -41.98 39.36
C ILE C 164 -24.68 -43.38 38.84
N ILE C 165 -23.47 -43.85 39.13
CA ILE C 165 -23.03 -45.18 38.68
C ILE C 165 -23.32 -46.23 39.75
N PHE C 166 -23.31 -45.83 41.01
CA PHE C 166 -23.56 -46.74 42.12
C PHE C 166 -24.84 -46.38 42.86
N GLN C 167 -25.10 -47.10 43.95
CA GLN C 167 -26.30 -46.88 44.77
C GLN C 167 -26.37 -45.51 45.41
N LYS C 168 -25.39 -45.19 46.25
CA LYS C 168 -25.37 -43.90 46.93
C LYS C 168 -23.96 -43.31 46.98
N ARG C 169 -23.87 -42.08 47.48
CA ARG C 169 -22.60 -41.37 47.60
C ARG C 169 -21.64 -42.07 48.55
N PHE C 170 -20.50 -41.42 48.80
CA PHE C 170 -19.48 -41.95 49.70
C PHE C 170 -19.14 -40.91 50.76
N ASP C 171 -18.82 -41.37 51.97
CA ASP C 171 -18.45 -40.47 53.04
C ASP C 171 -17.09 -39.90 52.71
N TYR C 172 -16.96 -38.58 52.78
CA TYR C 172 -15.69 -37.92 52.48
C TYR C 172 -14.52 -38.52 53.23
N LYS C 173 -14.81 -39.29 54.28
CA LYS C 173 -13.77 -39.94 55.08
C LYS C 173 -13.49 -41.35 54.59
N ASP C 174 -14.48 -41.95 53.93
CA ASP C 174 -14.37 -43.32 53.43
C ASP C 174 -13.12 -43.50 52.56
N GLN C 175 -12.22 -44.35 53.03
CA GLN C 175 -10.98 -44.64 52.31
C GLN C 175 -11.25 -45.07 50.87
N GLN C 176 -12.27 -45.89 50.68
CA GLN C 176 -12.64 -46.37 49.36
C GLN C 176 -12.84 -45.19 48.41
N PHE C 177 -13.41 -44.10 48.92
CA PHE C 177 -13.65 -42.91 48.12
C PHE C 177 -12.32 -42.20 47.91
N LEU C 178 -11.58 -42.01 48.99
CA LEU C 178 -10.29 -41.34 48.94
C LEU C 178 -9.40 -41.99 47.88
N ASN C 179 -9.63 -43.27 47.62
CA ASN C 179 -8.87 -44.00 46.61
C ASN C 179 -9.07 -43.38 45.24
N LEU C 180 -10.31 -43.00 44.93
CA LEU C 180 -10.60 -42.37 43.65
C LEU C 180 -9.91 -41.01 43.57
N MET C 181 -10.05 -40.22 44.62
CA MET C 181 -9.43 -38.90 44.67
C MET C 181 -7.93 -39.01 44.41
N GLU C 182 -7.35 -40.13 44.84
CA GLU C 182 -5.92 -40.36 44.64
C GLU C 182 -5.62 -40.65 43.18
N LYS C 183 -6.15 -41.77 42.69
CA LYS C 183 -5.94 -42.18 41.30
C LYS C 183 -6.42 -41.13 40.29
N LEU C 184 -7.58 -40.54 40.54
CA LEU C 184 -8.13 -39.55 39.63
C LEU C 184 -7.27 -38.29 39.53
N ASN C 185 -6.94 -37.72 40.69
CA ASN C 185 -6.13 -36.50 40.72
C ASN C 185 -4.70 -36.77 40.26
N GLU C 186 -4.27 -38.03 40.34
CA GLU C 186 -2.93 -38.39 39.92
C GLU C 186 -2.89 -38.60 38.40
N ASN C 187 -3.90 -39.29 37.89
CA ASN C 187 -3.99 -39.57 36.46
C ASN C 187 -4.14 -38.30 35.63
N ILE C 188 -4.72 -37.25 36.22
CA ILE C 188 -4.91 -36.00 35.50
C ILE C 188 -3.62 -35.18 35.48
N ARG C 189 -2.84 -35.26 36.55
CA ARG C 189 -1.58 -34.53 36.63
C ARG C 189 -0.60 -35.12 35.64
N ILE C 190 -0.77 -36.40 35.32
CA ILE C 190 0.10 -37.09 34.39
C ILE C 190 -0.27 -36.72 32.96
N VAL C 191 -1.56 -36.49 32.72
CA VAL C 191 -2.04 -36.12 31.40
C VAL C 191 -2.00 -34.60 31.22
N SER C 192 -1.94 -33.88 32.32
CA SER C 192 -1.90 -32.43 32.29
C SER C 192 -0.48 -31.90 32.08
N THR C 193 0.51 -32.71 32.44
CA THR C 193 1.91 -32.31 32.27
C THR C 193 2.30 -32.29 30.80
N PRO C 194 3.07 -31.27 30.39
CA PRO C 194 3.53 -31.10 29.00
C PRO C 194 4.32 -32.26 28.41
N TRP C 195 5.04 -33.00 29.25
CA TRP C 195 5.82 -34.14 28.78
C TRP C 195 4.95 -35.23 28.17
N ILE C 196 3.95 -35.66 28.91
CA ILE C 196 3.04 -36.69 28.44
C ILE C 196 2.18 -36.19 27.28
N GLN C 197 1.99 -34.88 27.22
CA GLN C 197 1.20 -34.26 26.16
C GLN C 197 1.88 -34.39 24.81
N ILE C 198 3.20 -34.24 24.79
CA ILE C 198 3.96 -34.33 23.55
C ILE C 198 4.25 -35.78 23.18
N CYS C 199 4.09 -36.69 24.13
CA CYS C 199 4.34 -38.11 23.87
C CYS C 199 3.29 -38.71 22.96
N ASN C 200 2.07 -38.20 23.01
CA ASN C 200 1.00 -38.69 22.15
C ASN C 200 1.44 -38.49 20.71
N ASN C 201 2.18 -37.41 20.47
CA ASN C 201 2.67 -37.10 19.14
C ASN C 201 3.72 -38.14 18.74
N PHE C 202 4.59 -38.48 19.68
CA PHE C 202 5.64 -39.45 19.44
C PHE C 202 5.52 -40.67 20.35
N PRO C 203 4.89 -41.75 19.86
CA PRO C 203 4.70 -42.97 20.65
C PRO C 203 6.03 -43.67 20.96
N THR C 204 7.09 -43.21 20.31
CA THR C 204 8.41 -43.80 20.49
C THR C 204 9.19 -43.28 21.71
N ILE C 205 9.07 -41.98 21.98
CA ILE C 205 9.78 -41.37 23.09
C ILE C 205 9.23 -41.78 24.47
N ILE C 206 7.96 -42.14 24.51
CA ILE C 206 7.33 -42.54 25.77
C ILE C 206 7.97 -43.80 26.36
N ASP C 207 8.41 -44.70 25.49
CA ASP C 207 9.04 -45.94 25.91
C ASP C 207 10.39 -45.72 26.59
N TYR C 208 11.14 -44.74 26.10
CA TYR C 208 12.45 -44.43 26.66
C TYR C 208 12.33 -43.87 28.07
N PHE C 209 11.13 -43.43 28.43
CA PHE C 209 10.85 -42.89 29.76
C PHE C 209 9.47 -43.36 30.22
N PRO C 210 9.35 -44.68 30.51
CA PRO C 210 8.08 -45.28 30.96
C PRO C 210 7.74 -44.96 32.41
N GLY C 211 8.19 -43.80 32.87
CA GLY C 211 7.92 -43.39 34.25
C GLY C 211 6.44 -43.16 34.55
N THR C 212 6.00 -41.92 34.37
CA THR C 212 4.64 -41.57 34.71
C THR C 212 3.66 -42.41 33.90
N HIS C 213 4.01 -42.66 32.63
CA HIS C 213 3.06 -43.28 31.70
C HIS C 213 2.45 -44.62 32.07
N ASN C 214 3.28 -45.54 32.54
CA ASN C 214 2.81 -46.80 33.07
C ASN C 214 1.98 -46.55 34.33
N LYS C 215 2.44 -45.60 35.13
CA LYS C 215 1.83 -45.32 36.43
C LYS C 215 0.34 -45.12 36.22
N LEU C 216 -0.01 -44.37 35.18
CA LEU C 216 -1.40 -44.09 34.85
C LEU C 216 -2.10 -45.36 34.37
N LEU C 217 -1.48 -46.05 33.43
CA LEU C 217 -2.04 -47.27 32.89
C LEU C 217 -2.32 -48.29 33.99
N LYS C 218 -1.53 -48.26 35.05
CA LYS C 218 -1.73 -49.19 36.16
C LYS C 218 -2.87 -48.76 37.05
N ASN C 219 -3.02 -47.45 37.25
CA ASN C 219 -4.10 -46.93 38.09
C ASN C 219 -5.44 -47.35 37.52
N LEU C 220 -5.60 -47.22 36.21
CA LEU C 220 -6.85 -47.62 35.55
C LEU C 220 -7.13 -49.09 35.85
N ALA C 221 -6.08 -49.91 35.79
CA ALA C 221 -6.21 -51.34 36.06
C ALA C 221 -6.98 -51.57 37.36
N PHE C 222 -6.48 -50.98 38.44
CA PHE C 222 -7.13 -51.13 39.74
C PHE C 222 -8.52 -50.50 39.72
N MET C 223 -8.57 -49.21 39.36
CA MET C 223 -9.82 -48.47 39.29
C MET C 223 -10.90 -49.29 38.60
N GLU C 224 -10.56 -49.83 37.44
CA GLU C 224 -11.50 -50.65 36.67
C GLU C 224 -11.82 -51.93 37.44
N SER C 225 -10.77 -52.58 37.94
CA SER C 225 -10.94 -53.82 38.69
C SER C 225 -12.00 -53.67 39.78
N ASP C 226 -12.02 -52.50 40.40
CA ASP C 226 -12.99 -52.23 41.45
C ASP C 226 -14.38 -52.06 40.85
N ILE C 227 -14.48 -51.23 39.82
CA ILE C 227 -15.74 -51.00 39.15
C ILE C 227 -16.34 -52.34 38.74
N LEU C 228 -15.50 -53.17 38.12
CA LEU C 228 -15.93 -54.50 37.68
C LEU C 228 -16.47 -55.30 38.85
N GLU C 229 -15.89 -55.09 40.03
CA GLU C 229 -16.32 -55.79 41.23
C GLU C 229 -17.67 -55.28 41.69
N LYS C 230 -17.84 -53.95 41.68
CA LYS C 230 -19.10 -53.35 42.07
C LYS C 230 -20.16 -53.79 41.07
N VAL C 231 -19.75 -53.98 39.82
CA VAL C 231 -20.66 -54.43 38.77
C VAL C 231 -21.02 -55.89 39.02
N LYS C 232 -20.12 -56.59 39.71
CA LYS C 232 -20.33 -57.99 40.03
C LYS C 232 -21.46 -58.11 41.05
N GLU C 233 -21.40 -57.28 42.08
CA GLU C 233 -22.42 -57.27 43.12
C GLU C 233 -23.79 -57.01 42.51
N HIS C 234 -23.90 -55.90 41.79
CA HIS C 234 -25.14 -55.51 41.13
C HIS C 234 -25.73 -56.65 40.29
N GLN C 235 -24.85 -57.46 39.70
CA GLN C 235 -25.29 -58.58 38.88
C GLN C 235 -26.09 -59.57 39.73
N GLU C 236 -25.73 -59.67 41.01
CA GLU C 236 -26.40 -60.58 41.93
C GLU C 236 -27.70 -59.96 42.42
N SER C 237 -27.64 -58.68 42.79
CA SER C 237 -28.81 -57.96 43.28
C SER C 237 -29.29 -56.92 42.27
N MET C 238 -30.19 -57.33 41.39
CA MET C 238 -30.73 -56.43 40.38
C MET C 238 -32.17 -56.77 40.01
N ASP C 239 -33.08 -55.84 40.30
CA ASP C 239 -34.49 -56.04 39.98
C ASP C 239 -34.75 -55.41 38.62
N ILE C 240 -35.08 -56.25 37.64
CA ILE C 240 -35.34 -55.77 36.28
C ILE C 240 -36.25 -54.56 36.24
N ASN C 241 -37.27 -54.56 37.09
CA ASN C 241 -38.24 -53.46 37.14
C ASN C 241 -37.83 -52.36 38.13
N ASN C 242 -36.77 -52.57 38.87
CA ASN C 242 -36.33 -51.59 39.86
C ASN C 242 -34.84 -51.26 39.76
N PRO C 243 -34.47 -50.43 38.77
CA PRO C 243 -33.08 -50.00 38.53
C PRO C 243 -32.55 -49.10 39.63
N ARG C 244 -31.46 -49.50 40.27
CA ARG C 244 -30.86 -48.70 41.34
C ARG C 244 -29.91 -47.62 40.86
N ASP C 245 -29.33 -47.81 39.68
CA ASP C 245 -28.38 -46.83 39.14
C ASP C 245 -27.88 -47.18 37.75
N PHE C 246 -26.84 -46.47 37.31
CA PHE C 246 -26.26 -46.66 35.99
C PHE C 246 -25.96 -48.12 35.65
N ILE C 247 -25.31 -48.83 36.57
CA ILE C 247 -24.97 -50.23 36.35
C ILE C 247 -26.22 -51.07 36.11
N ASP C 248 -27.21 -50.93 37.00
CA ASP C 248 -28.46 -51.66 36.88
C ASP C 248 -29.03 -51.54 35.47
N CYS C 249 -29.28 -50.30 35.03
CA CYS C 249 -29.83 -50.05 33.70
C CYS C 249 -29.03 -50.78 32.62
N PHE C 250 -27.70 -50.74 32.73
CA PHE C 250 -26.84 -51.39 31.76
C PHE C 250 -27.09 -52.89 31.79
N LEU C 251 -26.90 -53.49 32.96
CA LEU C 251 -27.11 -54.92 33.16
C LEU C 251 -28.46 -55.33 32.57
N ILE C 252 -29.46 -54.47 32.79
CA ILE C 252 -30.81 -54.73 32.28
C ILE C 252 -30.82 -54.68 30.76
N LYS C 253 -30.08 -53.72 30.19
CA LYS C 253 -29.99 -53.56 28.75
C LYS C 253 -29.39 -54.79 28.09
N MET C 254 -28.46 -55.43 28.77
CA MET C 254 -27.81 -56.63 28.23
C MET C 254 -28.80 -57.75 27.94
N GLU C 255 -29.65 -58.05 28.93
CA GLU C 255 -30.64 -59.11 28.76
C GLU C 255 -31.59 -58.76 27.62
N LYS C 256 -31.95 -57.48 27.53
CA LYS C 256 -32.86 -57.00 26.50
C LYS C 256 -32.34 -57.32 25.10
N GLU C 257 -31.05 -57.13 24.90
CA GLU C 257 -30.44 -57.39 23.60
C GLU C 257 -29.58 -58.65 23.66
N LYS C 258 -29.84 -59.49 24.66
CA LYS C 258 -29.09 -60.73 24.85
C LYS C 258 -29.21 -61.66 23.65
N GLN C 259 -30.31 -61.56 22.92
CA GLN C 259 -30.54 -62.40 21.75
C GLN C 259 -29.75 -61.90 20.54
N ASN C 260 -28.82 -60.99 20.80
CA ASN C 260 -27.99 -60.42 19.73
C ASN C 260 -26.51 -60.46 20.10
N GLN C 261 -25.75 -61.26 19.34
CA GLN C 261 -24.32 -61.40 19.58
C GLN C 261 -23.55 -60.16 19.12
N GLN C 262 -24.18 -59.36 18.27
CA GLN C 262 -23.55 -58.14 17.77
C GLN C 262 -23.77 -56.96 18.72
N SER C 263 -24.38 -57.23 19.86
CA SER C 263 -24.65 -56.19 20.85
C SER C 263 -23.37 -55.60 21.41
N GLU C 264 -23.29 -54.27 21.42
CA GLU C 264 -22.12 -53.56 21.93
C GLU C 264 -22.16 -53.42 23.44
N PHE C 265 -23.32 -53.72 24.02
CA PHE C 265 -23.50 -53.63 25.46
C PHE C 265 -22.94 -54.86 26.16
N THR C 266 -21.74 -54.71 26.71
CA THR C 266 -21.08 -55.81 27.41
C THR C 266 -20.38 -55.30 28.66
N ILE C 267 -20.24 -56.18 29.66
CA ILE C 267 -19.58 -55.81 30.90
C ILE C 267 -18.26 -55.13 30.60
N GLU C 268 -17.60 -55.58 29.53
CA GLU C 268 -16.32 -55.02 29.11
C GLU C 268 -16.45 -53.52 28.85
N ASN C 269 -17.39 -53.15 27.99
CA ASN C 269 -17.60 -51.75 27.65
C ASN C 269 -18.18 -50.99 28.83
N LEU C 270 -18.87 -51.71 29.72
CA LEU C 270 -19.47 -51.10 30.90
C LEU C 270 -18.41 -50.52 31.82
N VAL C 271 -17.57 -51.40 32.36
CA VAL C 271 -16.50 -50.99 33.27
C VAL C 271 -15.68 -49.85 32.68
N ILE C 272 -15.41 -49.90 31.38
CA ILE C 272 -14.65 -48.86 30.72
C ILE C 272 -15.46 -47.56 30.67
N THR C 273 -16.75 -47.68 30.40
CA THR C 273 -17.63 -46.51 30.34
C THR C 273 -17.75 -45.88 31.72
N ALA C 274 -17.93 -46.72 32.72
CA ALA C 274 -18.06 -46.25 34.10
C ALA C 274 -16.82 -45.43 34.47
N ALA C 275 -15.68 -45.83 33.93
CA ALA C 275 -14.42 -45.15 34.19
C ALA C 275 -14.36 -43.81 33.44
N ASP C 276 -14.82 -43.81 32.19
CA ASP C 276 -14.82 -42.60 31.38
C ASP C 276 -15.58 -41.47 32.05
N LEU C 277 -16.76 -41.80 32.58
CA LEU C 277 -17.59 -40.80 33.24
C LEU C 277 -16.93 -40.23 34.48
N LEU C 278 -16.20 -41.08 35.20
CA LEU C 278 -15.50 -40.65 36.41
C LEU C 278 -14.45 -39.58 36.14
N GLY C 279 -13.61 -39.83 35.13
CA GLY C 279 -12.56 -38.88 34.79
C GLY C 279 -13.02 -37.76 33.89
N ALA C 280 -14.22 -37.90 33.32
CA ALA C 280 -14.75 -36.88 32.42
C ALA C 280 -15.59 -35.83 33.15
N GLY C 281 -16.03 -36.16 34.37
CA GLY C 281 -16.85 -35.23 35.12
C GLY C 281 -16.28 -34.69 36.41
N THR C 282 -15.15 -35.25 36.85
CA THR C 282 -14.54 -34.79 38.10
C THR C 282 -13.68 -33.54 37.96
N GLU C 283 -12.50 -33.69 37.38
CA GLU C 283 -11.58 -32.57 37.20
C GLU C 283 -12.25 -31.39 36.48
N THR C 284 -13.01 -31.69 35.44
CA THR C 284 -13.70 -30.66 34.68
C THR C 284 -14.55 -29.75 35.57
N THR C 285 -15.52 -30.34 36.25
CA THR C 285 -16.40 -29.59 37.13
C THR C 285 -15.64 -28.99 38.30
N SER C 286 -14.80 -29.81 38.93
CA SER C 286 -14.01 -29.37 40.07
C SER C 286 -13.22 -28.10 39.77
N THR C 287 -12.38 -28.15 38.74
CA THR C 287 -11.57 -27.01 38.34
C THR C 287 -12.43 -25.79 38.03
N THR C 288 -13.53 -26.02 37.31
CA THR C 288 -14.43 -24.93 36.95
C THR C 288 -15.02 -24.30 38.20
N LEU C 289 -15.36 -25.13 39.18
CA LEU C 289 -15.92 -24.65 40.43
C LEU C 289 -14.86 -23.95 41.27
N ARG C 290 -13.63 -24.45 41.19
CA ARG C 290 -12.52 -23.87 41.93
C ARG C 290 -12.17 -22.51 41.36
N TYR C 291 -12.45 -22.33 40.08
CA TYR C 291 -12.17 -21.07 39.39
C TYR C 291 -13.22 -20.03 39.75
N ALA C 292 -14.48 -20.43 39.72
CA ALA C 292 -15.60 -19.54 40.04
C ALA C 292 -15.34 -18.85 41.38
N LEU C 293 -15.17 -19.64 42.44
CA LEU C 293 -14.93 -19.10 43.77
C LEU C 293 -13.74 -18.15 43.79
N LEU C 294 -12.86 -18.28 42.79
CA LEU C 294 -11.68 -17.42 42.71
C LEU C 294 -12.05 -16.12 42.00
N LEU C 295 -12.88 -16.24 40.97
CA LEU C 295 -13.32 -15.09 40.20
C LEU C 295 -14.27 -14.25 41.05
N LEU C 296 -14.83 -14.88 42.08
CA LEU C 296 -15.75 -14.21 42.99
C LEU C 296 -14.95 -13.33 43.94
N LEU C 297 -13.86 -13.88 44.46
CA LEU C 297 -12.99 -13.16 45.37
C LEU C 297 -12.44 -11.91 44.71
N LYS C 298 -12.23 -11.99 43.39
CA LYS C 298 -11.70 -10.87 42.63
C LYS C 298 -12.76 -9.80 42.38
N HIS C 299 -14.03 -10.20 42.42
CA HIS C 299 -15.12 -9.27 42.18
C HIS C 299 -16.24 -9.39 43.20
N PRO C 300 -16.05 -8.82 44.40
CA PRO C 300 -17.08 -8.89 45.44
C PRO C 300 -18.38 -8.25 44.93
N GLU C 301 -18.25 -7.50 43.85
CA GLU C 301 -19.38 -6.81 43.22
C GLU C 301 -20.38 -7.84 42.68
N VAL C 302 -19.90 -8.74 41.85
CA VAL C 302 -20.74 -9.78 41.25
C VAL C 302 -21.21 -10.75 42.33
N THR C 303 -20.35 -11.03 43.29
CA THR C 303 -20.68 -11.94 44.37
C THR C 303 -21.93 -11.45 45.11
N ALA C 304 -21.91 -10.17 45.48
CA ALA C 304 -23.03 -9.57 46.19
C ALA C 304 -24.30 -9.60 45.33
N LYS C 305 -24.21 -9.05 44.13
CA LYS C 305 -25.33 -9.01 43.21
C LYS C 305 -25.98 -10.39 43.03
N VAL C 306 -25.18 -11.44 43.17
CA VAL C 306 -25.69 -12.81 43.04
C VAL C 306 -26.40 -13.20 44.34
N GLN C 307 -25.70 -13.01 45.46
CA GLN C 307 -26.26 -13.34 46.77
C GLN C 307 -27.60 -12.65 46.94
N GLU C 308 -27.76 -11.50 46.30
CA GLU C 308 -28.99 -10.73 46.37
C GLU C 308 -30.11 -11.48 45.66
N GLU C 309 -29.82 -12.00 44.47
CA GLU C 309 -30.80 -12.72 43.68
C GLU C 309 -31.17 -14.05 44.34
N ILE C 310 -30.24 -14.62 45.09
CA ILE C 310 -30.48 -15.88 45.79
C ILE C 310 -31.51 -15.64 46.88
N GLU C 311 -31.27 -14.60 47.68
CA GLU C 311 -32.15 -14.22 48.78
C GLU C 311 -33.53 -13.85 48.24
N ARG C 312 -33.55 -13.26 47.05
CA ARG C 312 -34.78 -12.81 46.41
C ARG C 312 -35.65 -13.93 45.80
N VAL C 313 -35.01 -14.97 45.29
CA VAL C 313 -35.76 -16.06 44.65
C VAL C 313 -35.81 -17.36 45.46
N VAL C 314 -35.13 -17.39 46.61
CA VAL C 314 -35.12 -18.61 47.42
C VAL C 314 -35.39 -18.33 48.90
N GLY C 315 -34.81 -17.26 49.43
CA GLY C 315 -35.01 -16.91 50.82
C GLY C 315 -34.17 -17.75 51.77
N ARG C 316 -34.62 -17.88 53.00
CA ARG C 316 -33.89 -18.65 54.01
C ARG C 316 -34.63 -19.93 54.41
N ASN C 317 -35.91 -20.02 54.04
CA ASN C 317 -36.73 -21.18 54.37
C ASN C 317 -36.21 -22.51 53.80
N ARG C 318 -35.71 -22.48 52.57
CA ARG C 318 -35.21 -23.69 51.93
C ARG C 318 -33.82 -23.50 51.32
N SER C 319 -33.50 -24.38 50.38
CA SER C 319 -32.23 -24.34 49.67
C SER C 319 -32.52 -24.22 48.17
N PRO C 320 -31.56 -23.71 47.39
CA PRO C 320 -31.73 -23.53 45.95
C PRO C 320 -32.05 -24.82 45.18
N CYS C 321 -32.87 -24.68 44.15
CA CYS C 321 -33.26 -25.81 43.31
C CYS C 321 -33.06 -25.39 41.85
N MET C 322 -33.06 -26.35 40.94
CA MET C 322 -32.87 -26.04 39.52
C MET C 322 -33.96 -25.14 38.94
N GLN C 323 -35.19 -25.30 39.41
CA GLN C 323 -36.31 -24.48 38.95
C GLN C 323 -36.04 -23.00 39.14
N ASP C 324 -35.24 -22.67 40.15
CA ASP C 324 -34.91 -21.29 40.45
C ASP C 324 -33.93 -20.65 39.47
N ARG C 325 -33.54 -21.39 38.44
CA ARG C 325 -32.60 -20.85 37.46
C ARG C 325 -33.29 -19.95 36.44
N GLY C 326 -34.53 -20.31 36.09
CA GLY C 326 -35.28 -19.51 35.14
C GLY C 326 -35.73 -18.20 35.74
N HIS C 327 -35.64 -18.11 37.07
CA HIS C 327 -36.04 -16.92 37.80
C HIS C 327 -34.84 -16.07 38.18
N MET C 328 -33.66 -16.68 38.15
CA MET C 328 -32.41 -15.99 38.49
C MET C 328 -31.58 -15.72 37.24
N PRO C 329 -31.93 -14.66 36.49
CA PRO C 329 -31.23 -14.26 35.26
C PRO C 329 -29.77 -13.88 35.45
N TYR C 330 -29.46 -13.18 36.54
CA TYR C 330 -28.09 -12.74 36.80
C TYR C 330 -27.18 -13.91 37.14
N THR C 331 -27.56 -14.69 38.15
CA THR C 331 -26.76 -15.84 38.58
C THR C 331 -26.45 -16.76 37.41
N ASP C 332 -27.45 -17.00 36.57
CA ASP C 332 -27.28 -17.88 35.41
C ASP C 332 -26.20 -17.30 34.50
N ALA C 333 -26.16 -15.98 34.41
CA ALA C 333 -25.17 -15.30 33.57
C ALA C 333 -23.77 -15.45 34.14
N VAL C 334 -23.65 -15.38 35.46
CA VAL C 334 -22.36 -15.50 36.12
C VAL C 334 -21.72 -16.85 35.80
N VAL C 335 -22.49 -17.92 35.94
CA VAL C 335 -22.01 -19.27 35.65
C VAL C 335 -21.55 -19.38 34.20
N HIS C 336 -22.35 -18.87 33.28
CA HIS C 336 -22.02 -18.92 31.86
C HIS C 336 -20.75 -18.15 31.55
N GLU C 337 -20.55 -17.03 32.23
CA GLU C 337 -19.35 -16.21 32.02
C GLU C 337 -18.11 -16.96 32.46
N VAL C 338 -18.14 -17.50 33.68
CA VAL C 338 -17.01 -18.24 34.21
C VAL C 338 -16.57 -19.33 33.22
N GLN C 339 -17.53 -20.07 32.69
CA GLN C 339 -17.22 -21.13 31.74
C GLN C 339 -16.62 -20.58 30.45
N ARG C 340 -17.11 -19.43 30.01
CA ARG C 340 -16.63 -18.81 28.78
C ARG C 340 -15.28 -18.14 28.99
N TYR C 341 -15.06 -17.63 30.19
CA TYR C 341 -13.82 -16.95 30.53
C TYR C 341 -12.62 -17.87 30.71
N ILE C 342 -12.77 -18.90 31.55
CA ILE C 342 -11.68 -19.82 31.82
C ILE C 342 -11.24 -20.64 30.61
N ASP C 343 -12.17 -20.89 29.68
CA ASP C 343 -11.85 -21.67 28.49
C ASP C 343 -11.11 -22.93 28.95
N LEU C 344 -11.75 -23.65 29.87
CA LEU C 344 -11.18 -24.86 30.45
C LEU C 344 -10.53 -25.78 29.43
N ILE C 345 -11.21 -26.03 28.32
CA ILE C 345 -10.66 -26.90 27.28
C ILE C 345 -10.54 -26.12 25.97
N PRO C 346 -9.47 -25.31 25.85
CA PRO C 346 -9.17 -24.47 24.68
C PRO C 346 -9.40 -25.11 23.31
N THR C 347 -8.98 -26.36 23.15
CA THR C 347 -9.14 -27.05 21.88
C THR C 347 -10.04 -28.28 21.93
N SER C 348 -10.97 -28.31 22.88
CA SER C 348 -11.87 -29.43 23.02
C SER C 348 -11.07 -30.74 22.99
N LEU C 349 -11.63 -31.77 22.37
CA LEU C 349 -10.95 -33.06 22.26
C LEU C 349 -10.76 -33.40 20.79
N PRO C 350 -9.67 -34.10 20.47
CA PRO C 350 -9.36 -34.51 19.09
C PRO C 350 -10.56 -35.07 18.34
N HIS C 351 -10.87 -34.45 17.21
CA HIS C 351 -11.98 -34.88 16.37
C HIS C 351 -11.41 -35.50 15.09
N ALA C 352 -12.28 -36.02 14.23
CA ALA C 352 -11.83 -36.63 13.00
C ALA C 352 -12.96 -36.79 11.98
N VAL C 353 -12.63 -36.63 10.71
CA VAL C 353 -13.61 -36.77 9.64
C VAL C 353 -13.89 -38.24 9.40
N THR C 354 -15.17 -38.59 9.30
CA THR C 354 -15.59 -39.97 9.06
C THR C 354 -15.60 -40.32 7.58
N CYS C 355 -15.06 -39.42 6.75
CA CYS C 355 -15.01 -39.64 5.31
C CYS C 355 -14.33 -38.44 4.65
N ASP C 356 -14.17 -38.50 3.33
CA ASP C 356 -13.56 -37.41 2.58
C ASP C 356 -14.52 -36.22 2.63
N VAL C 357 -14.07 -35.14 3.25
CA VAL C 357 -14.91 -33.95 3.39
C VAL C 357 -14.54 -32.84 2.42
N LYS C 358 -15.57 -32.27 1.81
CA LYS C 358 -15.43 -31.17 0.85
C LYS C 358 -15.70 -29.89 1.63
N PHE C 359 -15.13 -29.81 2.83
CA PHE C 359 -15.32 -28.67 3.71
C PHE C 359 -15.23 -27.33 2.97
N ARG C 360 -14.22 -27.20 2.11
CA ARG C 360 -14.02 -25.98 1.33
C ARG C 360 -13.07 -26.23 0.17
N ASN C 361 -12.50 -25.15 -0.36
CA ASN C 361 -11.56 -25.24 -1.48
C ASN C 361 -10.72 -26.51 -1.38
N TYR C 362 -10.22 -26.78 -0.18
CA TYR C 362 -9.39 -27.94 0.09
C TYR C 362 -10.20 -29.19 0.45
N LEU C 363 -9.55 -30.34 0.33
CA LEU C 363 -10.19 -31.62 0.63
C LEU C 363 -9.55 -32.32 1.84
N ILE C 364 -10.40 -32.76 2.77
CA ILE C 364 -9.92 -33.45 3.96
C ILE C 364 -10.18 -34.95 3.82
N PRO C 365 -9.12 -35.75 3.67
CA PRO C 365 -9.24 -37.20 3.54
C PRO C 365 -9.74 -37.89 4.80
N LYS C 366 -10.57 -38.92 4.63
CA LYS C 366 -11.12 -39.67 5.75
C LYS C 366 -10.04 -40.01 6.78
N GLY C 367 -10.42 -39.95 8.06
CA GLY C 367 -9.47 -40.27 9.11
C GLY C 367 -8.71 -39.07 9.65
N THR C 368 -8.46 -38.09 8.80
CA THR C 368 -7.74 -36.90 9.20
C THR C 368 -8.24 -36.36 10.54
N THR C 369 -7.32 -35.98 11.42
CA THR C 369 -7.68 -35.46 12.72
C THR C 369 -8.03 -33.97 12.62
N ILE C 370 -9.12 -33.58 13.27
CA ILE C 370 -9.56 -32.19 13.25
C ILE C 370 -9.52 -31.58 14.64
N LEU C 371 -8.92 -30.40 14.75
CA LEU C 371 -8.82 -29.70 16.01
C LEU C 371 -9.63 -28.41 15.94
N THR C 372 -10.66 -28.31 16.78
CA THR C 372 -11.51 -27.13 16.81
C THR C 372 -11.15 -26.24 17.99
N SER C 373 -10.71 -25.02 17.69
CA SER C 373 -10.35 -24.06 18.73
C SER C 373 -11.59 -23.52 19.42
N LEU C 374 -11.96 -24.12 20.53
CA LEU C 374 -13.12 -23.67 21.28
C LEU C 374 -12.86 -22.27 21.81
N THR C 375 -11.62 -22.04 22.24
CA THR C 375 -11.22 -20.74 22.78
C THR C 375 -11.47 -19.61 21.77
N SER C 376 -11.31 -19.92 20.49
CA SER C 376 -11.52 -18.92 19.45
C SER C 376 -12.96 -18.45 19.46
N VAL C 377 -13.87 -19.35 19.82
CA VAL C 377 -15.29 -19.04 19.88
C VAL C 377 -15.64 -18.34 21.18
N LEU C 378 -15.37 -19.02 22.30
CA LEU C 378 -15.66 -18.47 23.62
C LEU C 378 -15.06 -17.08 23.83
N HIS C 379 -14.05 -16.75 23.03
CA HIS C 379 -13.40 -15.45 23.14
C HIS C 379 -13.52 -14.60 21.89
N ASP C 380 -14.61 -14.77 21.15
CA ASP C 380 -14.83 -13.99 19.94
C ASP C 380 -14.86 -12.52 20.32
N ASN C 381 -13.97 -11.73 19.73
CA ASN C 381 -13.89 -10.31 20.02
C ASN C 381 -15.23 -9.59 19.81
N LYS C 382 -15.93 -9.94 18.74
CA LYS C 382 -17.21 -9.33 18.43
C LYS C 382 -18.35 -9.71 19.38
N GLU C 383 -18.71 -10.98 19.36
CA GLU C 383 -19.78 -11.49 20.21
C GLU C 383 -19.54 -11.13 21.67
N PHE C 384 -18.28 -11.12 22.09
CA PHE C 384 -17.96 -10.79 23.47
C PHE C 384 -16.97 -9.63 23.60
N PRO C 385 -17.48 -8.40 23.73
CA PRO C 385 -16.59 -7.24 23.87
C PRO C 385 -15.73 -7.42 25.11
N ASN C 386 -14.43 -7.19 24.97
CA ASN C 386 -13.51 -7.36 26.10
C ASN C 386 -13.53 -8.83 26.52
N PRO C 387 -13.26 -9.74 25.57
CA PRO C 387 -13.26 -11.18 25.83
C PRO C 387 -12.26 -11.63 26.89
N GLU C 388 -11.34 -10.72 27.24
CA GLU C 388 -10.33 -11.02 28.25
C GLU C 388 -10.80 -10.59 29.63
N MET C 389 -11.90 -9.84 29.67
CA MET C 389 -12.46 -9.36 30.93
C MET C 389 -13.57 -10.29 31.41
N PHE C 390 -13.64 -10.50 32.72
CA PHE C 390 -14.67 -11.35 33.32
C PHE C 390 -15.90 -10.46 33.53
N ASP C 391 -16.69 -10.29 32.48
CA ASP C 391 -17.87 -9.45 32.56
C ASP C 391 -19.17 -10.25 32.39
N PRO C 392 -19.94 -10.40 33.49
CA PRO C 392 -21.20 -11.14 33.47
C PRO C 392 -22.20 -10.59 32.46
N ARG C 393 -22.00 -9.33 32.07
CA ARG C 393 -22.87 -8.66 31.11
C ARG C 393 -22.90 -9.38 29.77
N HIS C 394 -21.79 -10.05 29.44
CA HIS C 394 -21.68 -10.79 28.19
C HIS C 394 -22.90 -11.66 27.90
N PHE C 395 -23.55 -12.13 28.97
CA PHE C 395 -24.73 -12.96 28.83
C PHE C 395 -25.97 -12.29 29.43
N LEU C 396 -26.10 -10.99 29.17
CA LEU C 396 -27.23 -10.22 29.68
C LEU C 396 -27.72 -9.18 28.69
N ASP C 397 -29.00 -8.81 28.82
CA ASP C 397 -29.61 -7.82 27.96
C ASP C 397 -29.81 -6.51 28.74
N GLU C 398 -30.18 -5.45 28.02
CA GLU C 398 -30.40 -4.16 28.64
C GLU C 398 -31.45 -4.27 29.76
N GLY C 399 -32.36 -5.23 29.59
CA GLY C 399 -33.40 -5.43 30.58
C GLY C 399 -32.88 -6.11 31.83
N GLY C 400 -31.71 -6.74 31.72
CA GLY C 400 -31.11 -7.42 32.85
C GLY C 400 -31.42 -8.91 32.87
N ASN C 401 -32.02 -9.41 31.78
CA ASN C 401 -32.34 -10.82 31.68
C ASN C 401 -31.19 -11.57 31.04
N PHE C 402 -31.17 -12.89 31.21
CA PHE C 402 -30.12 -13.72 30.66
C PHE C 402 -30.13 -13.72 29.13
N LYS C 403 -28.96 -13.52 28.53
CA LYS C 403 -28.84 -13.49 27.08
C LYS C 403 -28.00 -14.66 26.57
N LYS C 404 -28.66 -15.60 25.93
CA LYS C 404 -27.98 -16.78 25.39
C LYS C 404 -26.95 -16.35 24.34
N SER C 405 -26.31 -17.33 23.71
CA SER C 405 -25.30 -17.04 22.70
C SER C 405 -24.90 -18.30 21.92
N ASN C 406 -24.74 -18.15 20.61
CA ASN C 406 -24.35 -19.26 19.76
C ASN C 406 -22.85 -19.48 19.88
N TYR C 407 -22.19 -18.57 20.61
CA TYR C 407 -20.75 -18.65 20.82
C TYR C 407 -20.41 -19.29 22.15
N PHE C 408 -21.39 -19.93 22.77
CA PHE C 408 -21.19 -20.59 24.06
C PHE C 408 -20.97 -22.07 23.83
N MET C 409 -19.71 -22.48 23.67
CA MET C 409 -19.39 -23.89 23.45
C MET C 409 -18.38 -24.47 24.44
N PRO C 410 -18.53 -24.18 25.73
CA PRO C 410 -17.59 -24.73 26.72
C PRO C 410 -17.65 -26.25 26.73
N PHE C 411 -18.77 -26.78 26.23
CA PHE C 411 -18.97 -28.22 26.16
C PHE C 411 -18.85 -28.67 24.70
N SER C 412 -18.37 -27.75 23.86
CA SER C 412 -18.19 -28.00 22.43
C SER C 412 -19.55 -28.05 21.74
N ALA C 413 -19.63 -28.79 20.65
CA ALA C 413 -20.87 -28.92 19.89
C ALA C 413 -20.83 -30.11 18.94
N GLY C 414 -21.91 -30.30 18.19
CA GLY C 414 -21.97 -31.40 17.25
C GLY C 414 -22.50 -32.66 17.88
N LYS C 415 -22.23 -33.79 17.24
CA LYS C 415 -22.68 -35.10 17.73
C LYS C 415 -21.82 -35.55 18.91
N ARG C 416 -20.72 -34.84 19.16
CA ARG C 416 -19.81 -35.18 20.24
C ARG C 416 -19.92 -34.27 21.46
N ILE C 417 -20.90 -33.36 21.44
CA ILE C 417 -21.07 -32.44 22.56
C ILE C 417 -21.15 -33.20 23.88
N CYS C 418 -20.48 -32.66 24.89
CA CYS C 418 -20.44 -33.25 26.22
C CYS C 418 -21.71 -34.01 26.60
N VAL C 419 -21.55 -35.27 27.01
CA VAL C 419 -22.67 -36.11 27.40
C VAL C 419 -23.19 -35.66 28.78
N GLY C 420 -22.29 -35.15 29.61
CA GLY C 420 -22.69 -34.69 30.92
C GLY C 420 -22.90 -33.19 30.93
N GLU C 421 -23.13 -32.63 29.75
CA GLU C 421 -23.36 -31.20 29.59
C GLU C 421 -24.49 -30.74 30.52
N GLY C 422 -25.55 -31.54 30.59
CA GLY C 422 -26.67 -31.20 31.45
C GLY C 422 -26.29 -31.29 32.91
N LEU C 423 -25.79 -32.45 33.33
CA LEU C 423 -25.38 -32.66 34.71
C LEU C 423 -24.39 -31.60 35.16
N ALA C 424 -23.49 -31.21 34.26
CA ALA C 424 -22.47 -30.21 34.56
C ALA C 424 -23.10 -28.89 34.97
N ARG C 425 -23.93 -28.33 34.09
CA ARG C 425 -24.59 -27.06 34.37
C ARG C 425 -25.39 -27.13 35.67
N MET C 426 -26.09 -28.24 35.86
CA MET C 426 -26.91 -28.45 37.05
C MET C 426 -26.03 -28.35 38.30
N GLU C 427 -24.82 -28.93 38.21
CA GLU C 427 -23.89 -28.92 39.32
C GLU C 427 -23.37 -27.52 39.61
N LEU C 428 -22.84 -26.86 38.58
CA LEU C 428 -22.31 -25.51 38.72
C LEU C 428 -23.29 -24.57 39.41
N PHE C 429 -24.51 -24.52 38.92
CA PHE C 429 -25.54 -23.66 39.48
C PHE C 429 -25.83 -23.98 40.94
N LEU C 430 -26.33 -25.20 41.19
CA LEU C 430 -26.66 -25.63 42.53
C LEU C 430 -25.50 -25.52 43.51
N PHE C 431 -24.37 -26.14 43.17
CA PHE C 431 -23.19 -26.10 44.02
C PHE C 431 -22.82 -24.69 44.48
N LEU C 432 -22.80 -23.74 43.55
CA LEU C 432 -22.45 -22.36 43.88
C LEU C 432 -23.54 -21.64 44.68
N THR C 433 -24.78 -21.75 44.23
CA THR C 433 -25.89 -21.10 44.92
C THR C 433 -25.93 -21.51 46.40
N PHE C 434 -25.59 -22.76 46.67
CA PHE C 434 -25.57 -23.26 48.04
C PHE C 434 -24.47 -22.58 48.86
N ILE C 435 -23.28 -22.50 48.27
CA ILE C 435 -22.14 -21.89 48.94
C ILE C 435 -22.43 -20.44 49.32
N LEU C 436 -22.93 -19.67 48.37
CA LEU C 436 -23.22 -18.26 48.60
C LEU C 436 -24.40 -18.02 49.55
N GLN C 437 -25.35 -18.95 49.58
CA GLN C 437 -26.51 -18.81 50.45
C GLN C 437 -26.15 -19.10 51.90
N ASN C 438 -24.99 -19.74 52.11
CA ASN C 438 -24.55 -20.08 53.45
C ASN C 438 -23.26 -19.39 53.87
N PHE C 439 -22.54 -18.81 52.91
CA PHE C 439 -21.28 -18.15 53.22
C PHE C 439 -21.04 -16.83 52.50
N ASN C 440 -19.88 -16.23 52.80
CA ASN C 440 -19.43 -14.98 52.21
C ASN C 440 -17.92 -15.13 52.06
N LEU C 441 -17.46 -15.26 50.83
CA LEU C 441 -16.04 -15.45 50.55
C LEU C 441 -15.16 -14.27 50.96
N LYS C 442 -13.96 -14.60 51.43
CA LYS C 442 -12.99 -13.60 51.85
C LYS C 442 -11.58 -14.11 51.59
N SER C 443 -10.81 -13.36 50.81
CA SER C 443 -9.44 -13.74 50.48
C SER C 443 -8.44 -13.34 51.55
N LEU C 444 -7.25 -13.92 51.49
CA LEU C 444 -6.19 -13.65 52.45
C LEU C 444 -5.61 -12.25 52.24
N ILE C 445 -5.55 -11.82 50.98
CA ILE C 445 -5.02 -10.51 50.64
C ILE C 445 -6.12 -9.69 49.96
N ASP C 446 -5.78 -8.49 49.51
CA ASP C 446 -6.75 -7.63 48.83
C ASP C 446 -7.06 -8.16 47.44
N PRO C 447 -8.35 -8.15 47.06
CA PRO C 447 -8.85 -8.62 45.76
C PRO C 447 -8.09 -8.06 44.56
N LYS C 448 -7.90 -6.75 44.54
CA LYS C 448 -7.21 -6.08 43.45
C LYS C 448 -5.86 -6.70 43.12
N ASP C 449 -5.35 -7.55 44.00
CA ASP C 449 -4.06 -8.20 43.77
C ASP C 449 -4.18 -9.65 43.31
N LEU C 450 -5.38 -10.22 43.41
CA LEU C 450 -5.59 -11.59 42.98
C LEU C 450 -5.60 -11.70 41.46
N ASP C 451 -4.76 -12.59 40.93
CA ASP C 451 -4.68 -12.79 39.50
C ASP C 451 -5.60 -13.93 39.05
N THR C 452 -6.41 -13.65 38.03
CA THR C 452 -7.33 -14.64 37.51
C THR C 452 -6.84 -15.15 36.15
N THR C 453 -5.61 -14.78 35.80
CA THR C 453 -5.02 -15.21 34.53
C THR C 453 -4.72 -16.70 34.60
N PRO C 454 -5.31 -17.48 33.68
CA PRO C 454 -5.11 -18.93 33.61
C PRO C 454 -3.66 -19.37 33.45
N VAL C 455 -3.32 -20.47 34.11
CA VAL C 455 -1.97 -21.03 34.02
C VAL C 455 -2.11 -22.19 33.04
N VAL C 456 -1.64 -21.99 31.81
CA VAL C 456 -1.76 -23.01 30.78
C VAL C 456 -0.57 -23.93 30.61
N ASN C 457 -0.86 -25.20 30.35
CA ASN C 457 0.16 -26.21 30.13
C ASN C 457 -0.31 -27.21 29.09
N GLY C 458 -0.56 -26.73 27.87
CA GLY C 458 -0.99 -27.57 26.78
C GLY C 458 -2.46 -27.97 26.67
N PHE C 459 -2.80 -29.12 27.25
CA PHE C 459 -4.16 -29.65 27.18
C PHE C 459 -5.29 -28.86 27.84
N ALA C 460 -5.11 -28.45 29.09
CA ALA C 460 -6.16 -27.73 29.79
C ALA C 460 -5.66 -26.53 30.61
N SER C 461 -6.62 -25.71 31.03
CA SER C 461 -6.32 -24.53 31.83
C SER C 461 -6.47 -24.82 33.32
N VAL C 462 -5.85 -23.99 34.14
CA VAL C 462 -5.90 -24.15 35.59
C VAL C 462 -5.73 -22.80 36.28
N PRO C 463 -6.61 -22.49 37.25
CA PRO C 463 -6.52 -21.21 37.98
C PRO C 463 -5.31 -21.21 38.91
N PRO C 464 -4.71 -20.03 39.15
CA PRO C 464 -3.56 -19.95 40.03
C PRO C 464 -3.93 -20.35 41.46
N PHE C 465 -2.94 -20.81 42.22
CA PHE C 465 -3.18 -21.22 43.59
C PHE C 465 -3.68 -20.05 44.44
N TYR C 466 -4.58 -20.35 45.37
CA TYR C 466 -5.14 -19.31 46.24
C TYR C 466 -5.87 -19.96 47.42
N GLN C 467 -6.13 -19.16 48.44
CA GLN C 467 -6.83 -19.64 49.63
C GLN C 467 -7.93 -18.65 50.02
N LEU C 468 -8.99 -19.15 50.66
CA LEU C 468 -10.09 -18.30 51.07
C LEU C 468 -10.78 -18.85 52.32
N CYS C 469 -11.53 -18.00 53.00
CA CYS C 469 -12.25 -18.40 54.20
C CYS C 469 -13.75 -18.36 53.97
N PHE C 470 -14.44 -19.43 54.38
CA PHE C 470 -15.88 -19.51 54.23
C PHE C 470 -16.60 -19.05 55.50
N ILE C 471 -16.91 -17.76 55.54
CA ILE C 471 -17.61 -17.18 56.70
C ILE C 471 -19.12 -17.30 56.55
N PRO C 472 -19.77 -18.04 57.46
CA PRO C 472 -21.23 -18.23 57.42
C PRO C 472 -21.97 -16.90 57.43
N ILE C 473 -23.17 -16.90 56.84
CA ILE C 473 -23.99 -15.69 56.79
C ILE C 473 -24.47 -15.29 58.18
N LEU D 12 -16.73 -4.10 -37.03
CA LEU D 12 -17.97 -4.91 -36.92
C LEU D 12 -17.87 -6.23 -37.70
N PRO D 13 -18.20 -7.35 -37.04
CA PRO D 13 -18.16 -8.67 -37.67
C PRO D 13 -19.04 -8.71 -38.92
N PRO D 14 -18.83 -9.69 -39.80
CA PRO D 14 -19.62 -9.82 -41.03
C PRO D 14 -21.10 -10.04 -40.74
N GLY D 15 -21.83 -10.57 -41.72
CA GLY D 15 -23.24 -10.81 -41.54
C GLY D 15 -24.04 -10.52 -42.80
N PRO D 16 -25.33 -10.89 -42.82
CA PRO D 16 -26.18 -10.65 -43.99
C PRO D 16 -26.51 -9.16 -44.14
N THR D 17 -26.62 -8.72 -45.38
CA THR D 17 -26.93 -7.32 -45.60
C THR D 17 -28.30 -7.08 -44.98
N PRO D 18 -28.41 -6.04 -44.17
CA PRO D 18 -29.68 -5.69 -43.52
C PRO D 18 -30.67 -5.04 -44.48
N LEU D 19 -31.96 -5.31 -44.27
CA LEU D 19 -33.01 -4.57 -44.96
C LEU D 19 -33.23 -3.22 -44.28
N PRO D 20 -33.77 -2.27 -45.03
CA PRO D 20 -33.93 -0.89 -44.55
C PRO D 20 -34.72 -0.82 -43.25
N VAL D 21 -35.86 -1.50 -43.20
CA VAL D 21 -36.74 -1.43 -42.04
C VAL D 21 -36.64 -2.67 -41.13
N ILE D 22 -37.39 -3.71 -41.48
CA ILE D 22 -37.51 -4.89 -40.63
C ILE D 22 -36.13 -5.44 -40.34
N GLY D 23 -35.23 -5.27 -41.30
CA GLY D 23 -33.85 -5.70 -41.14
C GLY D 23 -33.65 -7.11 -41.64
N ASN D 24 -32.88 -7.90 -40.90
CA ASN D 24 -32.66 -9.29 -41.27
C ASN D 24 -33.79 -10.23 -40.90
N ILE D 25 -34.77 -9.74 -40.14
CA ILE D 25 -35.88 -10.56 -39.71
C ILE D 25 -36.50 -11.43 -40.81
N LEU D 26 -36.47 -10.96 -42.04
CA LEU D 26 -37.04 -11.72 -43.15
C LEU D 26 -36.12 -12.84 -43.62
N GLN D 27 -34.83 -12.74 -43.32
CA GLN D 27 -33.88 -13.77 -43.71
C GLN D 27 -33.95 -14.92 -42.70
N ILE D 28 -34.09 -14.54 -41.42
CA ILE D 28 -34.18 -15.52 -40.34
C ILE D 28 -35.58 -16.10 -40.22
N ASP D 29 -35.65 -17.42 -40.08
CA ASP D 29 -36.93 -18.11 -39.95
C ASP D 29 -37.46 -17.94 -38.53
N ILE D 30 -38.30 -16.92 -38.34
CA ILE D 30 -38.88 -16.63 -37.03
C ILE D 30 -39.45 -17.90 -36.40
N LYS D 31 -39.72 -18.91 -37.23
CA LYS D 31 -40.26 -20.18 -36.77
C LYS D 31 -39.40 -20.74 -35.65
N ASP D 32 -38.11 -20.90 -35.92
CA ASP D 32 -37.17 -21.43 -34.95
C ASP D 32 -35.89 -20.59 -34.97
N VAL D 33 -35.97 -19.41 -34.37
CA VAL D 33 -34.87 -18.46 -34.30
C VAL D 33 -33.49 -19.11 -34.15
N SER D 34 -33.36 -19.99 -33.16
CA SER D 34 -32.10 -20.65 -32.88
C SER D 34 -31.51 -21.44 -34.05
N LYS D 35 -32.34 -22.21 -34.75
CA LYS D 35 -31.85 -23.01 -35.87
C LYS D 35 -31.40 -22.10 -37.00
N SER D 36 -31.82 -20.84 -36.96
CA SER D 36 -31.45 -19.87 -37.99
C SER D 36 -30.05 -19.32 -37.70
N LEU D 37 -29.81 -18.96 -36.44
CA LEU D 37 -28.52 -18.43 -36.05
C LEU D 37 -27.44 -19.46 -36.30
N THR D 38 -27.83 -20.73 -36.33
CA THR D 38 -26.91 -21.83 -36.57
C THR D 38 -26.69 -21.99 -38.07
N ASN D 39 -27.75 -21.86 -38.85
CA ASN D 39 -27.64 -21.99 -40.29
C ASN D 39 -26.86 -20.81 -40.86
N LEU D 40 -26.99 -19.65 -40.21
CA LEU D 40 -26.28 -18.45 -40.64
C LEU D 40 -24.78 -18.56 -40.38
N SER D 41 -24.42 -19.12 -39.23
CA SER D 41 -23.02 -19.28 -38.89
C SER D 41 -22.30 -20.13 -39.94
N LYS D 42 -23.09 -20.82 -40.76
CA LYS D 42 -22.55 -21.67 -41.81
C LYS D 42 -22.16 -20.80 -43.01
N ILE D 43 -22.24 -19.48 -42.84
CA ILE D 43 -21.91 -18.55 -43.91
C ILE D 43 -21.06 -17.39 -43.40
N TYR D 44 -21.05 -17.21 -42.08
CA TYR D 44 -20.29 -16.11 -41.49
C TYR D 44 -19.40 -16.57 -40.34
N GLY D 45 -19.39 -17.87 -40.08
CA GLY D 45 -18.56 -18.41 -39.02
C GLY D 45 -19.05 -18.12 -37.62
N PRO D 46 -18.17 -18.24 -36.60
CA PRO D 46 -18.47 -18.01 -35.19
C PRO D 46 -19.15 -16.67 -34.90
N VAL D 47 -18.51 -15.58 -35.32
CA VAL D 47 -19.06 -14.25 -35.08
C VAL D 47 -19.60 -13.58 -36.34
N PHE D 48 -20.79 -12.99 -36.21
CA PHE D 48 -21.43 -12.30 -37.32
C PHE D 48 -22.46 -11.31 -36.79
N THR D 49 -22.91 -10.40 -37.65
CA THR D 49 -23.88 -9.38 -37.25
C THR D 49 -25.26 -9.57 -37.86
N LEU D 50 -26.28 -9.32 -37.06
CA LEU D 50 -27.67 -9.43 -37.50
C LEU D 50 -28.47 -8.22 -37.01
N TYR D 51 -29.49 -7.84 -37.77
CA TYR D 51 -30.31 -6.70 -37.40
C TYR D 51 -31.79 -7.05 -37.28
N PHE D 52 -32.25 -7.28 -36.04
CA PHE D 52 -33.65 -7.57 -35.81
C PHE D 52 -34.39 -6.25 -35.86
N GLY D 53 -34.79 -5.85 -37.06
CA GLY D 53 -35.47 -4.59 -37.24
C GLY D 53 -34.43 -3.51 -37.46
N LEU D 54 -33.99 -2.89 -36.38
CA LEU D 54 -32.98 -1.83 -36.45
C LEU D 54 -31.88 -2.11 -35.43
N GLU D 55 -32.28 -2.67 -34.29
CA GLU D 55 -31.34 -2.99 -33.22
C GLU D 55 -30.17 -3.84 -33.70
N ARG D 56 -28.97 -3.27 -33.63
CA ARG D 56 -27.77 -3.99 -34.06
C ARG D 56 -27.32 -4.94 -32.95
N MET D 57 -26.86 -6.12 -33.34
CA MET D 57 -26.40 -7.12 -32.38
C MET D 57 -25.51 -8.18 -33.01
N VAL D 58 -24.57 -8.68 -32.23
CA VAL D 58 -23.64 -9.71 -32.72
C VAL D 58 -24.01 -11.06 -32.11
N VAL D 59 -23.92 -12.10 -32.94
CA VAL D 59 -24.25 -13.45 -32.48
C VAL D 59 -23.02 -14.34 -32.35
N LEU D 60 -22.90 -15.01 -31.22
CA LEU D 60 -21.78 -15.91 -30.96
C LEU D 60 -22.23 -17.36 -31.09
N HIS D 61 -21.70 -18.06 -32.07
CA HIS D 61 -22.04 -19.45 -32.31
C HIS D 61 -20.79 -20.31 -32.17
N GLY D 62 -20.85 -21.26 -31.24
CA GLY D 62 -19.70 -22.13 -31.01
C GLY D 62 -19.13 -21.94 -29.62
N TYR D 63 -18.46 -22.96 -29.11
CA TYR D 63 -17.87 -22.93 -27.77
C TYR D 63 -16.74 -21.92 -27.61
N GLU D 64 -15.78 -21.94 -28.53
CA GLU D 64 -14.63 -21.05 -28.46
C GLU D 64 -15.03 -19.58 -28.28
N VAL D 65 -15.95 -19.10 -29.11
CA VAL D 65 -16.38 -17.70 -29.03
C VAL D 65 -17.17 -17.37 -27.77
N VAL D 66 -18.15 -18.21 -27.44
CA VAL D 66 -18.96 -17.97 -26.25
C VAL D 66 -18.08 -17.99 -25.01
N LYS D 67 -17.14 -18.93 -24.97
CA LYS D 67 -16.23 -19.05 -23.83
C LYS D 67 -15.35 -17.82 -23.71
N GLU D 68 -14.68 -17.46 -24.79
CA GLU D 68 -13.78 -16.31 -24.80
C GLU D 68 -14.50 -15.04 -24.35
N ALA D 69 -15.71 -14.84 -24.87
CA ALA D 69 -16.50 -13.66 -24.52
C ALA D 69 -17.07 -13.71 -23.11
N LEU D 70 -17.85 -14.76 -22.82
CA LEU D 70 -18.46 -14.91 -21.51
C LEU D 70 -17.49 -15.15 -20.36
N ILE D 71 -16.54 -16.06 -20.55
CA ILE D 71 -15.58 -16.38 -19.50
C ILE D 71 -14.42 -15.40 -19.42
N ASP D 72 -13.55 -15.41 -20.44
CA ASP D 72 -12.40 -14.52 -20.46
C ASP D 72 -12.82 -13.06 -20.28
N LEU D 73 -13.58 -12.55 -21.25
CA LEU D 73 -14.05 -11.17 -21.20
C LEU D 73 -15.32 -11.10 -20.36
N GLY D 74 -15.22 -11.53 -19.10
CA GLY D 74 -16.35 -11.53 -18.20
C GLY D 74 -16.99 -10.17 -17.98
N GLU D 75 -16.20 -9.22 -17.49
CA GLU D 75 -16.69 -7.87 -17.21
C GLU D 75 -17.10 -7.12 -18.48
N GLU D 76 -16.57 -7.54 -19.63
CA GLU D 76 -16.88 -6.89 -20.89
C GLU D 76 -18.28 -7.28 -21.39
N PHE D 77 -18.64 -8.54 -21.17
CA PHE D 77 -19.95 -9.03 -21.61
C PHE D 77 -20.94 -9.18 -20.45
N SER D 78 -20.51 -8.80 -19.25
CA SER D 78 -21.37 -8.89 -18.08
C SER D 78 -22.41 -7.78 -18.08
N GLY D 79 -23.07 -7.60 -19.22
CA GLY D 79 -24.09 -6.58 -19.35
C GLY D 79 -25.36 -7.16 -19.96
N ARG D 80 -26.50 -6.56 -19.62
CA ARG D 80 -27.78 -7.03 -20.14
C ARG D 80 -28.10 -6.45 -21.51
N GLY D 81 -28.32 -7.33 -22.48
CA GLY D 81 -28.65 -6.90 -23.82
C GLY D 81 -29.96 -6.15 -23.83
N HIS D 82 -30.27 -5.50 -24.95
CA HIS D 82 -31.51 -4.74 -25.07
C HIS D 82 -32.76 -5.61 -25.18
N PHE D 83 -33.60 -5.53 -24.16
CA PHE D 83 -34.86 -6.28 -24.13
C PHE D 83 -35.94 -5.28 -23.73
N PRO D 84 -36.75 -4.83 -24.71
CA PRO D 84 -37.82 -3.86 -24.50
C PRO D 84 -38.93 -4.23 -23.52
N LEU D 85 -39.55 -5.40 -23.70
CA LEU D 85 -40.64 -5.82 -22.83
C LEU D 85 -40.33 -5.65 -21.34
N ALA D 86 -39.13 -6.04 -20.93
CA ALA D 86 -38.73 -5.92 -19.53
C ALA D 86 -38.44 -4.47 -19.16
N GLU D 87 -38.05 -3.68 -20.14
CA GLU D 87 -37.73 -2.27 -19.92
C GLU D 87 -38.91 -1.49 -19.33
N ARG D 88 -40.11 -1.80 -19.80
CA ARG D 88 -41.31 -1.12 -19.33
C ARG D 88 -41.80 -1.66 -17.99
N ALA D 89 -41.50 -2.93 -17.73
CA ALA D 89 -41.93 -3.57 -16.48
C ALA D 89 -41.03 -3.23 -15.30
N ASN D 90 -39.75 -3.58 -15.40
CA ASN D 90 -38.80 -3.33 -14.33
C ASN D 90 -38.29 -1.90 -14.29
N ARG D 91 -38.37 -1.19 -15.42
CA ARG D 91 -37.92 0.19 -15.48
C ARG D 91 -36.43 0.30 -15.14
N GLY D 92 -35.72 -0.81 -15.27
CA GLY D 92 -34.30 -0.82 -14.97
C GLY D 92 -33.99 -1.19 -13.54
N PHE D 93 -34.80 -2.08 -12.97
CA PHE D 93 -34.62 -2.53 -11.59
C PHE D 93 -34.53 -4.05 -11.54
N GLY D 94 -34.29 -4.58 -10.34
CA GLY D 94 -34.19 -6.02 -10.18
C GLY D 94 -32.81 -6.54 -10.47
N ILE D 95 -32.66 -7.86 -10.49
CA ILE D 95 -31.38 -8.51 -10.75
C ILE D 95 -31.22 -8.97 -12.19
N VAL D 96 -32.28 -9.56 -12.74
CA VAL D 96 -32.25 -10.09 -14.11
C VAL D 96 -32.04 -9.07 -15.24
N PHE D 97 -32.65 -7.89 -15.14
CA PHE D 97 -32.50 -6.89 -16.19
C PHE D 97 -31.88 -5.56 -15.79
N SER D 98 -31.01 -5.57 -14.78
CA SER D 98 -30.34 -4.36 -14.34
C SER D 98 -28.89 -4.38 -14.78
N ASN D 99 -28.27 -3.21 -14.86
CA ASN D 99 -26.88 -3.10 -15.29
C ASN D 99 -26.07 -2.22 -14.35
N GLY D 100 -24.83 -1.95 -14.72
CA GLY D 100 -23.96 -1.12 -13.90
C GLY D 100 -23.83 -1.65 -12.49
N LYS D 101 -23.48 -0.77 -11.56
CA LYS D 101 -23.33 -1.16 -10.15
C LYS D 101 -24.62 -1.81 -9.65
N ARG D 102 -25.74 -1.12 -9.86
CA ARG D 102 -27.05 -1.61 -9.45
C ARG D 102 -27.13 -3.13 -9.53
N TRP D 103 -26.75 -3.67 -10.68
CA TRP D 103 -26.77 -5.11 -10.90
C TRP D 103 -25.85 -5.88 -9.96
N LYS D 104 -24.56 -5.55 -9.99
CA LYS D 104 -23.59 -6.25 -9.14
C LYS D 104 -23.96 -6.20 -7.66
N GLU D 105 -24.57 -5.11 -7.24
CA GLU D 105 -24.97 -4.97 -5.84
C GLU D 105 -26.13 -5.90 -5.47
N ILE D 106 -27.21 -5.81 -6.24
CA ILE D 106 -28.38 -6.65 -5.99
C ILE D 106 -28.03 -8.13 -6.22
N ARG D 107 -27.28 -8.38 -7.29
CA ARG D 107 -26.85 -9.72 -7.64
C ARG D 107 -26.09 -10.38 -6.48
N ARG D 108 -24.87 -9.89 -6.23
CA ARG D 108 -24.02 -10.41 -5.18
C ARG D 108 -24.77 -10.67 -3.88
N PHE D 109 -25.58 -9.70 -3.46
CA PHE D 109 -26.35 -9.85 -2.23
C PHE D 109 -27.22 -11.11 -2.31
N SER D 110 -27.88 -11.30 -3.44
CA SER D 110 -28.73 -12.46 -3.65
C SER D 110 -27.95 -13.76 -3.50
N LEU D 111 -26.90 -13.91 -4.31
CA LEU D 111 -26.08 -15.11 -4.27
C LEU D 111 -25.66 -15.54 -2.86
N MET D 112 -25.64 -14.59 -1.93
CA MET D 112 -25.25 -14.91 -0.56
C MET D 112 -26.42 -15.42 0.27
N THR D 113 -27.55 -14.72 0.22
CA THR D 113 -28.74 -15.11 0.98
C THR D 113 -29.38 -16.35 0.37
N LEU D 114 -28.70 -16.96 -0.60
CA LEU D 114 -29.18 -18.16 -1.25
C LEU D 114 -28.24 -19.34 -1.02
N GLU D 125 -31.72 -25.72 2.08
CA GLU D 125 -32.07 -26.99 1.43
C GLU D 125 -33.35 -27.57 2.02
N ASP D 126 -33.47 -27.51 3.34
CA ASP D 126 -34.64 -28.04 4.03
C ASP D 126 -35.91 -27.63 3.30
N ARG D 127 -35.92 -26.39 2.82
CA ARG D 127 -37.07 -25.85 2.10
C ARG D 127 -37.41 -26.71 0.88
N VAL D 128 -36.37 -27.25 0.24
CA VAL D 128 -36.56 -28.10 -0.93
C VAL D 128 -37.26 -29.44 -0.74
N GLN D 129 -36.67 -30.28 0.11
CA GLN D 129 -37.23 -31.58 0.42
C GLN D 129 -38.64 -31.44 1.00
N GLU D 130 -38.88 -30.30 1.63
CA GLU D 130 -40.14 -30.03 2.31
C GLU D 130 -41.14 -29.88 1.20
N GLU D 131 -40.72 -29.17 0.14
CA GLU D 131 -41.51 -29.05 -1.07
C GLU D 131 -41.66 -30.39 -1.80
N ALA D 132 -40.58 -31.16 -1.82
CA ALA D 132 -40.51 -32.40 -2.59
C ALA D 132 -41.62 -33.34 -2.15
N ARG D 133 -41.80 -33.46 -0.84
CA ARG D 133 -42.83 -34.33 -0.29
C ARG D 133 -44.22 -33.89 -0.72
N CYS D 134 -44.56 -32.63 -0.47
CA CYS D 134 -45.86 -32.10 -0.85
C CYS D 134 -46.21 -32.52 -2.27
N LEU D 135 -45.20 -32.51 -3.13
CA LEU D 135 -45.37 -32.91 -4.53
C LEU D 135 -45.77 -34.38 -4.57
N VAL D 136 -44.97 -35.21 -3.93
CA VAL D 136 -45.21 -36.66 -3.87
C VAL D 136 -46.63 -36.93 -3.40
N GLU D 137 -47.08 -36.18 -2.39
CA GLU D 137 -48.41 -36.34 -1.84
C GLU D 137 -49.45 -36.10 -2.93
N GLU D 138 -49.39 -34.94 -3.57
CA GLU D 138 -50.32 -34.59 -4.62
C GLU D 138 -50.21 -35.57 -5.79
N LEU D 139 -49.02 -36.13 -5.98
CA LEU D 139 -48.79 -37.10 -7.04
C LEU D 139 -49.41 -38.43 -6.65
N ARG D 140 -49.61 -38.61 -5.34
CA ARG D 140 -50.20 -39.83 -4.81
C ARG D 140 -51.71 -39.74 -4.98
N LYS D 141 -52.26 -38.55 -4.77
CA LYS D 141 -53.70 -38.33 -4.88
C LYS D 141 -54.17 -38.44 -6.32
N THR D 142 -53.26 -38.84 -7.21
CA THR D 142 -53.59 -39.00 -8.63
C THR D 142 -54.23 -40.37 -8.88
N LYS D 143 -53.87 -41.33 -8.04
CA LYS D 143 -54.39 -42.69 -8.14
C LYS D 143 -54.00 -43.40 -9.44
N ALA D 144 -52.71 -43.38 -9.75
CA ALA D 144 -52.18 -44.03 -10.95
C ALA D 144 -53.09 -43.93 -12.17
N SER D 145 -53.61 -42.74 -12.42
CA SER D 145 -54.49 -42.52 -13.57
C SER D 145 -53.84 -41.53 -14.53
N PRO D 146 -54.14 -41.65 -15.84
CA PRO D 146 -53.56 -40.75 -16.84
C PRO D 146 -53.94 -39.29 -16.60
N CYS D 147 -52.94 -38.42 -16.52
CA CYS D 147 -53.18 -37.00 -16.30
C CYS D 147 -52.05 -36.15 -16.85
N ASP D 148 -52.21 -34.83 -16.75
CA ASP D 148 -51.20 -33.89 -17.22
C ASP D 148 -50.48 -33.31 -16.01
N PRO D 149 -49.16 -33.54 -15.91
CA PRO D 149 -48.33 -33.04 -14.80
C PRO D 149 -47.87 -31.60 -14.92
N THR D 150 -48.27 -30.91 -15.98
CA THR D 150 -47.88 -29.52 -16.20
C THR D 150 -48.11 -28.68 -14.94
N PHE D 151 -49.33 -28.71 -14.43
CA PHE D 151 -49.68 -27.95 -13.23
C PHE D 151 -49.02 -28.49 -11.97
N ILE D 152 -49.11 -29.80 -11.77
CA ILE D 152 -48.54 -30.44 -10.59
C ILE D 152 -47.03 -30.25 -10.51
N LEU D 153 -46.36 -30.30 -11.65
CA LEU D 153 -44.92 -30.14 -11.72
C LEU D 153 -44.47 -28.68 -11.56
N GLY D 154 -45.36 -27.76 -11.93
CA GLY D 154 -45.03 -26.34 -11.83
C GLY D 154 -45.14 -25.76 -10.44
N CYS D 155 -46.08 -26.27 -9.65
CA CYS D 155 -46.30 -25.78 -8.29
C CYS D 155 -45.14 -26.03 -7.34
N ALA D 156 -44.44 -27.15 -7.53
CA ALA D 156 -43.32 -27.50 -6.66
C ALA D 156 -42.18 -26.48 -6.71
N PRO D 157 -41.70 -26.13 -7.91
CA PRO D 157 -40.60 -25.16 -8.02
C PRO D 157 -41.03 -23.78 -7.52
N CYS D 158 -42.15 -23.30 -8.02
CA CYS D 158 -42.69 -21.99 -7.64
C CYS D 158 -42.76 -21.83 -6.13
N ASN D 159 -43.43 -22.77 -5.48
CA ASN D 159 -43.60 -22.74 -4.03
C ASN D 159 -42.25 -22.67 -3.32
N VAL D 160 -41.26 -23.38 -3.86
CA VAL D 160 -39.92 -23.38 -3.26
C VAL D 160 -39.38 -21.95 -3.27
N ILE D 161 -39.74 -21.20 -4.31
CA ILE D 161 -39.29 -19.81 -4.43
C ILE D 161 -39.99 -18.99 -3.37
N CYS D 162 -41.32 -19.08 -3.34
CA CYS D 162 -42.12 -18.35 -2.36
C CYS D 162 -41.60 -18.71 -0.97
N SER D 163 -41.24 -19.97 -0.79
CA SER D 163 -40.71 -20.48 0.47
C SER D 163 -39.41 -19.79 0.85
N ILE D 164 -38.59 -19.51 -0.15
CA ILE D 164 -37.30 -18.86 0.07
C ILE D 164 -37.48 -17.35 0.21
N ILE D 165 -38.46 -16.80 -0.51
CA ILE D 165 -38.73 -15.37 -0.47
C ILE D 165 -39.40 -15.03 0.85
N PHE D 166 -40.56 -15.64 1.09
CA PHE D 166 -41.34 -15.41 2.30
C PHE D 166 -41.10 -16.56 3.27
N GLN D 167 -40.98 -16.23 4.56
CA GLN D 167 -40.75 -17.22 5.59
C GLN D 167 -41.74 -18.37 5.51
N LYS D 168 -43.02 -18.03 5.34
CA LYS D 168 -44.07 -19.04 5.28
C LYS D 168 -44.34 -19.59 3.89
N ARG D 169 -44.41 -20.91 3.80
CA ARG D 169 -44.69 -21.61 2.56
C ARG D 169 -46.16 -21.43 2.22
N PHE D 170 -46.57 -21.78 1.01
CA PHE D 170 -47.96 -21.63 0.61
C PHE D 170 -48.62 -22.97 0.29
N ASP D 171 -49.94 -23.01 0.47
CA ASP D 171 -50.72 -24.22 0.21
C ASP D 171 -51.16 -24.29 -1.25
N TYR D 172 -51.28 -25.51 -1.76
CA TYR D 172 -51.68 -25.76 -3.14
C TYR D 172 -53.13 -25.35 -3.43
N LYS D 173 -53.91 -25.11 -2.38
CA LYS D 173 -55.30 -24.72 -2.55
C LYS D 173 -55.52 -23.26 -2.14
N ASP D 174 -54.46 -22.63 -1.65
CA ASP D 174 -54.52 -21.23 -1.23
C ASP D 174 -54.63 -20.35 -2.46
N GLN D 175 -55.67 -19.53 -2.51
CA GLN D 175 -55.88 -18.63 -3.65
C GLN D 175 -54.66 -17.77 -3.97
N GLN D 176 -54.00 -17.26 -2.95
CA GLN D 176 -52.82 -16.43 -3.17
C GLN D 176 -51.81 -17.18 -4.03
N PHE D 177 -51.53 -18.42 -3.65
CA PHE D 177 -50.58 -19.26 -4.39
C PHE D 177 -51.13 -19.62 -5.76
N LEU D 178 -52.43 -19.92 -5.82
CA LEU D 178 -53.08 -20.30 -7.07
C LEU D 178 -53.11 -19.14 -8.06
N ASN D 179 -53.50 -17.97 -7.59
CA ASN D 179 -53.59 -16.79 -8.45
C ASN D 179 -52.19 -16.39 -8.90
N LEU D 180 -51.21 -16.54 -8.01
CA LEU D 180 -49.83 -16.21 -8.33
C LEU D 180 -49.45 -17.05 -9.55
N MET D 181 -49.58 -18.37 -9.40
CA MET D 181 -49.28 -19.31 -10.48
C MET D 181 -50.06 -18.92 -11.73
N GLU D 182 -51.31 -18.52 -11.52
CA GLU D 182 -52.19 -18.12 -12.62
C GLU D 182 -51.52 -17.08 -13.52
N LYS D 183 -51.28 -15.90 -12.97
CA LYS D 183 -50.64 -14.83 -13.73
C LYS D 183 -49.21 -15.20 -14.11
N LEU D 184 -48.45 -15.66 -13.12
CA LEU D 184 -47.07 -16.06 -13.33
C LEU D 184 -46.92 -16.97 -14.54
N ASN D 185 -47.87 -17.89 -14.71
CA ASN D 185 -47.85 -18.83 -15.82
C ASN D 185 -48.23 -18.12 -17.12
N GLU D 186 -49.21 -17.23 -17.05
CA GLU D 186 -49.66 -16.50 -18.21
C GLU D 186 -48.56 -15.63 -18.81
N ASN D 187 -47.60 -15.23 -17.98
CA ASN D 187 -46.51 -14.38 -18.44
C ASN D 187 -45.74 -15.03 -19.59
N ILE D 188 -45.25 -16.25 -19.36
CA ILE D 188 -44.51 -16.97 -20.38
C ILE D 188 -45.43 -17.25 -21.56
N ARG D 189 -46.69 -17.57 -21.24
CA ARG D 189 -47.69 -17.85 -22.26
C ARG D 189 -47.87 -16.62 -23.15
N ILE D 190 -47.62 -15.45 -22.58
CA ILE D 190 -47.74 -14.19 -23.30
C ILE D 190 -46.45 -13.80 -24.02
N VAL D 191 -45.33 -13.94 -23.34
CA VAL D 191 -44.03 -13.61 -23.91
C VAL D 191 -43.68 -14.54 -25.07
N SER D 192 -43.80 -15.84 -24.85
CA SER D 192 -43.50 -16.83 -25.87
C SER D 192 -44.26 -16.55 -27.17
N THR D 193 -45.44 -15.94 -27.03
CA THR D 193 -46.27 -15.60 -28.18
C THR D 193 -45.46 -14.88 -29.23
N PRO D 194 -45.64 -15.25 -30.51
CA PRO D 194 -44.89 -14.61 -31.61
C PRO D 194 -45.17 -13.11 -31.71
N TRP D 195 -46.31 -12.69 -31.18
CA TRP D 195 -46.69 -11.28 -31.21
C TRP D 195 -45.69 -10.44 -30.42
N ILE D 196 -45.35 -10.88 -29.22
CA ILE D 196 -44.40 -10.16 -28.38
C ILE D 196 -42.98 -10.57 -28.74
N GLN D 197 -42.86 -11.67 -29.47
CA GLN D 197 -41.55 -12.17 -29.89
C GLN D 197 -40.99 -11.24 -30.96
N ILE D 198 -41.88 -10.64 -31.75
CA ILE D 198 -41.48 -9.73 -32.81
C ILE D 198 -41.71 -8.28 -32.42
N CYS D 199 -42.72 -8.03 -31.60
CA CYS D 199 -43.05 -6.69 -31.16
C CYS D 199 -42.03 -6.16 -30.15
N ASN D 200 -40.97 -6.93 -29.91
CA ASN D 200 -39.94 -6.53 -28.97
C ASN D 200 -38.82 -5.87 -29.78
N ASN D 201 -38.70 -6.26 -31.04
CA ASN D 201 -37.69 -5.70 -31.92
C ASN D 201 -37.98 -4.22 -32.14
N PHE D 202 -39.23 -3.93 -32.47
CA PHE D 202 -39.68 -2.56 -32.72
C PHE D 202 -40.37 -2.01 -31.49
N PRO D 203 -39.69 -1.11 -30.75
CA PRO D 203 -40.24 -0.50 -29.53
C PRO D 203 -41.59 0.19 -29.72
N THR D 204 -41.72 0.94 -30.81
CA THR D 204 -42.95 1.66 -31.10
C THR D 204 -44.17 0.75 -31.24
N ILE D 205 -43.98 -0.39 -31.91
CA ILE D 205 -45.05 -1.36 -32.12
C ILE D 205 -45.87 -1.65 -30.87
N ILE D 206 -45.21 -1.68 -29.72
CA ILE D 206 -45.88 -1.96 -28.46
C ILE D 206 -46.11 -0.70 -27.64
N ASP D 207 -45.33 0.34 -27.91
CA ASP D 207 -45.44 1.60 -27.20
C ASP D 207 -46.70 2.38 -27.55
N TYR D 208 -47.16 2.26 -28.79
CA TYR D 208 -48.35 2.98 -29.23
C TYR D 208 -49.52 2.08 -29.60
N PHE D 209 -49.23 0.92 -30.18
CA PHE D 209 -50.28 -0.01 -30.59
C PHE D 209 -50.57 -1.06 -29.52
N PRO D 210 -51.83 -1.10 -29.03
CA PRO D 210 -52.24 -2.06 -28.01
C PRO D 210 -52.10 -3.52 -28.47
N GLY D 211 -52.13 -4.44 -27.52
CA GLY D 211 -52.00 -5.85 -27.85
C GLY D 211 -52.03 -6.72 -26.61
N THR D 212 -51.69 -8.00 -26.77
CA THR D 212 -51.66 -8.93 -25.66
C THR D 212 -50.42 -8.75 -24.80
N HIS D 213 -49.84 -7.55 -24.84
CA HIS D 213 -48.65 -7.25 -24.06
C HIS D 213 -48.99 -6.28 -22.94
N ASN D 214 -50.14 -5.63 -23.07
CA ASN D 214 -50.60 -4.66 -22.08
C ASN D 214 -50.93 -5.37 -20.77
N LYS D 215 -51.34 -6.63 -20.87
CA LYS D 215 -51.69 -7.39 -19.68
C LYS D 215 -50.47 -7.90 -18.93
N LEU D 216 -49.43 -8.32 -19.65
CA LEU D 216 -48.21 -8.80 -19.02
C LEU D 216 -47.69 -7.74 -18.06
N LEU D 217 -47.66 -6.51 -18.52
CA LEU D 217 -47.19 -5.39 -17.70
C LEU D 217 -48.19 -5.16 -16.58
N LYS D 218 -49.44 -5.52 -16.84
CA LYS D 218 -50.51 -5.36 -15.86
C LYS D 218 -50.42 -6.47 -14.81
N ASN D 219 -50.00 -7.65 -15.24
CA ASN D 219 -49.85 -8.79 -14.35
C ASN D 219 -48.65 -8.58 -13.43
N LEU D 220 -47.52 -8.22 -14.03
CA LEU D 220 -46.31 -7.99 -13.26
C LEU D 220 -46.56 -6.85 -12.28
N ALA D 221 -47.43 -5.93 -12.68
CA ALA D 221 -47.78 -4.79 -11.85
C ALA D 221 -48.59 -5.30 -10.65
N PHE D 222 -49.72 -5.93 -10.94
CA PHE D 222 -50.58 -6.47 -9.89
C PHE D 222 -49.78 -7.43 -9.01
N MET D 223 -49.00 -8.30 -9.64
CA MET D 223 -48.17 -9.26 -8.92
C MET D 223 -47.18 -8.50 -8.06
N GLU D 224 -46.81 -7.31 -8.51
CA GLU D 224 -45.87 -6.46 -7.79
C GLU D 224 -46.52 -5.90 -6.54
N SER D 225 -47.67 -5.25 -6.72
CA SER D 225 -48.42 -4.66 -5.61
C SER D 225 -48.50 -5.63 -4.43
N ASP D 226 -48.91 -6.86 -4.72
CA ASP D 226 -49.04 -7.88 -3.69
C ASP D 226 -47.73 -8.10 -2.94
N ILE D 227 -46.61 -8.01 -3.66
CA ILE D 227 -45.30 -8.20 -3.05
C ILE D 227 -45.02 -7.11 -2.03
N LEU D 228 -45.61 -5.94 -2.22
CA LEU D 228 -45.42 -4.83 -1.30
C LEU D 228 -46.12 -5.13 0.02
N GLU D 229 -47.17 -5.95 -0.04
CA GLU D 229 -47.93 -6.34 1.14
C GLU D 229 -47.02 -7.02 2.15
N LYS D 230 -46.48 -8.18 1.77
CA LYS D 230 -45.59 -8.93 2.63
C LYS D 230 -44.46 -8.08 3.20
N VAL D 231 -43.75 -7.38 2.31
CA VAL D 231 -42.64 -6.53 2.72
C VAL D 231 -43.04 -5.66 3.91
N LYS D 232 -44.17 -4.96 3.79
CA LYS D 232 -44.66 -4.11 4.86
C LYS D 232 -44.99 -4.90 6.12
N GLU D 233 -45.35 -6.17 5.94
CA GLU D 233 -45.68 -7.02 7.08
C GLU D 233 -44.41 -7.40 7.85
N HIS D 234 -43.43 -7.93 7.14
CA HIS D 234 -42.17 -8.32 7.76
C HIS D 234 -41.57 -7.08 8.42
N GLN D 235 -42.05 -5.92 7.99
CA GLN D 235 -41.59 -4.64 8.49
C GLN D 235 -42.15 -4.38 9.89
N GLU D 236 -43.36 -4.87 10.15
CA GLU D 236 -44.01 -4.71 11.45
C GLU D 236 -43.36 -5.58 12.52
N SER D 237 -43.26 -6.87 12.24
CA SER D 237 -42.67 -7.82 13.18
C SER D 237 -41.16 -7.95 12.98
N MET D 238 -40.60 -7.03 12.19
CA MET D 238 -39.16 -7.04 11.91
C MET D 238 -38.31 -7.05 13.17
N ASP D 239 -37.44 -8.07 13.27
CA ASP D 239 -36.53 -8.21 14.40
C ASP D 239 -35.13 -8.45 13.85
N ILE D 240 -34.39 -7.36 13.67
CA ILE D 240 -33.03 -7.41 13.14
C ILE D 240 -32.20 -8.61 13.64
N ASN D 241 -32.40 -8.98 14.90
CA ASN D 241 -31.65 -10.10 15.48
C ASN D 241 -31.79 -11.38 14.66
N ASN D 242 -33.02 -11.73 14.30
CA ASN D 242 -33.26 -12.94 13.53
C ASN D 242 -34.17 -12.71 12.33
N PRO D 243 -33.61 -12.77 11.11
CA PRO D 243 -34.36 -12.56 9.87
C PRO D 243 -35.17 -13.80 9.47
N ARG D 244 -36.49 -13.62 9.36
CA ARG D 244 -37.37 -14.71 9.00
C ARG D 244 -37.18 -15.19 7.56
N ASP D 245 -36.92 -14.27 6.65
CA ASP D 245 -36.74 -14.62 5.24
C ASP D 245 -35.91 -13.62 4.44
N PHE D 246 -35.93 -13.80 3.13
CA PHE D 246 -35.20 -12.94 2.21
C PHE D 246 -35.55 -11.48 2.43
N ILE D 247 -36.85 -11.18 2.42
CA ILE D 247 -37.34 -9.83 2.62
C ILE D 247 -36.76 -9.18 3.86
N ASP D 248 -36.77 -9.91 4.98
CA ASP D 248 -36.25 -9.38 6.23
C ASP D 248 -34.80 -8.94 6.12
N CYS D 249 -33.98 -9.72 5.44
CA CYS D 249 -32.57 -9.37 5.26
C CYS D 249 -32.49 -8.04 4.53
N PHE D 250 -33.08 -8.00 3.34
CA PHE D 250 -33.10 -6.79 2.53
C PHE D 250 -33.68 -5.65 3.38
N LEU D 251 -34.67 -5.99 4.20
CA LEU D 251 -35.34 -5.03 5.06
C LEU D 251 -34.38 -4.49 6.12
N ILE D 252 -33.42 -5.33 6.52
CA ILE D 252 -32.43 -4.93 7.52
C ILE D 252 -31.36 -4.07 6.87
N LYS D 253 -30.84 -4.56 5.74
CA LYS D 253 -29.79 -3.84 5.00
C LYS D 253 -30.31 -2.45 4.66
N MET D 254 -31.58 -2.38 4.29
CA MET D 254 -32.23 -1.12 3.94
C MET D 254 -32.11 -0.07 5.04
N GLU D 255 -32.04 -0.53 6.28
CA GLU D 255 -31.94 0.36 7.43
C GLU D 255 -30.52 0.87 7.64
N LYS D 256 -29.54 -0.02 7.51
CA LYS D 256 -28.13 0.35 7.71
C LYS D 256 -27.62 1.17 6.53
N GLU D 257 -28.52 1.65 5.69
CA GLU D 257 -28.13 2.44 4.52
C GLU D 257 -29.04 3.65 4.33
N LYS D 258 -30.05 3.78 5.19
CA LYS D 258 -30.99 4.90 5.10
C LYS D 258 -30.28 6.24 5.02
N GLN D 259 -29.13 6.34 5.69
CA GLN D 259 -28.36 7.58 5.69
C GLN D 259 -27.63 7.72 4.36
N ASN D 260 -27.28 6.57 3.76
CA ASN D 260 -26.59 6.55 2.49
C ASN D 260 -27.59 6.88 1.37
N GLN D 261 -27.13 7.62 0.37
CA GLN D 261 -28.00 7.99 -0.74
C GLN D 261 -27.65 7.22 -2.02
N GLN D 262 -26.51 6.52 -1.97
CA GLN D 262 -26.06 5.73 -3.12
C GLN D 262 -26.50 4.28 -2.95
N SER D 263 -27.41 4.04 -2.00
CA SER D 263 -27.90 2.70 -1.72
C SER D 263 -28.86 2.17 -2.77
N GLU D 264 -28.57 0.98 -3.28
CA GLU D 264 -29.41 0.34 -4.29
C GLU D 264 -30.44 -0.53 -3.55
N PHE D 265 -30.41 -0.46 -2.23
CA PHE D 265 -31.31 -1.24 -1.39
C PHE D 265 -32.54 -0.46 -0.95
N THR D 266 -33.38 -0.10 -1.93
CA THR D 266 -34.61 0.64 -1.65
C THR D 266 -35.78 -0.33 -1.70
N ILE D 267 -36.95 0.13 -1.25
CA ILE D 267 -38.14 -0.72 -1.26
C ILE D 267 -38.51 -1.02 -2.70
N GLU D 268 -38.08 -0.16 -3.60
CA GLU D 268 -38.36 -0.31 -5.03
C GLU D 268 -37.63 -1.52 -5.58
N ASN D 269 -36.31 -1.53 -5.39
CA ASN D 269 -35.48 -2.64 -5.87
C ASN D 269 -35.91 -3.96 -5.24
N LEU D 270 -36.42 -3.89 -4.02
CA LEU D 270 -36.86 -5.09 -3.31
C LEU D 270 -38.04 -5.75 -4.01
N VAL D 271 -39.13 -5.01 -4.17
CA VAL D 271 -40.32 -5.54 -4.82
C VAL D 271 -40.03 -6.07 -6.22
N ILE D 272 -39.19 -5.37 -6.97
CA ILE D 272 -38.83 -5.79 -8.31
C ILE D 272 -37.92 -7.01 -8.29
N THR D 273 -36.96 -7.02 -7.36
CA THR D 273 -36.03 -8.13 -7.24
C THR D 273 -36.83 -9.41 -7.00
N ALA D 274 -37.83 -9.32 -6.13
CA ALA D 274 -38.68 -10.47 -5.82
C ALA D 274 -39.37 -10.97 -7.07
N ALA D 275 -40.16 -10.11 -7.70
CA ALA D 275 -40.88 -10.46 -8.92
C ALA D 275 -39.96 -11.14 -9.92
N ASP D 276 -38.69 -10.72 -9.94
CA ASP D 276 -37.71 -11.29 -10.84
C ASP D 276 -37.39 -12.74 -10.48
N LEU D 277 -36.88 -12.95 -9.27
CA LEU D 277 -36.54 -14.29 -8.82
C LEU D 277 -37.76 -15.20 -8.79
N LEU D 278 -38.91 -14.63 -8.43
CA LEU D 278 -40.15 -15.37 -8.35
C LEU D 278 -40.65 -15.81 -9.73
N GLY D 279 -40.12 -15.18 -10.77
CA GLY D 279 -40.51 -15.53 -12.13
C GLY D 279 -39.42 -16.23 -12.89
N ALA D 280 -38.17 -15.89 -12.58
CA ALA D 280 -37.02 -16.49 -13.25
C ALA D 280 -36.76 -17.91 -12.76
N GLY D 281 -37.45 -18.31 -11.69
CA GLY D 281 -37.25 -19.64 -11.15
C GLY D 281 -38.38 -20.63 -11.39
N THR D 282 -39.61 -20.16 -11.33
CA THR D 282 -40.78 -21.02 -11.50
C THR D 282 -40.87 -21.76 -12.84
N GLU D 283 -41.13 -21.02 -13.91
CA GLU D 283 -41.28 -21.61 -15.25
C GLU D 283 -40.05 -22.38 -15.73
N THR D 284 -38.87 -21.89 -15.34
CA THR D 284 -37.62 -22.52 -15.76
C THR D 284 -37.42 -23.93 -15.23
N THR D 285 -37.30 -24.07 -13.90
CA THR D 285 -37.11 -25.38 -13.29
C THR D 285 -38.26 -26.33 -13.60
N SER D 286 -39.47 -25.77 -13.68
CA SER D 286 -40.66 -26.56 -13.97
C SER D 286 -40.56 -27.29 -15.30
N THR D 287 -40.62 -26.54 -16.39
CA THR D 287 -40.56 -27.10 -17.74
C THR D 287 -39.48 -28.16 -17.89
N THR D 288 -38.40 -28.03 -17.12
CA THR D 288 -37.31 -28.99 -17.18
C THR D 288 -37.80 -30.35 -16.67
N LEU D 289 -38.52 -30.32 -15.56
CA LEU D 289 -39.07 -31.52 -14.96
C LEU D 289 -40.06 -32.19 -15.90
N ARG D 290 -41.05 -31.43 -16.35
CA ARG D 290 -42.08 -31.95 -17.25
C ARG D 290 -41.46 -32.64 -18.47
N TYR D 291 -40.27 -32.20 -18.85
CA TYR D 291 -39.58 -32.78 -20.01
C TYR D 291 -38.83 -34.04 -19.63
N ALA D 292 -38.24 -34.06 -18.44
CA ALA D 292 -37.49 -35.20 -17.95
C ALA D 292 -38.37 -36.45 -17.93
N LEU D 293 -39.57 -36.31 -17.35
CA LEU D 293 -40.51 -37.42 -17.26
C LEU D 293 -40.82 -37.96 -18.66
N LEU D 294 -41.10 -37.07 -19.58
CA LEU D 294 -41.40 -37.46 -20.95
C LEU D 294 -40.22 -38.19 -21.56
N LEU D 295 -39.02 -37.74 -21.24
CA LEU D 295 -37.79 -38.35 -21.74
C LEU D 295 -37.63 -39.75 -21.14
N LEU D 296 -38.02 -39.89 -19.88
CA LEU D 296 -37.92 -41.17 -19.20
C LEU D 296 -38.97 -42.13 -19.75
N LEU D 297 -40.12 -41.58 -20.14
CA LEU D 297 -41.19 -42.39 -20.72
C LEU D 297 -40.68 -42.99 -22.01
N LYS D 298 -40.21 -42.12 -22.90
CA LYS D 298 -39.68 -42.53 -24.19
C LYS D 298 -38.46 -43.44 -23.99
N HIS D 299 -37.75 -43.24 -22.89
CA HIS D 299 -36.58 -44.04 -22.58
C HIS D 299 -36.73 -44.76 -21.24
N PRO D 300 -37.43 -45.91 -21.25
CA PRO D 300 -37.67 -46.72 -20.04
C PRO D 300 -36.39 -47.25 -19.40
N GLU D 301 -35.61 -47.99 -20.19
CA GLU D 301 -34.36 -48.58 -19.71
C GLU D 301 -33.54 -47.61 -18.86
N VAL D 302 -33.70 -46.31 -19.11
CA VAL D 302 -32.98 -45.30 -18.36
C VAL D 302 -33.58 -45.13 -16.98
N THR D 303 -34.90 -45.13 -16.90
CA THR D 303 -35.61 -44.97 -15.64
C THR D 303 -35.26 -46.11 -14.68
N ALA D 304 -35.16 -47.31 -15.22
CA ALA D 304 -34.83 -48.49 -14.43
C ALA D 304 -33.50 -48.31 -13.71
N LYS D 305 -32.45 -48.04 -14.50
CA LYS D 305 -31.12 -47.85 -13.96
C LYS D 305 -31.06 -46.70 -12.95
N VAL D 306 -31.94 -45.72 -13.11
CA VAL D 306 -31.99 -44.58 -12.21
C VAL D 306 -32.50 -45.03 -10.84
N GLN D 307 -33.64 -45.69 -10.83
CA GLN D 307 -34.24 -46.17 -9.59
C GLN D 307 -33.32 -47.23 -8.97
N GLU D 308 -32.76 -48.08 -9.82
CA GLU D 308 -31.86 -49.14 -9.37
C GLU D 308 -30.74 -48.54 -8.53
N GLU D 309 -30.30 -47.34 -8.90
CA GLU D 309 -29.23 -46.66 -8.18
C GLU D 309 -29.79 -45.98 -6.93
N ILE D 310 -31.03 -45.51 -7.03
CA ILE D 310 -31.69 -44.85 -5.91
C ILE D 310 -31.75 -45.83 -4.73
N GLU D 311 -32.17 -47.05 -5.03
CA GLU D 311 -32.28 -48.11 -4.04
C GLU D 311 -30.92 -48.41 -3.41
N ARG D 312 -30.00 -48.86 -4.23
CA ARG D 312 -28.64 -49.22 -3.82
C ARG D 312 -27.93 -48.26 -2.85
N VAL D 313 -27.95 -46.97 -3.17
CA VAL D 313 -27.27 -45.97 -2.34
C VAL D 313 -28.10 -45.31 -1.24
N VAL D 314 -29.36 -45.02 -1.52
CA VAL D 314 -30.23 -44.36 -0.55
C VAL D 314 -31.04 -45.33 0.31
N GLY D 315 -31.60 -46.35 -0.32
CA GLY D 315 -32.40 -47.31 0.41
C GLY D 315 -33.86 -46.94 0.31
N ARG D 316 -34.74 -47.87 0.67
CA ARG D 316 -36.18 -47.63 0.61
C ARG D 316 -36.78 -47.06 1.89
N ASN D 317 -35.92 -46.57 2.78
CA ASN D 317 -36.39 -45.99 4.04
C ASN D 317 -36.34 -44.46 4.06
N ARG D 318 -35.13 -43.91 4.14
CA ARG D 318 -34.93 -42.46 4.19
C ARG D 318 -35.17 -41.76 2.86
N SER D 319 -35.29 -40.44 2.92
CA SER D 319 -35.51 -39.61 1.74
C SER D 319 -34.18 -39.08 1.21
N PRO D 320 -34.05 -39.01 -0.13
CA PRO D 320 -32.82 -38.52 -0.79
C PRO D 320 -32.44 -37.09 -0.40
N CYS D 321 -31.14 -36.87 -0.23
CA CYS D 321 -30.61 -35.56 0.11
C CYS D 321 -29.52 -35.21 -0.90
N MET D 322 -28.88 -34.05 -0.71
CA MET D 322 -27.84 -33.63 -1.62
C MET D 322 -26.56 -34.44 -1.44
N GLN D 323 -26.29 -34.83 -0.20
CA GLN D 323 -25.09 -35.61 0.11
C GLN D 323 -25.09 -36.94 -0.65
N ASP D 324 -26.26 -37.39 -1.06
CA ASP D 324 -26.39 -38.65 -1.80
C ASP D 324 -26.06 -38.47 -3.27
N ARG D 325 -26.21 -37.26 -3.78
CA ARG D 325 -25.93 -36.96 -5.18
C ARG D 325 -24.51 -37.36 -5.55
N GLY D 326 -23.55 -36.96 -4.72
CA GLY D 326 -22.16 -37.28 -4.98
C GLY D 326 -21.87 -38.74 -5.24
N HIS D 327 -22.66 -39.63 -4.62
CA HIS D 327 -22.46 -41.06 -4.81
C HIS D 327 -23.39 -41.67 -5.85
N MET D 328 -24.05 -40.81 -6.63
CA MET D 328 -24.97 -41.27 -7.66
C MET D 328 -24.59 -40.67 -9.01
N PRO D 329 -23.67 -41.34 -9.74
CA PRO D 329 -23.19 -40.88 -11.05
C PRO D 329 -24.26 -40.85 -12.14
N TYR D 330 -24.83 -42.01 -12.46
CA TYR D 330 -25.85 -42.08 -13.50
C TYR D 330 -26.98 -41.09 -13.25
N THR D 331 -27.56 -41.15 -12.05
CA THR D 331 -28.65 -40.24 -11.69
C THR D 331 -28.26 -38.80 -12.04
N ASP D 332 -27.10 -38.37 -11.54
CA ASP D 332 -26.62 -37.02 -11.79
C ASP D 332 -26.27 -36.85 -13.27
N ALA D 333 -25.85 -37.95 -13.90
CA ALA D 333 -25.49 -37.94 -15.31
C ALA D 333 -26.72 -37.77 -16.19
N VAL D 334 -27.82 -38.40 -15.79
CA VAL D 334 -29.07 -38.32 -16.55
C VAL D 334 -29.67 -36.92 -16.48
N VAL D 335 -29.70 -36.36 -15.27
CA VAL D 335 -30.26 -35.02 -15.06
C VAL D 335 -29.66 -34.03 -16.05
N HIS D 336 -28.38 -34.20 -16.35
CA HIS D 336 -27.68 -33.31 -17.28
C HIS D 336 -28.07 -33.59 -18.73
N GLU D 337 -27.92 -34.84 -19.16
CA GLU D 337 -28.28 -35.22 -20.53
C GLU D 337 -29.66 -34.67 -20.88
N VAL D 338 -30.50 -34.54 -19.86
CA VAL D 338 -31.85 -34.02 -20.04
C VAL D 338 -31.79 -32.53 -20.38
N GLN D 339 -31.02 -31.78 -19.58
CA GLN D 339 -30.89 -30.34 -19.80
C GLN D 339 -30.10 -30.03 -21.07
N ARG D 340 -29.09 -30.85 -21.34
CA ARG D 340 -28.26 -30.66 -22.53
C ARG D 340 -29.05 -31.01 -23.79
N TYR D 341 -30.15 -31.73 -23.60
CA TYR D 341 -30.98 -32.14 -24.73
C TYR D 341 -32.14 -31.21 -25.00
N ILE D 342 -32.93 -30.93 -23.97
CA ILE D 342 -34.10 -30.06 -24.14
C ILE D 342 -33.70 -28.64 -24.53
N ASP D 343 -32.57 -28.17 -24.01
CA ASP D 343 -32.09 -26.83 -24.33
C ASP D 343 -33.24 -25.83 -24.14
N LEU D 344 -33.76 -25.77 -22.92
CA LEU D 344 -34.89 -24.90 -22.60
C LEU D 344 -34.82 -23.56 -23.33
N ILE D 345 -33.69 -22.88 -23.21
CA ILE D 345 -33.47 -21.60 -23.85
C ILE D 345 -32.25 -21.61 -24.77
N PRO D 346 -32.49 -21.61 -26.07
CA PRO D 346 -31.42 -21.60 -27.06
C PRO D 346 -30.62 -20.30 -27.13
N THR D 347 -31.32 -19.18 -27.19
CA THR D 347 -30.66 -17.88 -27.29
C THR D 347 -30.29 -17.30 -25.93
N SER D 348 -30.57 -18.05 -24.87
CA SER D 348 -30.27 -17.59 -23.52
C SER D 348 -30.85 -16.19 -23.36
N LEU D 349 -30.21 -15.37 -22.53
CA LEU D 349 -30.67 -14.01 -22.31
C LEU D 349 -29.72 -13.02 -23.00
N PRO D 350 -30.28 -12.07 -23.76
CA PRO D 350 -29.50 -11.06 -24.47
C PRO D 350 -28.42 -10.43 -23.61
N HIS D 351 -27.21 -10.32 -24.15
CA HIS D 351 -26.09 -9.72 -23.45
C HIS D 351 -25.74 -8.39 -24.09
N ALA D 352 -24.92 -7.61 -23.40
CA ALA D 352 -24.51 -6.31 -23.91
C ALA D 352 -23.12 -5.95 -23.40
N VAL D 353 -22.24 -5.54 -24.33
CA VAL D 353 -20.89 -5.16 -23.96
C VAL D 353 -20.89 -3.82 -23.24
N THR D 354 -20.26 -3.79 -22.06
CA THR D 354 -20.19 -2.59 -21.26
C THR D 354 -19.30 -1.51 -21.88
N CYS D 355 -18.65 -1.85 -22.98
CA CYS D 355 -17.77 -0.92 -23.67
C CYS D 355 -17.23 -1.52 -24.97
N ASP D 356 -16.64 -0.68 -25.81
CA ASP D 356 -16.08 -1.13 -27.08
C ASP D 356 -15.13 -2.29 -26.81
N VAL D 357 -15.10 -3.27 -27.72
CA VAL D 357 -14.23 -4.44 -27.55
C VAL D 357 -13.75 -5.00 -28.88
N LYS D 358 -12.58 -5.62 -28.85
CA LYS D 358 -12.00 -6.26 -30.02
C LYS D 358 -12.15 -7.74 -29.74
N PHE D 359 -12.60 -8.50 -30.74
CA PHE D 359 -12.79 -9.93 -30.56
C PHE D 359 -11.85 -10.77 -31.42
N ARG D 360 -12.22 -10.95 -32.69
CA ARG D 360 -11.41 -11.73 -33.62
C ARG D 360 -11.28 -10.91 -34.89
N ASN D 361 -10.46 -9.87 -34.84
CA ASN D 361 -10.24 -8.99 -35.98
C ASN D 361 -11.49 -8.14 -36.20
N TYR D 362 -12.42 -8.22 -35.25
CA TYR D 362 -13.66 -7.48 -35.33
C TYR D 362 -13.84 -6.54 -34.14
N LEU D 363 -14.48 -5.41 -34.38
CA LEU D 363 -14.73 -4.41 -33.34
C LEU D 363 -16.21 -4.39 -32.99
N ILE D 364 -16.51 -4.29 -31.70
CA ILE D 364 -17.89 -4.27 -31.24
C ILE D 364 -18.15 -3.05 -30.35
N PRO D 365 -18.88 -2.06 -30.89
CA PRO D 365 -19.20 -0.82 -30.16
C PRO D 365 -19.86 -1.10 -28.81
N LYS D 366 -19.76 -0.13 -27.90
CA LYS D 366 -20.36 -0.25 -26.58
C LYS D 366 -21.87 -0.21 -26.67
N GLY D 367 -22.54 -0.90 -25.75
CA GLY D 367 -23.99 -0.94 -25.76
C GLY D 367 -24.54 -1.73 -26.93
N THR D 368 -23.81 -2.76 -27.34
CA THR D 368 -24.22 -3.61 -28.45
C THR D 368 -24.77 -4.93 -27.94
N THR D 369 -26.01 -5.24 -28.31
CA THR D 369 -26.65 -6.48 -27.89
C THR D 369 -25.89 -7.69 -28.40
N ILE D 370 -25.52 -8.58 -27.49
CA ILE D 370 -24.78 -9.79 -27.85
C ILE D 370 -25.62 -11.03 -27.57
N LEU D 371 -25.76 -11.88 -28.58
CA LEU D 371 -26.54 -13.10 -28.45
C LEU D 371 -25.64 -14.34 -28.40
N THR D 372 -25.67 -15.03 -27.25
CA THR D 372 -24.87 -16.23 -27.06
C THR D 372 -25.70 -17.48 -27.33
N SER D 373 -25.45 -18.10 -28.49
CA SER D 373 -26.17 -19.31 -28.87
C SER D 373 -25.74 -20.50 -28.03
N LEU D 374 -26.48 -20.78 -26.97
CA LEU D 374 -26.17 -21.91 -26.10
C LEU D 374 -26.38 -23.22 -26.84
N THR D 375 -27.33 -23.22 -27.78
CA THR D 375 -27.63 -24.41 -28.57
C THR D 375 -26.36 -24.99 -29.18
N SER D 376 -25.67 -24.17 -29.98
CA SER D 376 -24.43 -24.58 -30.63
C SER D 376 -23.47 -25.24 -29.64
N VAL D 377 -23.57 -24.83 -28.38
CA VAL D 377 -22.71 -25.37 -27.33
C VAL D 377 -23.23 -26.71 -26.85
N LEU D 378 -24.33 -26.68 -26.11
CA LEU D 378 -24.94 -27.88 -25.55
C LEU D 378 -25.10 -29.01 -26.56
N HIS D 379 -25.08 -28.69 -27.86
CA HIS D 379 -25.23 -29.72 -28.87
C HIS D 379 -24.05 -29.87 -29.83
N ASP D 380 -22.85 -29.52 -29.37
CA ASP D 380 -21.67 -29.66 -30.21
C ASP D 380 -21.53 -31.13 -30.60
N ASN D 381 -21.51 -31.41 -31.89
CA ASN D 381 -21.41 -32.78 -32.38
C ASN D 381 -20.06 -33.44 -32.08
N LYS D 382 -19.21 -32.75 -31.33
CA LYS D 382 -17.90 -33.28 -30.98
C LYS D 382 -17.82 -33.66 -29.51
N GLU D 383 -18.15 -32.70 -28.64
CA GLU D 383 -18.14 -32.95 -27.21
C GLU D 383 -19.23 -33.96 -26.87
N PHE D 384 -20.28 -33.98 -27.70
CA PHE D 384 -21.39 -34.90 -27.49
C PHE D 384 -21.70 -35.67 -28.77
N PRO D 385 -20.98 -36.77 -29.02
CA PRO D 385 -21.24 -37.56 -30.23
C PRO D 385 -22.74 -37.85 -30.32
N ASN D 386 -23.33 -37.57 -31.48
CA ASN D 386 -24.76 -37.78 -31.66
C ASN D 386 -25.48 -36.93 -30.62
N PRO D 387 -25.31 -35.60 -30.70
CA PRO D 387 -25.93 -34.64 -29.77
C PRO D 387 -27.45 -34.55 -29.92
N GLU D 388 -27.97 -35.13 -30.99
CA GLU D 388 -29.40 -35.11 -31.24
C GLU D 388 -30.11 -36.15 -30.39
N MET D 389 -29.42 -37.25 -30.12
CA MET D 389 -29.98 -38.34 -29.32
C MET D 389 -29.88 -38.08 -27.83
N PHE D 390 -30.89 -38.54 -27.09
CA PHE D 390 -30.91 -38.39 -25.64
C PHE D 390 -30.17 -39.57 -25.03
N ASP D 391 -28.87 -39.42 -24.84
CA ASP D 391 -28.05 -40.50 -24.28
C ASP D 391 -27.37 -40.07 -22.98
N PRO D 392 -27.77 -40.68 -21.86
CA PRO D 392 -27.22 -40.38 -20.53
C PRO D 392 -25.71 -40.63 -20.45
N ARG D 393 -25.19 -41.39 -21.40
CA ARG D 393 -23.77 -41.72 -21.44
C ARG D 393 -22.90 -40.48 -21.65
N HIS D 394 -23.40 -39.53 -22.43
CA HIS D 394 -22.68 -38.29 -22.72
C HIS D 394 -21.97 -37.72 -21.48
N PHE D 395 -22.53 -37.97 -20.31
CA PHE D 395 -21.96 -37.48 -19.06
C PHE D 395 -21.42 -38.60 -18.20
N LEU D 396 -20.76 -39.57 -18.83
CA LEU D 396 -20.19 -40.70 -18.12
C LEU D 396 -18.90 -41.21 -18.75
N ASP D 397 -17.91 -41.51 -17.92
CA ASP D 397 -16.63 -42.02 -18.40
C ASP D 397 -16.82 -43.48 -18.78
N GLU D 398 -15.72 -44.14 -19.15
CA GLU D 398 -15.78 -45.54 -19.53
C GLU D 398 -15.87 -46.44 -18.31
N GLY D 399 -15.73 -45.85 -17.13
CA GLY D 399 -15.79 -46.60 -15.89
C GLY D 399 -17.15 -46.57 -15.21
N GLY D 400 -18.05 -45.75 -15.73
CA GLY D 400 -19.38 -45.63 -15.15
C GLY D 400 -19.49 -44.46 -14.21
N ASN D 401 -18.45 -43.63 -14.20
CA ASN D 401 -18.40 -42.44 -13.35
C ASN D 401 -18.93 -41.23 -14.11
N PHE D 402 -19.25 -40.18 -13.36
CA PHE D 402 -19.76 -38.95 -13.96
C PHE D 402 -18.66 -38.26 -14.78
N LYS D 403 -19.00 -37.86 -16.00
CA LYS D 403 -18.03 -37.20 -16.86
C LYS D 403 -18.38 -35.73 -17.11
N LYS D 404 -17.82 -34.84 -16.31
CA LYS D 404 -18.06 -33.41 -16.44
C LYS D 404 -17.74 -32.90 -17.84
N SER D 405 -18.34 -31.77 -18.20
CA SER D 405 -18.13 -31.16 -19.50
C SER D 405 -18.24 -29.64 -19.42
N ASN D 406 -17.29 -28.95 -20.05
CA ASN D 406 -17.29 -27.50 -20.05
C ASN D 406 -18.36 -26.97 -21.00
N TYR D 407 -18.84 -27.85 -21.88
CA TYR D 407 -19.87 -27.49 -22.85
C TYR D 407 -21.24 -27.48 -22.18
N PHE D 408 -21.27 -27.80 -20.89
CA PHE D 408 -22.52 -27.81 -20.14
C PHE D 408 -22.86 -26.38 -19.73
N MET D 409 -23.53 -25.66 -20.62
CA MET D 409 -23.90 -24.27 -20.35
C MET D 409 -25.41 -24.01 -20.33
N PRO D 410 -26.21 -24.95 -19.81
CA PRO D 410 -27.66 -24.72 -19.77
C PRO D 410 -27.99 -23.45 -18.99
N PHE D 411 -27.19 -23.17 -17.97
CA PHE D 411 -27.37 -21.98 -17.14
C PHE D 411 -26.49 -20.85 -17.66
N SER D 412 -25.95 -21.03 -18.85
CA SER D 412 -25.07 -20.04 -19.46
C SER D 412 -23.78 -19.99 -18.66
N ALA D 413 -23.03 -18.89 -18.77
CA ALA D 413 -21.77 -18.75 -18.04
C ALA D 413 -21.32 -17.30 -17.94
N GLY D 414 -20.29 -17.08 -17.11
CA GLY D 414 -19.76 -15.74 -16.94
C GLY D 414 -20.27 -15.05 -15.68
N LYS D 415 -20.19 -13.72 -15.68
CA LYS D 415 -20.64 -12.92 -14.55
C LYS D 415 -22.16 -12.96 -14.46
N ARG D 416 -22.80 -13.20 -15.60
CA ARG D 416 -24.25 -13.24 -15.70
C ARG D 416 -24.83 -14.64 -15.46
N ILE D 417 -23.96 -15.59 -15.15
CA ILE D 417 -24.40 -16.96 -14.90
C ILE D 417 -25.64 -16.99 -14.01
N CYS D 418 -26.51 -17.96 -14.24
CA CYS D 418 -27.75 -18.08 -13.47
C CYS D 418 -27.52 -18.00 -11.97
N VAL D 419 -28.26 -17.09 -11.33
CA VAL D 419 -28.17 -16.89 -9.88
C VAL D 419 -28.99 -17.94 -9.14
N GLY D 420 -29.43 -18.97 -9.86
CA GLY D 420 -30.22 -20.01 -9.25
C GLY D 420 -29.74 -21.41 -9.57
N GLU D 421 -28.56 -21.52 -10.17
CA GLU D 421 -27.99 -22.82 -10.52
C GLU D 421 -28.04 -23.77 -9.32
N GLY D 422 -27.84 -23.22 -8.13
CA GLY D 422 -27.88 -24.04 -6.93
C GLY D 422 -29.26 -24.61 -6.69
N LEU D 423 -30.23 -23.73 -6.43
CA LEU D 423 -31.60 -24.16 -6.18
C LEU D 423 -32.09 -25.04 -7.32
N ALA D 424 -31.78 -24.64 -8.55
CA ALA D 424 -32.20 -25.39 -9.73
C ALA D 424 -31.64 -26.81 -9.71
N ARG D 425 -30.31 -26.92 -9.71
CA ARG D 425 -29.66 -28.22 -9.69
C ARG D 425 -30.11 -29.07 -8.51
N MET D 426 -30.49 -28.41 -7.42
CA MET D 426 -30.95 -29.09 -6.23
C MET D 426 -32.34 -29.68 -6.43
N GLU D 427 -33.31 -28.81 -6.75
CA GLU D 427 -34.67 -29.24 -6.97
C GLU D 427 -34.73 -30.39 -7.98
N LEU D 428 -34.17 -30.16 -9.16
CA LEU D 428 -34.15 -31.16 -10.21
C LEU D 428 -33.69 -32.53 -9.71
N PHE D 429 -32.77 -32.54 -8.76
CA PHE D 429 -32.25 -33.80 -8.21
C PHE D 429 -33.21 -34.43 -7.20
N LEU D 430 -33.55 -33.67 -6.17
CA LEU D 430 -34.46 -34.17 -5.13
C LEU D 430 -35.86 -34.43 -5.69
N PHE D 431 -36.43 -33.42 -6.32
CA PHE D 431 -37.76 -33.52 -6.91
C PHE D 431 -37.91 -34.70 -7.86
N LEU D 432 -36.81 -35.09 -8.50
CA LEU D 432 -36.85 -36.21 -9.44
C LEU D 432 -36.62 -37.55 -8.73
N THR D 433 -35.53 -37.65 -7.98
CA THR D 433 -35.22 -38.87 -7.25
C THR D 433 -36.40 -39.29 -6.39
N PHE D 434 -37.06 -38.30 -5.77
CA PHE D 434 -38.22 -38.55 -4.93
C PHE D 434 -39.29 -39.30 -5.72
N ILE D 435 -39.81 -38.66 -6.76
CA ILE D 435 -40.84 -39.25 -7.61
C ILE D 435 -40.48 -40.69 -7.99
N LEU D 436 -39.42 -40.84 -8.77
CA LEU D 436 -38.99 -42.16 -9.24
C LEU D 436 -38.79 -43.16 -8.10
N GLN D 437 -38.65 -42.67 -6.87
CA GLN D 437 -38.44 -43.56 -5.75
C GLN D 437 -39.71 -44.36 -5.45
N ASN D 438 -40.79 -43.65 -5.11
CA ASN D 438 -42.05 -44.30 -4.81
C ASN D 438 -43.11 -44.09 -5.89
N PHE D 439 -42.66 -44.17 -7.15
CA PHE D 439 -43.55 -44.00 -8.29
C PHE D 439 -42.96 -44.61 -9.56
N ASN D 440 -43.85 -44.99 -10.48
CA ASN D 440 -43.44 -45.55 -11.76
C ASN D 440 -44.28 -44.89 -12.84
N LEU D 441 -43.62 -44.41 -13.89
CA LEU D 441 -44.30 -43.73 -14.98
C LEU D 441 -44.84 -44.69 -16.02
N LYS D 442 -46.00 -44.35 -16.57
CA LYS D 442 -46.63 -45.18 -17.59
C LYS D 442 -47.46 -44.28 -18.51
N SER D 443 -47.17 -44.32 -19.80
CA SER D 443 -47.87 -43.49 -20.77
C SER D 443 -49.02 -44.25 -21.43
N LEU D 444 -49.97 -43.50 -21.98
CA LEU D 444 -51.13 -44.09 -22.64
C LEU D 444 -50.77 -44.58 -24.04
N ILE D 445 -49.51 -44.39 -24.42
CA ILE D 445 -49.03 -44.81 -25.74
C ILE D 445 -47.68 -45.50 -25.63
N ASP D 446 -47.35 -46.32 -26.62
CA ASP D 446 -46.09 -47.04 -26.65
C ASP D 446 -44.91 -46.11 -26.93
N PRO D 447 -43.84 -46.21 -26.11
CA PRO D 447 -42.64 -45.38 -26.25
C PRO D 447 -42.12 -45.29 -27.68
N LYS D 448 -42.25 -46.38 -28.44
CA LYS D 448 -41.80 -46.42 -29.82
C LYS D 448 -42.58 -45.42 -30.67
N ASP D 449 -43.65 -44.88 -30.08
CA ASP D 449 -44.50 -43.92 -30.78
C ASP D 449 -44.47 -42.56 -30.09
N LEU D 450 -43.86 -42.52 -28.91
CA LEU D 450 -43.77 -41.28 -28.14
C LEU D 450 -42.83 -40.30 -28.83
N ASP D 451 -43.01 -39.01 -28.56
CA ASP D 451 -42.18 -37.97 -29.16
C ASP D 451 -41.57 -37.02 -28.14
N THR D 452 -40.25 -36.84 -28.23
CA THR D 452 -39.53 -35.95 -27.34
C THR D 452 -38.99 -34.76 -28.14
N THR D 453 -39.59 -34.52 -29.29
CA THR D 453 -39.16 -33.43 -30.17
C THR D 453 -39.63 -32.08 -29.63
N PRO D 454 -38.69 -31.16 -29.37
CA PRO D 454 -39.01 -29.82 -28.85
C PRO D 454 -39.96 -29.04 -29.75
N VAL D 455 -40.81 -28.22 -29.14
CA VAL D 455 -41.77 -27.42 -29.89
C VAL D 455 -41.07 -26.34 -30.71
N VAL D 456 -40.02 -25.75 -30.13
CA VAL D 456 -39.23 -24.70 -30.78
C VAL D 456 -40.09 -23.74 -31.60
N ASN D 457 -41.31 -23.49 -31.13
CA ASN D 457 -42.22 -22.59 -31.83
C ASN D 457 -42.11 -21.19 -31.23
N GLY D 458 -41.19 -21.02 -30.30
CA GLY D 458 -40.99 -19.72 -29.65
C GLY D 458 -39.53 -19.53 -29.29
N PHE D 459 -39.21 -18.42 -28.63
CA PHE D 459 -37.83 -18.15 -28.24
C PHE D 459 -37.33 -19.31 -27.39
N ALA D 460 -38.19 -19.81 -26.51
CA ALA D 460 -37.85 -20.93 -25.64
C ALA D 460 -38.49 -22.19 -26.22
N SER D 461 -37.99 -23.35 -25.78
CA SER D 461 -38.53 -24.62 -26.25
C SER D 461 -39.36 -25.29 -25.17
N VAL D 462 -40.48 -25.88 -25.58
CA VAL D 462 -41.39 -26.55 -24.65
C VAL D 462 -41.78 -27.91 -25.21
N PRO D 463 -41.79 -28.95 -24.35
CA PRO D 463 -42.16 -30.30 -24.79
C PRO D 463 -43.64 -30.40 -25.14
N PRO D 464 -43.98 -31.26 -26.12
CA PRO D 464 -45.39 -31.42 -26.52
C PRO D 464 -46.24 -31.97 -25.38
N PHE D 465 -47.55 -31.83 -25.51
CA PHE D 465 -48.46 -32.31 -24.47
C PHE D 465 -48.40 -33.84 -24.35
N TYR D 466 -48.18 -34.31 -23.14
CA TYR D 466 -48.10 -35.75 -22.87
C TYR D 466 -48.67 -36.04 -21.49
N GLN D 467 -49.27 -37.22 -21.34
CA GLN D 467 -49.86 -37.61 -20.06
C GLN D 467 -49.26 -38.94 -19.59
N LEU D 468 -49.38 -39.20 -18.29
CA LEU D 468 -48.85 -40.43 -17.70
C LEU D 468 -49.46 -40.67 -16.34
N CYS D 469 -49.19 -41.85 -15.79
CA CYS D 469 -49.70 -42.22 -14.47
C CYS D 469 -48.53 -42.49 -13.52
N PHE D 470 -48.64 -42.01 -12.30
CA PHE D 470 -47.59 -42.19 -11.30
C PHE D 470 -47.91 -43.36 -10.37
N ILE D 471 -47.74 -44.58 -10.87
CA ILE D 471 -48.02 -45.78 -10.10
C ILE D 471 -47.10 -45.89 -8.88
N PRO D 472 -47.70 -45.99 -7.68
CA PRO D 472 -46.95 -46.11 -6.43
C PRO D 472 -46.17 -47.43 -6.39
N ILE D 473 -45.15 -47.49 -5.53
CA ILE D 473 -44.36 -48.70 -5.42
C ILE D 473 -44.64 -49.43 -4.11
CHA HEM E . 21.34 2.95 -1.14
CHB HEM E . 17.52 2.10 -3.86
CHC HEM E . 20.04 3.32 -7.68
CHD HEM E . 23.59 4.69 -4.87
C1A HEM E . 20.00 2.68 -1.45
C2A HEM E . 19.01 2.18 -0.60
C3A HEM E . 17.91 1.95 -1.41
C4A HEM E . 18.28 2.32 -2.70
CMA HEM E . 16.49 1.39 -0.99
CAA HEM E . 19.18 1.96 0.93
CBA HEM E . 18.82 3.11 1.83
CGA HEM E . 19.00 2.83 3.31
O1A HEM E . 18.10 3.12 4.09
O2A HEM E . 20.03 2.33 3.75
C1B HEM E . 17.83 2.26 -5.22
C2B HEM E . 17.02 1.89 -6.33
C3B HEM E . 17.79 2.25 -7.47
C4B HEM E . 19.00 2.78 -6.94
CMB HEM E . 15.64 1.29 -6.23
CAB HEM E . 17.49 2.11 -8.85
CBB HEM E . 16.23 2.35 -9.58
C1C HEM E . 21.21 3.96 -7.29
C2C HEM E . 22.15 4.49 -8.16
C3C HEM E . 23.28 4.78 -7.38
C4C HEM E . 22.93 4.38 -6.06
CMC HEM E . 21.95 4.73 -9.69
CAC HEM E . 24.49 5.33 -7.70
CBC HEM E . 24.86 6.69 -7.88
C1D HEM E . 23.32 4.32 -3.60
C2D HEM E . 24.18 4.51 -2.51
C3D HEM E . 23.54 4.05 -1.39
C4D HEM E . 22.30 3.60 -1.88
CMD HEM E . 25.59 5.13 -2.54
CAD HEM E . 24.04 4.03 0.09
CBD HEM E . 23.67 5.34 0.86
CGD HEM E . 24.10 5.49 2.35
O1D HEM E . 24.45 6.56 2.79
O2D HEM E . 24.07 4.49 3.09
NA HEM E . 19.52 2.75 -2.74
NB HEM E . 18.99 2.78 -5.63
NC HEM E . 21.68 3.88 -6.05
ND HEM E . 22.21 3.78 -3.20
FE HEM E . 20.59 3.34 -4.41
CAV 0XV F . 20.39 -1.16 -1.68
CAI 0XV F . 20.70 -2.11 -2.83
OAH 0XV F . 19.72 -2.91 -3.37
CAB 0XV F . 20.27 -3.65 -4.38
CAC 0XV F . 19.70 -4.62 -5.25
CAD 0XV F . 20.52 -5.24 -6.23
CAE 0XV F . 21.89 -4.90 -6.34
CAF 0XV F . 22.46 -3.94 -5.47
CAA 0XV F . 21.64 -3.31 -4.49
CAG 0XV F . 21.90 -2.34 -3.51
CAJ 0XV F . 23.27 -1.66 -3.25
OAK 0XV F . 23.36 -0.45 -3.44
CAL 0XV F . 24.52 -2.45 -2.75
CAM 0XV F . 25.74 -1.75 -2.55
CAN 0XV F . 26.90 -2.44 -2.11
CAO 0XV F . 28.20 -1.66 -1.89
CAP 0XV F . 26.86 -3.84 -1.85
OAW 0XV F . 27.98 -4.49 -1.43
CAQ 0XV F . 25.64 -4.54 -2.06
CAT 0XV F . 25.56 -6.05 -1.80
CAU 0XV F . 24.49 -3.85 -2.50
C1 GOL G . 8.66 21.65 -26.98
O1 GOL G . 9.59 22.65 -26.55
C2 GOL G . 8.76 21.46 -28.51
O2 GOL G . 10.15 21.35 -28.87
C3 GOL G . 8.02 20.20 -28.92
O3 GOL G . 6.67 20.53 -29.24
C1 GOL H . 28.47 -24.76 2.66
O1 GOL H . 27.70 -25.97 2.70
C2 GOL H . 28.80 -24.38 1.20
O2 GOL H . 28.82 -25.56 0.39
C3 GOL H . 27.74 -23.40 0.67
O3 GOL H . 27.97 -23.17 -0.73
C1 GOL I . 20.58 -18.69 9.39
O1 GOL I . 21.59 -18.53 10.40
C2 GOL I . 20.17 -17.32 8.84
O2 GOL I . 21.32 -16.51 8.63
C3 GOL I . 19.41 -17.50 7.52
O3 GOL I . 18.96 -16.24 7.04
CHA HEM J . 33.38 56.53 -8.38
CHB HEM J . 32.52 52.15 -9.88
CHC HEM J . 30.42 51.17 -5.76
CHD HEM J . 31.25 55.58 -4.29
C1A HEM J . 33.59 55.35 -9.11
C2A HEM J . 34.26 55.22 -10.33
C3A HEM J . 34.05 53.92 -10.73
C4A HEM J . 33.24 53.33 -9.74
CMA HEM J . 34.56 53.20 -12.04
CAA HEM J . 35.07 56.35 -11.02
CBA HEM J . 36.53 56.46 -10.67
CGA HEM J . 37.25 57.58 -11.40
O1A HEM J . 37.92 57.33 -12.40
O2A HEM J . 37.18 58.74 -11.00
C1B HEM J . 31.81 51.41 -8.94
C2B HEM J . 31.50 50.03 -9.00
C3B HEM J . 30.89 49.73 -7.75
C4B HEM J . 30.89 50.97 -7.05
CMB HEM J . 31.79 49.12 -10.18
CAB HEM J . 30.39 48.50 -7.26
CBB HEM J . 29.40 47.56 -7.84
C1C HEM J . 30.56 52.23 -4.88
C2C HEM J . 30.12 52.25 -3.58
C3C HEM J . 30.24 53.57 -3.14
C4C HEM J . 30.77 54.28 -4.25
CMC HEM J . 29.59 51.02 -2.76
CAC HEM J . 29.97 54.18 -1.94
CBC HEM J . 30.73 54.22 -0.73
C1D HEM J . 32.04 56.20 -5.21
C2D HEM J . 32.50 57.52 -5.10
C3D HEM J . 33.08 57.85 -6.30
C4D HEM J . 32.93 56.68 -7.08
CMD HEM J . 32.39 58.44 -3.88
CAD HEM J . 33.76 59.20 -6.71
CBD HEM J . 35.29 59.22 -6.39
CGD HEM J . 36.12 60.48 -6.73
O1D HEM J . 36.85 61.00 -5.92
O2D HEM J . 36.02 60.97 -7.87
NA HEM J . 32.97 54.17 -8.78
NB HEM J . 31.43 51.93 -7.77
NC HEM J . 30.95 53.43 -5.28
ND HEM J . 32.30 55.74 -6.39
FE HEM J . 31.91 53.79 -7.05
CAV 0XV K . 30.97 56.10 -11.55
CAI 0XV K . 29.54 55.61 -11.73
OAH 0XV K . 29.22 54.68 -12.68
CAB 0XV K . 27.89 54.43 -12.63
CAC 0XV K . 27.06 53.55 -13.37
CAD 0XV K . 25.67 53.48 -13.10
CAE 0XV K . 25.11 54.29 -12.08
CAF 0XV K . 25.93 55.17 -11.33
CAA 0XV K . 27.33 55.23 -11.60
CAG 0XV K . 28.37 55.97 -11.05
CAJ 0XV K . 28.25 56.99 -9.89
OAK 0XV K . 28.77 56.72 -8.81
CAL 0XV K . 27.50 58.35 -10.03
CAM 0XV K . 27.42 59.23 -8.92
CAN 0XV K . 26.75 60.47 -9.03
CAO 0XV K . 26.68 61.40 -7.82
CAP 0XV K . 26.13 60.85 -10.26
OAW 0XV K . 25.48 62.05 -10.36
CAQ 0XV K . 26.21 59.97 -11.38
CAT 0XV K . 25.55 60.36 -12.70
CAU 0XV K . 26.88 58.73 -11.26
CHA HEM L . -16.60 -34.54 26.53
CHB HEM L . -16.41 -30.28 28.53
CHC HEM L . -18.39 -32.01 32.45
CHD HEM L . -18.82 -36.22 30.33
C1A HEM L . -16.45 -33.15 26.62
C2A HEM L . -15.95 -32.30 25.62
C3A HEM L . -15.95 -31.04 26.20
C4A HEM L . -16.44 -31.20 27.50
CMA HEM L . -15.50 -29.67 25.56
CAA HEM L . -15.52 -32.74 24.20
CBA HEM L . -16.58 -32.72 23.13
CGA HEM L . -16.08 -33.15 21.75
O1A HEM L . -16.11 -32.36 20.83
O2A HEM L . -15.66 -34.28 21.56
C1B HEM L . -16.77 -30.32 29.88
C2B HEM L . -16.90 -29.21 30.74
C3B HEM L . -17.53 -29.73 31.91
C4B HEM L . -17.72 -31.12 31.63
CMB HEM L . -16.45 -27.79 30.44
CAB HEM L . -17.91 -29.08 33.11
CBB HEM L . -17.12 -28.22 34.03
C1C HEM L . -18.72 -33.35 32.27
C2C HEM L . -19.35 -34.14 33.20
C3C HEM L . -19.40 -35.44 32.65
C4C HEM L . -18.77 -35.32 31.39
CMC HEM L . -19.90 -33.67 34.59
CAC HEM L . -19.91 -36.61 33.14
CBC HEM L . -21.25 -37.06 33.19
C1D HEM L . -18.34 -36.13 29.07
C2D HEM L . -18.28 -37.19 28.16
C3D HEM L . -17.62 -36.75 27.05
C4D HEM L . -17.31 -35.40 27.35
CMD HEM L . -18.84 -38.61 28.35
CAD HEM L . -17.29 -37.53 25.73
CBD HEM L . -18.43 -37.42 24.65
CGD HEM L . -18.25 -38.15 23.29
O1D HEM L . -19.18 -38.30 22.54
O2D HEM L . -17.13 -38.58 22.98
NA HEM L . -16.74 -32.45 27.76
NB HEM L . -17.27 -31.42 30.43
NC HEM L . -18.38 -34.03 31.20
ND HEM L . -17.77 -35.08 28.56
FE HEM L . -17.44 -33.23 29.54
CAV 0XV M . -12.76 -33.03 27.46
CAI 0XV M . -12.01 -32.96 28.79
OAH 0XV M . -11.41 -31.82 29.22
CAB 0XV M . -10.81 -32.05 30.42
CAC 0XV M . -10.07 -31.19 31.28
CAD 0XV M . -9.56 -31.70 32.51
CAE 0XV M . -9.80 -33.05 32.88
CAF 0XV M . -10.54 -33.90 32.01
CAA 0XV M . -11.05 -33.40 30.79
CAG 0XV M . -11.80 -33.96 29.75
CAJ 0XV M . -12.31 -35.43 29.70
OAK 0XV M . -13.52 -35.63 29.76
CAL 0XV M . -11.35 -36.66 29.60
CAM 0XV M . -11.90 -37.97 29.57
CAN 0XV M . -11.05 -39.10 29.46
CAO 0XV M . -11.67 -40.50 29.43
CAP 0XV M . -9.64 -38.94 29.39
OAW 0XV M . -8.82 -40.04 29.29
CAQ 0XV M . -9.08 -37.63 29.42
CAT 0XV M . -7.57 -37.42 29.35
CAU 0XV M . -9.93 -36.50 29.52
CHA HEM N . -30.73 -16.28 -15.54
CHB HEM N . -31.41 -20.76 -16.92
CHC HEM N . -33.39 -21.74 -12.76
CHD HEM N . -32.60 -17.29 -11.36
C1A HEM N . -30.49 -17.46 -16.27
C2A HEM N . -29.88 -17.56 -17.53
C3A HEM N . -30.05 -18.90 -17.90
C4A HEM N . -30.74 -19.52 -16.86
CMA HEM N . -29.56 -19.59 -19.24
CAA HEM N . -29.20 -16.40 -18.29
CBA HEM N . -27.73 -16.20 -18.03
CGA HEM N . -27.12 -15.05 -18.82
O1A HEM N . -26.39 -15.28 -19.77
O2A HEM N . -27.35 -13.88 -18.51
C1B HEM N . -32.23 -21.44 -16.01
C2B HEM N . -32.70 -22.77 -16.14
C3B HEM N . -33.24 -23.08 -14.87
C4B HEM N . -33.04 -21.91 -14.09
CMB HEM N . -32.62 -23.62 -17.40
CAB HEM N . -33.85 -24.28 -14.41
CBB HEM N . -33.29 -25.65 -14.28
C1C HEM N . -33.39 -20.62 -11.93
C2C HEM N . -33.89 -20.57 -10.65
C3C HEM N . -33.75 -19.24 -10.23
C4C HEM N . -33.17 -18.57 -11.33
CMC HEM N . -34.47 -21.77 -9.83
CAC HEM N . -34.07 -18.61 -9.05
CBC HEM N . -33.33 -18.52 -7.84
C1D HEM N . -32.06 -16.59 -12.38
C2D HEM N . -31.78 -15.23 -12.35
C3D HEM N . -31.18 -14.91 -13.54
C4D HEM N . -31.14 -16.13 -14.24
CMD HEM N . -32.07 -14.24 -11.20
CAD HEM N . -30.67 -13.50 -14.01
CBD HEM N . -29.17 -13.26 -13.61
CGD HEM N . -28.52 -11.91 -14.00
O1D HEM N . -28.24 -11.09 -13.15
O2D HEM N . -28.28 -11.67 -15.18
NA HEM N . -31.00 -18.67 -15.89
NB HEM N . -32.45 -20.97 -14.79
NC HEM N . -32.98 -19.44 -12.34
ND HEM N . -31.68 -17.11 -13.50
FE HEM N . -32.05 -19.06 -14.15
CAV 0XV O . -33.33 -16.87 -18.74
CAI 0XV O . -34.73 -17.43 -18.95
OAH 0XV O . -35.00 -18.35 -19.92
CAB 0XV O . -36.33 -18.67 -19.87
CAC 0XV O . -37.11 -19.57 -20.65
CAD 0XV O . -38.50 -19.71 -20.40
CAE 0XV O . -39.11 -18.95 -19.36
CAF 0XV O . -38.33 -18.05 -18.58
CAA 0XV O . -36.94 -17.92 -18.85
CAG 0XV O . -35.93 -17.14 -18.27
CAJ 0XV O . -36.10 -16.14 -17.10
OAK 0XV O . -35.56 -16.39 -16.02
CAL 0XV O . -36.93 -14.82 -17.22
CAM 0XV O . -37.04 -13.96 -16.09
CAN 0XV O . -37.78 -12.75 -16.17
CAO 0XV O . -37.88 -11.85 -14.93
CAP 0XV O . -38.43 -12.39 -17.39
OAW 0XV O . -39.15 -11.22 -17.45
CAQ 0XV O . -38.32 -13.24 -18.52
CAT 0XV O . -39.00 -12.87 -19.84
CAU 0XV O . -37.57 -14.44 -18.43
#